data_2P3H
# 
_entry.id   2P3H 
# 
_audit_conform.dict_name       mmcif_pdbx.dic 
_audit_conform.dict_version    5.387 
_audit_conform.dict_location   http://mmcif.pdb.org/dictionaries/ascii/mmcif_pdbx.dic 
# 
loop_
_database_2.database_id 
_database_2.database_code 
_database_2.pdbx_database_accession 
_database_2.pdbx_DOI 
PDB   2P3H         pdb_00002p3h 10.2210/pdb2p3h/pdb 
RCSB  RCSB041918   ?            ?                   
WWPDB D_1000041918 ?            ?                   
# 
loop_
_pdbx_audit_revision_history.ordinal 
_pdbx_audit_revision_history.data_content_type 
_pdbx_audit_revision_history.major_revision 
_pdbx_audit_revision_history.minor_revision 
_pdbx_audit_revision_history.revision_date 
1 'Structure model' 1 0 2007-04-10 
2 'Structure model' 1 1 2008-05-01 
3 'Structure model' 1 2 2011-07-13 
4 'Structure model' 1 3 2017-10-18 
5 'Structure model' 1 4 2024-02-21 
# 
_pdbx_audit_revision_details.ordinal             1 
_pdbx_audit_revision_details.revision_ordinal    1 
_pdbx_audit_revision_details.data_content_type   'Structure model' 
_pdbx_audit_revision_details.provider            repository 
_pdbx_audit_revision_details.type                'Initial release' 
_pdbx_audit_revision_details.description         ? 
_pdbx_audit_revision_details.details             ? 
# 
loop_
_pdbx_audit_revision_group.ordinal 
_pdbx_audit_revision_group.revision_ordinal 
_pdbx_audit_revision_group.data_content_type 
_pdbx_audit_revision_group.group 
1 2 'Structure model' 'Version format compliance' 
2 3 'Structure model' Advisory                    
3 3 'Structure model' 'Version format compliance' 
4 4 'Structure model' 'Refinement description'    
5 5 'Structure model' 'Data collection'           
6 5 'Structure model' 'Database references'       
7 5 'Structure model' 'Derived calculations'      
# 
loop_
_pdbx_audit_revision_category.ordinal 
_pdbx_audit_revision_category.revision_ordinal 
_pdbx_audit_revision_category.data_content_type 
_pdbx_audit_revision_category.category 
1 4 'Structure model' software           
2 5 'Structure model' chem_comp_atom     
3 5 'Structure model' chem_comp_bond     
4 5 'Structure model' database_2         
5 5 'Structure model' struct_ref_seq_dif 
6 5 'Structure model' struct_site        
# 
loop_
_pdbx_audit_revision_item.ordinal 
_pdbx_audit_revision_item.revision_ordinal 
_pdbx_audit_revision_item.data_content_type 
_pdbx_audit_revision_item.item 
1 5 'Structure model' '_database_2.pdbx_DOI'                
2 5 'Structure model' '_database_2.pdbx_database_accession' 
3 5 'Structure model' '_struct_ref_seq_dif.details'         
4 5 'Structure model' '_struct_site.pdbx_auth_asym_id'      
5 5 'Structure model' '_struct_site.pdbx_auth_comp_id'      
6 5 'Structure model' '_struct_site.pdbx_auth_seq_id'       
# 
_pdbx_database_status.entry_id                        2P3H 
_pdbx_database_status.deposit_site                    RCSB 
_pdbx_database_status.process_site                    RCSB 
_pdbx_database_status.recvd_initial_deposition_date   2007-03-08 
_pdbx_database_status.status_code                     REL 
_pdbx_database_status.status_code_sf                  REL 
_pdbx_database_status.status_code_mr                  ? 
_pdbx_database_status.SG_entry                        Y 
_pdbx_database_status.pdb_format_compatible           Y 
_pdbx_database_status.status_code_cs                  ? 
_pdbx_database_status.methods_development_category    ? 
_pdbx_database_status.status_code_nmr_data            ? 
# 
_pdbx_database_related.db_name        TargetDB 
_pdbx_database_related.db_id          APC86096.2 
_pdbx_database_related.details        . 
_pdbx_database_related.content_type   unspecified 
# 
loop_
_audit_author.name 
_audit_author.pdbx_ordinal 
'Cuff, M.E.'                                    1 
'Volkart, L.'                                   2 
'Gu, M.'                                        3 
'Joachimiak, A.'                                4 
'Midwest Center for Structural Genomics (MCSG)' 5 
# 
_citation.id                        primary 
_citation.title                     'Structure of the CorC_HlyC domain of a putative Corynebacterium glutamicum hemolysin.' 
_citation.journal_abbrev            'TO BE PUBLISHED' 
_citation.journal_volume            ? 
_citation.page_first                ? 
_citation.page_last                 ? 
_citation.year                      ? 
_citation.journal_id_ASTM           ? 
_citation.country                   ? 
_citation.journal_id_ISSN           ? 
_citation.journal_id_CSD            0353 
_citation.book_publisher            ? 
_citation.pdbx_database_id_PubMed   ? 
_citation.pdbx_database_id_DOI      ? 
# 
loop_
_citation_author.citation_id 
_citation_author.name 
_citation_author.ordinal 
_citation_author.identifier_ORCID 
primary 'Cuff, M.E.'     1 ? 
primary 'Volkart, L.'    2 ? 
primary 'Gu, M.'         3 ? 
primary 'Joachimiak, A.' 4 ? 
# 
loop_
_entity.id 
_entity.type 
_entity.src_method 
_entity.pdbx_description 
_entity.formula_weight 
_entity.pdbx_number_of_molecules 
_entity.pdbx_ec 
_entity.pdbx_mutation 
_entity.pdbx_fragment 
_entity.details 
1 polymer     man 'Uncharacterized CBS domain-containing protein' 11287.524 1   ? ? 'CorC_HlyC domain: residues 356-453' ? 
2 non-polymer syn 'BROMIDE ION'                                   79.904    9   ? ? ?                                    ? 
3 non-polymer syn 1,2-ETHANEDIOL                                  62.068    3   ? ? ?                                    ? 
4 water       nat water                                           18.015    172 ? ? ?                                    ? 
# 
_entity_name_com.entity_id   1 
_entity_name_com.name        'Membrane protein containing CBS domain, putative hemolysin' 
# 
_entity_poly.entity_id                      1 
_entity_poly.type                           'polypeptide(L)' 
_entity_poly.nstd_linkage                   no 
_entity_poly.nstd_monomer                   no 
_entity_poly.pdbx_seq_one_letter_code       
;SNAEDITETSPDKWLIDGDTPLDEVERAIGYELPEGDYETISGLLFDHANALLKTGDVIEIPLDFEPEDYLNNTSPTQRI
LRITVLEVERNVPVKLALALL
;
_entity_poly.pdbx_seq_one_letter_code_can   
;SNAEDITETSPDKWLIDGDTPLDEVERAIGYELPEGDYETISGLLFDHANALLKTGDVIEIPLDFEPEDYLNNTSPTQRI
LRITVLEVERNVPVKLALALL
;
_entity_poly.pdbx_strand_id                 A 
_entity_poly.pdbx_target_identifier         APC86096.2 
# 
loop_
_pdbx_entity_nonpoly.entity_id 
_pdbx_entity_nonpoly.name 
_pdbx_entity_nonpoly.comp_id 
2 'BROMIDE ION'  BR  
3 1,2-ETHANEDIOL EDO 
4 water          HOH 
# 
loop_
_entity_poly_seq.entity_id 
_entity_poly_seq.num 
_entity_poly_seq.mon_id 
_entity_poly_seq.hetero 
1 1   SER n 
1 2   ASN n 
1 3   ALA n 
1 4   GLU n 
1 5   ASP n 
1 6   ILE n 
1 7   THR n 
1 8   GLU n 
1 9   THR n 
1 10  SER n 
1 11  PRO n 
1 12  ASP n 
1 13  LYS n 
1 14  TRP n 
1 15  LEU n 
1 16  ILE n 
1 17  ASP n 
1 18  GLY n 
1 19  ASP n 
1 20  THR n 
1 21  PRO n 
1 22  LEU n 
1 23  ASP n 
1 24  GLU n 
1 25  VAL n 
1 26  GLU n 
1 27  ARG n 
1 28  ALA n 
1 29  ILE n 
1 30  GLY n 
1 31  TYR n 
1 32  GLU n 
1 33  LEU n 
1 34  PRO n 
1 35  GLU n 
1 36  GLY n 
1 37  ASP n 
1 38  TYR n 
1 39  GLU n 
1 40  THR n 
1 41  ILE n 
1 42  SER n 
1 43  GLY n 
1 44  LEU n 
1 45  LEU n 
1 46  PHE n 
1 47  ASP n 
1 48  HIS n 
1 49  ALA n 
1 50  ASN n 
1 51  ALA n 
1 52  LEU n 
1 53  LEU n 
1 54  LYS n 
1 55  THR n 
1 56  GLY n 
1 57  ASP n 
1 58  VAL n 
1 59  ILE n 
1 60  GLU n 
1 61  ILE n 
1 62  PRO n 
1 63  LEU n 
1 64  ASP n 
1 65  PHE n 
1 66  GLU n 
1 67  PRO n 
1 68  GLU n 
1 69  ASP n 
1 70  TYR n 
1 71  LEU n 
1 72  ASN n 
1 73  ASN n 
1 74  THR n 
1 75  SER n 
1 76  PRO n 
1 77  THR n 
1 78  GLN n 
1 79  ARG n 
1 80  ILE n 
1 81  LEU n 
1 82  ARG n 
1 83  ILE n 
1 84  THR n 
1 85  VAL n 
1 86  LEU n 
1 87  GLU n 
1 88  VAL n 
1 89  GLU n 
1 90  ARG n 
1 91  ASN n 
1 92  VAL n 
1 93  PRO n 
1 94  VAL n 
1 95  LYS n 
1 96  LEU n 
1 97  ALA n 
1 98  LEU n 
1 99  ALA n 
1 100 LEU n 
1 101 LEU n 
# 
_entity_src_gen.entity_id                          1 
_entity_src_gen.pdbx_src_id                        1 
_entity_src_gen.pdbx_alt_source_flag               sample 
_entity_src_gen.pdbx_seq_type                      ? 
_entity_src_gen.pdbx_beg_seq_num                   ? 
_entity_src_gen.pdbx_end_seq_num                   ? 
_entity_src_gen.gene_src_common_name               ? 
_entity_src_gen.gene_src_genus                     Corynebacterium 
_entity_src_gen.pdbx_gene_src_gene                 'TlyC, Cgl1194, cg1349' 
_entity_src_gen.gene_src_species                   ? 
_entity_src_gen.gene_src_strain                    'DSM 20300, JCM 1318, LMG 3730, NCIMB 10025' 
_entity_src_gen.gene_src_tissue                    ? 
_entity_src_gen.gene_src_tissue_fraction           ? 
_entity_src_gen.gene_src_details                   ? 
_entity_src_gen.pdbx_gene_src_fragment             ? 
_entity_src_gen.pdbx_gene_src_scientific_name      'Corynebacterium glutamicum' 
_entity_src_gen.pdbx_gene_src_ncbi_taxonomy_id     1718 
_entity_src_gen.pdbx_gene_src_variant              ? 
_entity_src_gen.pdbx_gene_src_cell_line            ? 
_entity_src_gen.pdbx_gene_src_atcc                 13032 
_entity_src_gen.pdbx_gene_src_organ                ? 
_entity_src_gen.pdbx_gene_src_organelle            ? 
_entity_src_gen.pdbx_gene_src_cell                 ? 
_entity_src_gen.pdbx_gene_src_cellular_location    ? 
_entity_src_gen.host_org_common_name               ? 
_entity_src_gen.pdbx_host_org_scientific_name      'Escherichia coli BL21(DE3)' 
_entity_src_gen.pdbx_host_org_ncbi_taxonomy_id     469008 
_entity_src_gen.host_org_genus                     Escherichia 
_entity_src_gen.pdbx_host_org_gene                 ? 
_entity_src_gen.pdbx_host_org_organ                ? 
_entity_src_gen.host_org_species                   'Escherichia coli' 
_entity_src_gen.pdbx_host_org_tissue               ? 
_entity_src_gen.pdbx_host_org_tissue_fraction      ? 
_entity_src_gen.pdbx_host_org_strain               'BL21(DE3)' 
_entity_src_gen.pdbx_host_org_variant              ? 
_entity_src_gen.pdbx_host_org_cell_line            ? 
_entity_src_gen.pdbx_host_org_atcc                 ? 
_entity_src_gen.pdbx_host_org_culture_collection   ? 
_entity_src_gen.pdbx_host_org_cell                 ? 
_entity_src_gen.pdbx_host_org_organelle            ? 
_entity_src_gen.pdbx_host_org_cellular_location    ? 
_entity_src_gen.pdbx_host_org_vector_type          plasmid 
_entity_src_gen.pdbx_host_org_vector               ? 
_entity_src_gen.host_org_details                   ? 
_entity_src_gen.expression_system_id               ? 
_entity_src_gen.plasmid_name                       pMCSG7 
_entity_src_gen.plasmid_details                    ? 
_entity_src_gen.pdbx_description                   ? 
# 
loop_
_chem_comp.id 
_chem_comp.type 
_chem_comp.mon_nstd_flag 
_chem_comp.name 
_chem_comp.pdbx_synonyms 
_chem_comp.formula 
_chem_comp.formula_weight 
ALA 'L-peptide linking' y ALANINE         ?                 'C3 H7 N O2'     89.093  
ARG 'L-peptide linking' y ARGININE        ?                 'C6 H15 N4 O2 1' 175.209 
ASN 'L-peptide linking' y ASPARAGINE      ?                 'C4 H8 N2 O3'    132.118 
ASP 'L-peptide linking' y 'ASPARTIC ACID' ?                 'C4 H7 N O4'     133.103 
BR  non-polymer         . 'BROMIDE ION'   ?                 'Br -1'          79.904  
EDO non-polymer         . 1,2-ETHANEDIOL  'ETHYLENE GLYCOL' 'C2 H6 O2'       62.068  
GLN 'L-peptide linking' y GLUTAMINE       ?                 'C5 H10 N2 O3'   146.144 
GLU 'L-peptide linking' y 'GLUTAMIC ACID' ?                 'C5 H9 N O4'     147.129 
GLY 'peptide linking'   y GLYCINE         ?                 'C2 H5 N O2'     75.067  
HIS 'L-peptide linking' y HISTIDINE       ?                 'C6 H10 N3 O2 1' 156.162 
HOH non-polymer         . WATER           ?                 'H2 O'           18.015  
ILE 'L-peptide linking' y ISOLEUCINE      ?                 'C6 H13 N O2'    131.173 
LEU 'L-peptide linking' y LEUCINE         ?                 'C6 H13 N O2'    131.173 
LYS 'L-peptide linking' y LYSINE          ?                 'C6 H15 N2 O2 1' 147.195 
PHE 'L-peptide linking' y PHENYLALANINE   ?                 'C9 H11 N O2'    165.189 
PRO 'L-peptide linking' y PROLINE         ?                 'C5 H9 N O2'     115.130 
SER 'L-peptide linking' y SERINE          ?                 'C3 H7 N O3'     105.093 
THR 'L-peptide linking' y THREONINE       ?                 'C4 H9 N O3'     119.119 
TRP 'L-peptide linking' y TRYPTOPHAN      ?                 'C11 H12 N2 O2'  204.225 
TYR 'L-peptide linking' y TYROSINE        ?                 'C9 H11 N O3'    181.189 
VAL 'L-peptide linking' y VALINE          ?                 'C5 H11 N O2'    117.146 
# 
loop_
_pdbx_poly_seq_scheme.asym_id 
_pdbx_poly_seq_scheme.entity_id 
_pdbx_poly_seq_scheme.seq_id 
_pdbx_poly_seq_scheme.mon_id 
_pdbx_poly_seq_scheme.ndb_seq_num 
_pdbx_poly_seq_scheme.pdb_seq_num 
_pdbx_poly_seq_scheme.auth_seq_num 
_pdbx_poly_seq_scheme.pdb_mon_id 
_pdbx_poly_seq_scheme.auth_mon_id 
_pdbx_poly_seq_scheme.pdb_strand_id 
_pdbx_poly_seq_scheme.pdb_ins_code 
_pdbx_poly_seq_scheme.hetero 
A 1 1   SER 1   2   ?   ?   ?   A . n 
A 1 2   ASN 2   3   ?   ?   ?   A . n 
A 1 3   ALA 3   4   ?   ?   ?   A . n 
A 1 4   GLU 4   5   5   GLU GLU A . n 
A 1 5   ASP 5   6   6   ASP ASP A . n 
A 1 6   ILE 6   7   7   ILE ILE A . n 
A 1 7   THR 7   8   8   THR THR A . n 
A 1 8   GLU 8   9   9   GLU GLU A . n 
A 1 9   THR 9   10  10  THR THR A . n 
A 1 10  SER 10  11  11  SER SER A . n 
A 1 11  PRO 11  12  12  PRO PRO A . n 
A 1 12  ASP 12  13  13  ASP ASP A . n 
A 1 13  LYS 13  14  14  LYS LYS A . n 
A 1 14  TRP 14  15  15  TRP TRP A . n 
A 1 15  LEU 15  16  16  LEU LEU A . n 
A 1 16  ILE 16  17  17  ILE ILE A . n 
A 1 17  ASP 17  18  18  ASP ASP A . n 
A 1 18  GLY 18  19  19  GLY GLY A . n 
A 1 19  ASP 19  20  20  ASP ASP A . n 
A 1 20  THR 20  21  21  THR THR A . n 
A 1 21  PRO 21  22  22  PRO PRO A . n 
A 1 22  LEU 22  23  23  LEU LEU A . n 
A 1 23  ASP 23  24  24  ASP ASP A . n 
A 1 24  GLU 24  25  25  GLU GLU A . n 
A 1 25  VAL 25  26  26  VAL VAL A . n 
A 1 26  GLU 26  27  27  GLU GLU A . n 
A 1 27  ARG 27  28  28  ARG ARG A . n 
A 1 28  ALA 28  29  29  ALA ALA A . n 
A 1 29  ILE 29  30  30  ILE ILE A . n 
A 1 30  GLY 30  31  31  GLY GLY A . n 
A 1 31  TYR 31  32  32  TYR TYR A . n 
A 1 32  GLU 32  33  33  GLU GLU A . n 
A 1 33  LEU 33  34  34  LEU LEU A . n 
A 1 34  PRO 34  35  35  PRO PRO A . n 
A 1 35  GLU 35  36  36  GLU GLU A . n 
A 1 36  GLY 36  37  37  GLY GLY A . n 
A 1 37  ASP 37  38  38  ASP ASP A . n 
A 1 38  TYR 38  39  39  TYR TYR A . n 
A 1 39  GLU 39  40  40  GLU GLU A . n 
A 1 40  THR 40  41  41  THR THR A . n 
A 1 41  ILE 41  42  42  ILE ILE A . n 
A 1 42  SER 42  43  43  SER SER A . n 
A 1 43  GLY 43  44  44  GLY GLY A . n 
A 1 44  LEU 44  45  45  LEU LEU A . n 
A 1 45  LEU 45  46  46  LEU LEU A . n 
A 1 46  PHE 46  47  47  PHE PHE A . n 
A 1 47  ASP 47  48  48  ASP ASP A . n 
A 1 48  HIS 48  49  49  HIS HIS A . n 
A 1 49  ALA 49  50  50  ALA ALA A . n 
A 1 50  ASN 50  51  51  ASN ASN A . n 
A 1 51  ALA 51  52  52  ALA ALA A . n 
A 1 52  LEU 52  53  53  LEU LEU A . n 
A 1 53  LEU 53  54  54  LEU LEU A . n 
A 1 54  LYS 54  55  55  LYS LYS A . n 
A 1 55  THR 55  56  56  THR THR A . n 
A 1 56  GLY 56  57  57  GLY GLY A . n 
A 1 57  ASP 57  58  58  ASP ASP A . n 
A 1 58  VAL 58  59  59  VAL VAL A . n 
A 1 59  ILE 59  60  60  ILE ILE A . n 
A 1 60  GLU 60  61  61  GLU GLU A . n 
A 1 61  ILE 61  62  62  ILE ILE A . n 
A 1 62  PRO 62  63  63  PRO PRO A . n 
A 1 63  LEU 63  64  64  LEU LEU A . n 
A 1 64  ASP 64  65  65  ASP ASP A . n 
A 1 65  PHE 65  66  66  PHE PHE A . n 
A 1 66  GLU 66  67  67  GLU GLU A . n 
A 1 67  PRO 67  68  68  PRO PRO A . n 
A 1 68  GLU 68  69  69  GLU GLU A . n 
A 1 69  ASP 69  70  70  ASP ASP A . n 
A 1 70  TYR 70  71  71  TYR TYR A . n 
A 1 71  LEU 71  72  72  LEU LEU A . n 
A 1 72  ASN 72  73  73  ASN ASN A . n 
A 1 73  ASN 73  74  74  ASN ASN A . n 
A 1 74  THR 74  75  75  THR THR A . n 
A 1 75  SER 75  76  76  SER SER A . n 
A 1 76  PRO 76  77  77  PRO PRO A . n 
A 1 77  THR 77  78  78  THR THR A . n 
A 1 78  GLN 78  79  79  GLN GLN A . n 
A 1 79  ARG 79  80  80  ARG ARG A . n 
A 1 80  ILE 80  81  81  ILE ILE A . n 
A 1 81  LEU 81  82  82  LEU LEU A . n 
A 1 82  ARG 82  83  83  ARG ARG A . n 
A 1 83  ILE 83  84  84  ILE ILE A . n 
A 1 84  THR 84  85  85  THR THR A . n 
A 1 85  VAL 85  86  86  VAL VAL A . n 
A 1 86  LEU 86  87  87  LEU LEU A . n 
A 1 87  GLU 87  88  88  GLU GLU A . n 
A 1 88  VAL 88  89  89  VAL VAL A . n 
A 1 89  GLU 89  90  90  GLU GLU A . n 
A 1 90  ARG 90  91  91  ARG ARG A . n 
A 1 91  ASN 91  92  92  ASN ASN A . n 
A 1 92  VAL 92  93  93  VAL VAL A . n 
A 1 93  PRO 93  94  94  PRO PRO A . n 
A 1 94  VAL 94  95  95  VAL VAL A . n 
A 1 95  LYS 95  96  96  LYS LYS A . n 
A 1 96  LEU 96  97  97  LEU LEU A . n 
A 1 97  ALA 97  98  98  ALA ALA A . n 
A 1 98  LEU 98  99  99  LEU LEU A . n 
A 1 99  ALA 99  100 100 ALA ALA A . n 
A 1 100 LEU 100 101 101 LEU LEU A . n 
A 1 101 LEU 101 102 102 LEU LEU A . n 
# 
loop_
_pdbx_nonpoly_scheme.asym_id 
_pdbx_nonpoly_scheme.entity_id 
_pdbx_nonpoly_scheme.mon_id 
_pdbx_nonpoly_scheme.ndb_seq_num 
_pdbx_nonpoly_scheme.pdb_seq_num 
_pdbx_nonpoly_scheme.auth_seq_num 
_pdbx_nonpoly_scheme.pdb_mon_id 
_pdbx_nonpoly_scheme.auth_mon_id 
_pdbx_nonpoly_scheme.pdb_strand_id 
_pdbx_nonpoly_scheme.pdb_ins_code 
B 2 BR  1   201 201 BR  BR  A . 
C 2 BR  1   202 202 BR  BR  A . 
D 2 BR  1   203 203 BR  BR  A . 
E 2 BR  1   204 204 BR  BR  A . 
F 2 BR  1   205 205 BR  BR  A . 
G 2 BR  1   206 206 BR  BR  A . 
H 2 BR  1   207 207 BR  BR  A . 
I 2 BR  1   208 208 BR  BR  A . 
J 2 BR  1   209 209 BR  BR  A . 
K 3 EDO 1   301 301 EDO EDO A . 
L 3 EDO 1   302 302 EDO EDO A . 
M 3 EDO 1   303 303 EDO EDO A . 
N 4 HOH 1   304 1   HOH HOH A . 
N 4 HOH 2   305 2   HOH HOH A . 
N 4 HOH 3   306 3   HOH HOH A . 
N 4 HOH 4   307 4   HOH HOH A . 
N 4 HOH 5   308 5   HOH HOH A . 
N 4 HOH 6   309 6   HOH HOH A . 
N 4 HOH 7   310 7   HOH HOH A . 
N 4 HOH 8   311 8   HOH HOH A . 
N 4 HOH 9   312 9   HOH HOH A . 
N 4 HOH 10  313 10  HOH HOH A . 
N 4 HOH 11  314 11  HOH HOH A . 
N 4 HOH 12  315 12  HOH HOH A . 
N 4 HOH 13  316 13  HOH HOH A . 
N 4 HOH 14  317 14  HOH HOH A . 
N 4 HOH 15  318 15  HOH HOH A . 
N 4 HOH 16  319 16  HOH HOH A . 
N 4 HOH 17  320 17  HOH HOH A . 
N 4 HOH 18  321 18  HOH HOH A . 
N 4 HOH 19  322 19  HOH HOH A . 
N 4 HOH 20  323 20  HOH HOH A . 
N 4 HOH 21  324 21  HOH HOH A . 
N 4 HOH 22  325 22  HOH HOH A . 
N 4 HOH 23  326 23  HOH HOH A . 
N 4 HOH 24  327 24  HOH HOH A . 
N 4 HOH 25  328 25  HOH HOH A . 
N 4 HOH 26  329 26  HOH HOH A . 
N 4 HOH 27  330 27  HOH HOH A . 
N 4 HOH 28  331 28  HOH HOH A . 
N 4 HOH 29  332 29  HOH HOH A . 
N 4 HOH 30  333 30  HOH HOH A . 
N 4 HOH 31  334 31  HOH HOH A . 
N 4 HOH 32  335 32  HOH HOH A . 
N 4 HOH 33  336 33  HOH HOH A . 
N 4 HOH 34  337 34  HOH HOH A . 
N 4 HOH 35  338 35  HOH HOH A . 
N 4 HOH 36  339 36  HOH HOH A . 
N 4 HOH 37  340 37  HOH HOH A . 
N 4 HOH 38  341 38  HOH HOH A . 
N 4 HOH 39  342 39  HOH HOH A . 
N 4 HOH 40  343 40  HOH HOH A . 
N 4 HOH 41  344 41  HOH HOH A . 
N 4 HOH 42  345 42  HOH HOH A . 
N 4 HOH 43  346 43  HOH HOH A . 
N 4 HOH 44  347 44  HOH HOH A . 
N 4 HOH 45  348 45  HOH HOH A . 
N 4 HOH 46  349 46  HOH HOH A . 
N 4 HOH 47  350 47  HOH HOH A . 
N 4 HOH 48  351 48  HOH HOH A . 
N 4 HOH 49  352 49  HOH HOH A . 
N 4 HOH 50  353 50  HOH HOH A . 
N 4 HOH 51  354 51  HOH HOH A . 
N 4 HOH 52  355 52  HOH HOH A . 
N 4 HOH 53  356 53  HOH HOH A . 
N 4 HOH 54  357 54  HOH HOH A . 
N 4 HOH 55  358 55  HOH HOH A . 
N 4 HOH 56  359 56  HOH HOH A . 
N 4 HOH 57  360 57  HOH HOH A . 
N 4 HOH 58  361 58  HOH HOH A . 
N 4 HOH 59  362 59  HOH HOH A . 
N 4 HOH 60  363 60  HOH HOH A . 
N 4 HOH 61  364 61  HOH HOH A . 
N 4 HOH 62  365 62  HOH HOH A . 
N 4 HOH 63  366 63  HOH HOH A . 
N 4 HOH 64  367 64  HOH HOH A . 
N 4 HOH 65  368 65  HOH HOH A . 
N 4 HOH 66  369 66  HOH HOH A . 
N 4 HOH 67  370 67  HOH HOH A . 
N 4 HOH 68  371 68  HOH HOH A . 
N 4 HOH 69  372 69  HOH HOH A . 
N 4 HOH 70  373 70  HOH HOH A . 
N 4 HOH 71  374 71  HOH HOH A . 
N 4 HOH 72  375 72  HOH HOH A . 
N 4 HOH 73  376 73  HOH HOH A . 
N 4 HOH 74  377 74  HOH HOH A . 
N 4 HOH 75  378 75  HOH HOH A . 
N 4 HOH 76  379 76  HOH HOH A . 
N 4 HOH 77  380 77  HOH HOH A . 
N 4 HOH 78  381 78  HOH HOH A . 
N 4 HOH 79  382 79  HOH HOH A . 
N 4 HOH 80  383 80  HOH HOH A . 
N 4 HOH 81  384 81  HOH HOH A . 
N 4 HOH 82  385 82  HOH HOH A . 
N 4 HOH 83  386 83  HOH HOH A . 
N 4 HOH 84  387 84  HOH HOH A . 
N 4 HOH 85  388 85  HOH HOH A . 
N 4 HOH 86  389 86  HOH HOH A . 
N 4 HOH 87  390 87  HOH HOH A . 
N 4 HOH 88  391 88  HOH HOH A . 
N 4 HOH 89  392 89  HOH HOH A . 
N 4 HOH 90  393 90  HOH HOH A . 
N 4 HOH 91  394 91  HOH HOH A . 
N 4 HOH 92  395 92  HOH HOH A . 
N 4 HOH 93  396 93  HOH HOH A . 
N 4 HOH 94  397 94  HOH HOH A . 
N 4 HOH 95  398 95  HOH HOH A . 
N 4 HOH 96  399 96  HOH HOH A . 
N 4 HOH 97  400 97  HOH HOH A . 
N 4 HOH 98  401 98  HOH HOH A . 
N 4 HOH 99  402 99  HOH HOH A . 
N 4 HOH 100 403 100 HOH HOH A . 
N 4 HOH 101 404 101 HOH HOH A . 
N 4 HOH 102 405 102 HOH HOH A . 
N 4 HOH 103 406 103 HOH HOH A . 
N 4 HOH 104 407 104 HOH HOH A . 
N 4 HOH 105 408 105 HOH HOH A . 
N 4 HOH 106 409 106 HOH HOH A . 
N 4 HOH 107 410 107 HOH HOH A . 
N 4 HOH 108 411 108 HOH HOH A . 
N 4 HOH 109 412 109 HOH HOH A . 
N 4 HOH 110 413 110 HOH HOH A . 
N 4 HOH 111 414 111 HOH HOH A . 
N 4 HOH 112 415 112 HOH HOH A . 
N 4 HOH 113 416 113 HOH HOH A . 
N 4 HOH 114 417 114 HOH HOH A . 
N 4 HOH 115 418 115 HOH HOH A . 
N 4 HOH 116 419 116 HOH HOH A . 
N 4 HOH 117 420 117 HOH HOH A . 
N 4 HOH 118 421 118 HOH HOH A . 
N 4 HOH 119 422 119 HOH HOH A . 
N 4 HOH 120 423 120 HOH HOH A . 
N 4 HOH 121 424 122 HOH HOH A . 
N 4 HOH 122 425 123 HOH HOH A . 
N 4 HOH 123 426 124 HOH HOH A . 
N 4 HOH 124 427 125 HOH HOH A . 
N 4 HOH 125 428 126 HOH HOH A . 
N 4 HOH 126 429 127 HOH HOH A . 
N 4 HOH 127 430 128 HOH HOH A . 
N 4 HOH 128 431 129 HOH HOH A . 
N 4 HOH 129 432 130 HOH HOH A . 
N 4 HOH 130 433 131 HOH HOH A . 
N 4 HOH 131 434 132 HOH HOH A . 
N 4 HOH 132 435 133 HOH HOH A . 
N 4 HOH 133 436 134 HOH HOH A . 
N 4 HOH 134 437 135 HOH HOH A . 
N 4 HOH 135 438 136 HOH HOH A . 
N 4 HOH 136 439 137 HOH HOH A . 
N 4 HOH 137 440 138 HOH HOH A . 
N 4 HOH 138 441 139 HOH HOH A . 
N 4 HOH 139 442 140 HOH HOH A . 
N 4 HOH 140 443 141 HOH HOH A . 
N 4 HOH 141 444 142 HOH HOH A . 
N 4 HOH 142 445 143 HOH HOH A . 
N 4 HOH 143 446 144 HOH HOH A . 
N 4 HOH 144 447 145 HOH HOH A . 
N 4 HOH 145 448 146 HOH HOH A . 
N 4 HOH 146 449 147 HOH HOH A . 
N 4 HOH 147 450 148 HOH HOH A . 
N 4 HOH 148 451 149 HOH HOH A . 
N 4 HOH 149 452 150 HOH HOH A . 
N 4 HOH 150 453 151 HOH HOH A . 
N 4 HOH 151 454 152 HOH HOH A . 
N 4 HOH 152 455 153 HOH HOH A . 
N 4 HOH 153 456 154 HOH HOH A . 
N 4 HOH 154 457 155 HOH HOH A . 
N 4 HOH 155 458 156 HOH HOH A . 
N 4 HOH 156 459 157 HOH HOH A . 
N 4 HOH 157 460 158 HOH HOH A . 
N 4 HOH 158 461 159 HOH HOH A . 
N 4 HOH 159 462 160 HOH HOH A . 
N 4 HOH 160 463 161 HOH HOH A . 
N 4 HOH 161 464 162 HOH HOH A . 
N 4 HOH 162 465 163 HOH HOH A . 
N 4 HOH 163 466 164 HOH HOH A . 
N 4 HOH 164 467 165 HOH HOH A . 
N 4 HOH 165 468 166 HOH HOH A . 
N 4 HOH 166 469 167 HOH HOH A . 
N 4 HOH 167 470 168 HOH HOH A . 
N 4 HOH 168 471 171 HOH HOH A . 
N 4 HOH 169 472 172 HOH HOH A . 
N 4 HOH 170 473 173 HOH HOH A . 
N 4 HOH 171 474 174 HOH HOH A . 
N 4 HOH 172 475 176 HOH HOH A . 
# 
loop_
_software.name 
_software.version 
_software.date 
_software.type 
_software.contact_author 
_software.contact_author_email 
_software.classification 
_software.location 
_software.language 
_software.citation_id 
_software.pdbx_ordinal 
DENZO       .        ?                package 'Zbyszek Otwinowski'       zbyszek@mix.swmed.edu                   'data reduction'  
http://www.lnls.br/infra/linhasluz/denzo-hkl.htm ?          ? 1  
SCALEPACK   .        ?                package 'Zbyszek Otwinowski'       zbyszek@mix.swmed.edu                   'data scaling'    
http://www.lnls.br/infra/linhasluz/denzo-hkl.htm ?          ? 2  
MLPHARE     .        ?                other   'Z.Otwinowski or E.Dodson' 'ccp4@dl.ac.uk, ccp4@yorvic.york.ac.uk' phasing           
http://www.ccp4.ac.uk/main.html                  Fortran_77 ? 3  
DM          5.0      ?                program 'K. Cowtan'                ccp4@dl.ac.uk                           phasing           
http://www.ccp4.ac.uk/main.html                  Fortran_77 ? 4  
REFMAC      5.2.0019 ?                program 'Murshudov, G.N.'          ccp4@dl.ac.uk                           refinement        
http://www.ccp4.ac.uk/main.html                  Fortran_77 ? 5  
PDB_EXTRACT 2.000    'April. 3, 2006' package PDB                        sw-help@rcsb.rutgers.edu                'data extraction' 
http://pdb.rutgers.edu/software/                 C++        ? 6  
SBC-Collect .        ?                ?       ?                          ?                                       'data collection' 
?                                                ?          ? 7  
HKL-3000    .        ?                ?       ?                          ?                                       'data reduction'  
?                                                ?          ? 8  
HKL-3000    .        ?                ?       ?                          ?                                       'data scaling'    
?                                                ?          ? 9  
HKL-3000    .        ?                ?       ?                          ?                                       phasing           
?                                                ?          ? 10 
SHELXD      .        ?                ?       ?                          ?                                       phasing           
?                                                ?          ? 11 
SHELXE      .        ?                ?       ?                          ?                                       'model building'  
?                                                ?          ? 12 
SOLVE       .        ?                ?       ?                          ?                                       phasing           
?                                                ?          ? 13 
RESOLVE     .        ?                ?       ?                          ?                                       phasing           
?                                                ?          ? 14 
ARP/wARP    .        ?                ?       ?                          ?                                       'model building'  
?                                                ?          ? 15 
CCP4        .        ?                ?       ?                          ?                                       phasing           
?                                                ?          ? 16 
O           .        ?                ?       ?                          ?                                       'model building'  
?                                                ?          ? 17 
Coot        .        ?                ?       ?                          ?                                       'model building'  
?                                                ?          ? 18 
# 
_cell.length_a           51.200 
_cell.length_b           51.214 
_cell.length_c           101.799 
_cell.angle_alpha        90.000 
_cell.angle_beta         90.000 
_cell.angle_gamma        90.000 
_cell.entry_id           2P3H 
_cell.pdbx_unique_axis   ? 
_cell.Z_PDB              8 
_cell.length_a_esd       ? 
_cell.length_b_esd       ? 
_cell.length_c_esd       ? 
_cell.angle_alpha_esd    ? 
_cell.angle_beta_esd     ? 
_cell.angle_gamma_esd    ? 
# 
_symmetry.space_group_name_H-M             'C 2 2 21' 
_symmetry.entry_id                         2P3H 
_symmetry.Int_Tables_number                20 
_symmetry.pdbx_full_space_group_name_H-M   ? 
_symmetry.cell_setting                     ? 
_symmetry.space_group_name_Hall            ? 
# 
_exptl.crystals_number   1 
_exptl.entry_id          2P3H 
_exptl.method            'X-RAY DIFFRACTION' 
# 
_exptl_crystal.id                    1 
_exptl_crystal.density_Matthews      2.95 
_exptl_crystal.density_meas          ? 
_exptl_crystal.density_percent_sol   58.36 
_exptl_crystal.description           ? 
_exptl_crystal.F_000                 ? 
_exptl_crystal.preparation           ? 
# 
_exptl_crystal_grow.crystal_id      1 
_exptl_crystal_grow.method          'VAPOR DIFFUSION, SITTING DROP' 
_exptl_crystal_grow.pH              10.5 
_exptl_crystal_grow.temp            291 
_exptl_crystal_grow.temp_details    ? 
_exptl_crystal_grow.pdbx_details    
'2M (NH4)2SO4, 0.1M Cacodylate pH 6.5, 0.2M NaCl, pH 10.5, VAPOR DIFFUSION, SITTING DROP, temperature 291K' 
_exptl_crystal_grow.pdbx_pH_range   . 
# 
_diffrn.id                     1 
_diffrn.ambient_temp           100 
_diffrn.ambient_temp_details   ? 
_diffrn.crystal_id             1 
# 
_diffrn_detector.diffrn_id              1 
_diffrn_detector.detector               CCD 
_diffrn_detector.type                   CUSTOM-MADE 
_diffrn_detector.pdbx_collection_date   2007-02-23 
_diffrn_detector.details                ? 
# 
_diffrn_radiation.diffrn_id                        1 
_diffrn_radiation.wavelength_id                    1 
_diffrn_radiation.pdbx_diffrn_protocol             'SINGLE WAVELENGTH' 
_diffrn_radiation.monochromator                    'SAGITALLY FOCUSED Si(111)' 
_diffrn_radiation.pdbx_monochromatic_or_laue_m_l   M 
_diffrn_radiation.pdbx_scattering_type             x-ray 
# 
_diffrn_radiation_wavelength.id           1 
_diffrn_radiation_wavelength.wavelength   0.91946 
_diffrn_radiation_wavelength.wt           1.0 
# 
_diffrn_source.diffrn_id                   1 
_diffrn_source.source                      SYNCHROTRON 
_diffrn_source.type                        'APS BEAMLINE 19-BM' 
_diffrn_source.pdbx_wavelength             ? 
_diffrn_source.pdbx_wavelength_list        0.91946 
_diffrn_source.pdbx_synchrotron_site       APS 
_diffrn_source.pdbx_synchrotron_beamline   19-BM 
# 
_reflns.entry_id                     2P3H 
_reflns.d_resolution_high            1.750 
_reflns.d_resolution_low             50.000 
_reflns.number_obs                   13454 
_reflns.pdbx_Rmerge_I_obs            0.064 
_reflns.pdbx_netI_over_sigmaI        13.300 
_reflns.pdbx_chi_squared             2.179 
_reflns.pdbx_redundancy              7.700 
_reflns.percent_possible_obs         97.400 
_reflns.observed_criterion_sigma_F   ? 
_reflns.observed_criterion_sigma_I   -3 
_reflns.number_all                   13454 
_reflns.pdbx_Rsym_value              ? 
_reflns.B_iso_Wilson_estimate        26.2 
_reflns.R_free_details               ? 
_reflns.limit_h_max                  ? 
_reflns.limit_h_min                  ? 
_reflns.limit_k_max                  ? 
_reflns.limit_k_min                  ? 
_reflns.limit_l_max                  ? 
_reflns.limit_l_min                  ? 
_reflns.observed_criterion_F_max     ? 
_reflns.observed_criterion_F_min     ? 
_reflns.pdbx_scaling_rejects         ? 
_reflns.pdbx_ordinal                 1 
_reflns.pdbx_diffrn_id               1 
# 
_reflns_shell.d_res_high             1.75 
_reflns_shell.d_res_low              1.79 
_reflns_shell.number_measured_obs    ? 
_reflns_shell.number_measured_all    ? 
_reflns_shell.number_unique_obs      ? 
_reflns_shell.Rmerge_I_obs           0.393 
_reflns_shell.meanI_over_sigI_obs    ? 
_reflns_shell.pdbx_Rsym_value        ? 
_reflns_shell.pdbx_chi_squared       1.016 
_reflns_shell.pdbx_redundancy        3.70 
_reflns_shell.percent_possible_obs   ? 
_reflns_shell.number_unique_all      749 
_reflns_shell.percent_possible_all   77.70 
_reflns_shell.pdbx_ordinal           1 
_reflns_shell.pdbx_diffrn_id         1 
# 
_refine.entry_id                                 2P3H 
_refine.ls_d_res_high                            1.800 
_refine.ls_d_res_low                             25.610 
_refine.pdbx_ls_sigma_F                          0.00 
_refine.ls_percent_reflns_obs                    98.930 
_refine.ls_number_reflns_obs                     12619 
_refine.pdbx_ls_cross_valid_method               THROUGHOUT 
_refine.pdbx_R_Free_selection_details            RANDOM 
_refine.details                                  'HYDROGENS HAVE BEEN ADDED IN THE RIDING POSITIONS' 
_refine.ls_R_factor_obs                          0.195 
_refine.ls_R_factor_R_work                       0.193 
_refine.ls_R_factor_R_free                       0.228 
_refine.ls_percent_reflns_R_free                 5.000 
_refine.ls_number_reflns_R_free                  625 
_refine.B_iso_mean                               37.321 
_refine.aniso_B[1][1]                            -0.010 
_refine.aniso_B[2][2]                            1.870 
_refine.aniso_B[3][3]                            -1.850 
_refine.aniso_B[1][2]                            0.000 
_refine.aniso_B[1][3]                            0.000 
_refine.aniso_B[2][3]                            0.000 
_refine.correlation_coeff_Fo_to_Fc               0.956 
_refine.correlation_coeff_Fo_to_Fc_free          0.945 
_refine.pdbx_overall_ESU_R                       0.128 
_refine.pdbx_overall_ESU_R_Free                  0.123 
_refine.overall_SU_ML                            0.084 
_refine.overall_SU_B                             4.865 
_refine.solvent_model_details                    MASK 
_refine.pdbx_solvent_vdw_probe_radii             1.200 
_refine.pdbx_solvent_ion_probe_radii             0.800 
_refine.pdbx_solvent_shrinkage_radii             0.800 
_refine.pdbx_method_to_determine_struct          SAD 
_refine.pdbx_stereochemistry_target_values       'MAXIMUM LIKELIHOOD WITH PHASES' 
_refine.pdbx_ls_sigma_I                          ? 
_refine.ls_number_reflns_all                     12619 
_refine.ls_R_factor_all                          0.195 
_refine.ls_redundancy_reflns_obs                 ? 
_refine.pdbx_data_cutoff_high_absF               ? 
_refine.pdbx_data_cutoff_low_absF                ? 
_refine.ls_number_parameters                     ? 
_refine.ls_number_restraints                     ? 
_refine.ls_R_factor_R_free_error                 ? 
_refine.ls_R_factor_R_free_error_details         ? 
_refine.pdbx_starting_model                      ? 
_refine.pdbx_stereochem_target_val_spec_case     ? 
_refine.solvent_model_param_bsol                 ? 
_refine.solvent_model_param_ksol                 ? 
_refine.occupancy_max                            ? 
_refine.occupancy_min                            ? 
_refine.pdbx_isotropic_thermal_model             ? 
_refine.B_iso_min                                ? 
_refine.B_iso_max                                ? 
_refine.overall_SU_R_Cruickshank_DPI             ? 
_refine.overall_SU_R_free                        ? 
_refine.pdbx_data_cutoff_high_rms_absF           ? 
_refine.ls_wR_factor_R_free                      ? 
_refine.ls_wR_factor_R_work                      ? 
_refine.overall_FOM_free_R_set                   ? 
_refine.overall_FOM_work_R_set                   ? 
_refine.pdbx_refine_id                           'X-RAY DIFFRACTION' 
_refine.pdbx_TLS_residual_ADP_flag               'LIKELY RESIDUAL' 
_refine.pdbx_diffrn_id                           1 
_refine.pdbx_overall_phase_error                 ? 
_refine.pdbx_overall_SU_R_free_Cruickshank_DPI   ? 
_refine.pdbx_overall_SU_R_Blow_DPI               ? 
_refine.pdbx_overall_SU_R_free_Blow_DPI          ? 
# 
_refine_hist.pdbx_refine_id                   'X-RAY DIFFRACTION' 
_refine_hist.cycle_id                         LAST 
_refine_hist.pdbx_number_atoms_protein        776 
_refine_hist.pdbx_number_atoms_nucleic_acid   0 
_refine_hist.pdbx_number_atoms_ligand         21 
_refine_hist.number_atoms_solvent             172 
_refine_hist.number_atoms_total               969 
_refine_hist.d_res_high                       1.800 
_refine_hist.d_res_low                        25.610 
# 
loop_
_refine_ls_restr.type 
_refine_ls_restr.number 
_refine_ls_restr.dev_ideal 
_refine_ls_restr.dev_ideal_target 
_refine_ls_restr.weight 
_refine_ls_restr.pdbx_refine_id 
_refine_ls_restr.pdbx_restraint_function 
r_bond_refined_d         866  0.013  0.022  ? 'X-RAY DIFFRACTION' ? 
r_angle_refined_deg      1191 1.428  2.013  ? 'X-RAY DIFFRACTION' ? 
r_dihedral_angle_1_deg   113  5.774  5.000  ? 'X-RAY DIFFRACTION' ? 
r_dihedral_angle_2_deg   44   33.669 25.909 ? 'X-RAY DIFFRACTION' ? 
r_dihedral_angle_3_deg   148  15.183 15.000 ? 'X-RAY DIFFRACTION' ? 
r_dihedral_angle_4_deg   5    19.255 15.000 ? 'X-RAY DIFFRACTION' ? 
r_chiral_restr           140  0.103  0.200  ? 'X-RAY DIFFRACTION' ? 
r_gen_planes_refined     671  0.005  0.020  ? 'X-RAY DIFFRACTION' ? 
r_nbd_refined            419  0.219  0.200  ? 'X-RAY DIFFRACTION' ? 
r_nbtor_refined          597  0.309  0.200  ? 'X-RAY DIFFRACTION' ? 
r_xyhbond_nbd_refined    114  0.192  0.200  ? 'X-RAY DIFFRACTION' ? 
r_symmetry_vdw_refined   34   0.178  0.200  ? 'X-RAY DIFFRACTION' ? 
r_symmetry_hbond_refined 20   0.229  0.200  ? 'X-RAY DIFFRACTION' ? 
r_mcbond_it              542  0.866  1.500  ? 'X-RAY DIFFRACTION' ? 
r_mcangle_it             868  1.331  2.000  ? 'X-RAY DIFFRACTION' ? 
r_scbond_it              363  2.141  3.000  ? 'X-RAY DIFFRACTION' ? 
r_scangle_it             318  3.478  4.500  ? 'X-RAY DIFFRACTION' ? 
# 
_refine_ls_shell.d_res_high                       1.800 
_refine_ls_shell.d_res_low                        1.847 
_refine_ls_shell.pdbx_total_number_of_bins_used   20 
_refine_ls_shell.percent_reflns_obs               91.810 
_refine_ls_shell.number_reflns_R_work             802 
_refine_ls_shell.R_factor_all                     ? 
_refine_ls_shell.R_factor_R_work                  0.239 
_refine_ls_shell.R_factor_R_free                  0.211 
_refine_ls_shell.percent_reflns_R_free            ? 
_refine_ls_shell.number_reflns_R_free             39 
_refine_ls_shell.R_factor_R_free_error            ? 
_refine_ls_shell.number_reflns_all                ? 
_refine_ls_shell.number_reflns_obs                841 
_refine_ls_shell.redundancy_reflns_obs            ? 
_refine_ls_shell.pdbx_refine_id                   'X-RAY DIFFRACTION' 
# 
_struct.entry_id                  2P3H 
_struct.title                     'Crystal structure of the CorC_HlyC domain of a putative Corynebacterium glutamicum hemolysin' 
_struct.pdbx_model_details        ? 
_struct.pdbx_CASP_flag            ? 
_struct.pdbx_model_type_details   ? 
# 
_struct_keywords.entry_id        2P3H 
_struct_keywords.pdbx_keywords   'TRANSPORT PROTEIN' 
_struct_keywords.text            
;structural genomics, CorC_HlyC, pfam03471, Putative transport protein, Transporter associated domain, Corynebacterium glutamicum, PSI-2, Protein Structure Initiative, Midwest Center for Structural Genomics, MCSG, TRANSPORT PROTEIN
;
# 
loop_
_struct_asym.id 
_struct_asym.pdbx_blank_PDB_chainid_flag 
_struct_asym.pdbx_modified 
_struct_asym.entity_id 
_struct_asym.details 
A N N 1 ? 
B N N 2 ? 
C N N 2 ? 
D N N 2 ? 
E N N 2 ? 
F N N 2 ? 
G N N 2 ? 
H N N 2 ? 
I N N 2 ? 
J N N 2 ? 
K N N 3 ? 
L N N 3 ? 
M N N 3 ? 
N N N 4 ? 
# 
_struct_ref.id                         1 
_struct_ref.db_name                    UNP 
_struct_ref.db_code                    Q8NR63_CORGL 
_struct_ref.pdbx_db_accession          Q8NR63 
_struct_ref.entity_id                  1 
_struct_ref.pdbx_seq_one_letter_code   
;EDITETSPDKWLIDGDTPLDEVERAIGYELPEGDYETISGLLFDHANALLKTGDVIEIPLDFEPEDYLNNTSPTQRILRI
TVLEVERNVPVKLALALL
;
_struct_ref.pdbx_align_begin           356 
_struct_ref.pdbx_db_isoform            ? 
# 
_struct_ref_seq.align_id                      1 
_struct_ref_seq.ref_id                        1 
_struct_ref_seq.pdbx_PDB_id_code              2P3H 
_struct_ref_seq.pdbx_strand_id                A 
_struct_ref_seq.seq_align_beg                 4 
_struct_ref_seq.pdbx_seq_align_beg_ins_code   ? 
_struct_ref_seq.seq_align_end                 101 
_struct_ref_seq.pdbx_seq_align_end_ins_code   ? 
_struct_ref_seq.pdbx_db_accession             Q8NR63 
_struct_ref_seq.db_align_beg                  356 
_struct_ref_seq.pdbx_db_align_beg_ins_code    ? 
_struct_ref_seq.db_align_end                  453 
_struct_ref_seq.pdbx_db_align_end_ins_code    ? 
_struct_ref_seq.pdbx_auth_seq_align_beg       5 
_struct_ref_seq.pdbx_auth_seq_align_end       102 
# 
loop_
_struct_ref_seq_dif.align_id 
_struct_ref_seq_dif.pdbx_pdb_id_code 
_struct_ref_seq_dif.mon_id 
_struct_ref_seq_dif.pdbx_pdb_strand_id 
_struct_ref_seq_dif.seq_num 
_struct_ref_seq_dif.pdbx_pdb_ins_code 
_struct_ref_seq_dif.pdbx_seq_db_name 
_struct_ref_seq_dif.pdbx_seq_db_accession_code 
_struct_ref_seq_dif.db_mon_id 
_struct_ref_seq_dif.pdbx_seq_db_seq_num 
_struct_ref_seq_dif.details 
_struct_ref_seq_dif.pdbx_auth_seq_num 
_struct_ref_seq_dif.pdbx_ordinal 
1 2P3H SER A 1 ? UNP Q8NR63 ? ? 'cloning artifact' 2 1 
1 2P3H ASN A 2 ? UNP Q8NR63 ? ? 'cloning artifact' 3 2 
1 2P3H ALA A 3 ? UNP Q8NR63 ? ? 'cloning artifact' 4 3 
# 
_pdbx_struct_assembly.id                   1 
_pdbx_struct_assembly.details              author_defined_assembly 
_pdbx_struct_assembly.method_details       ? 
_pdbx_struct_assembly.oligomeric_details   monomeric 
_pdbx_struct_assembly.oligomeric_count     1 
# 
_pdbx_struct_assembly_gen.assembly_id       1 
_pdbx_struct_assembly_gen.oper_expression   1 
_pdbx_struct_assembly_gen.asym_id_list      A,B,C,D,E,F,G,H,I,J,K,L,M,N 
# 
_pdbx_struct_oper_list.id                   1 
_pdbx_struct_oper_list.type                 'identity operation' 
_pdbx_struct_oper_list.name                 1_555 
_pdbx_struct_oper_list.symmetry_operation   x,y,z 
_pdbx_struct_oper_list.matrix[1][1]         1.0000000000 
_pdbx_struct_oper_list.matrix[1][2]         0.0000000000 
_pdbx_struct_oper_list.matrix[1][3]         0.0000000000 
_pdbx_struct_oper_list.vector[1]            0.0000000000 
_pdbx_struct_oper_list.matrix[2][1]         0.0000000000 
_pdbx_struct_oper_list.matrix[2][2]         1.0000000000 
_pdbx_struct_oper_list.matrix[2][3]         0.0000000000 
_pdbx_struct_oper_list.vector[2]            0.0000000000 
_pdbx_struct_oper_list.matrix[3][1]         0.0000000000 
_pdbx_struct_oper_list.matrix[3][2]         0.0000000000 
_pdbx_struct_oper_list.matrix[3][3]         1.0000000000 
_pdbx_struct_oper_list.vector[3]            0.0000000000 
# 
_struct_biol.id                    1 
_struct_biol.details               'unknown, maybe monomer' 
_struct_biol.pdbx_parent_biol_id   ? 
# 
loop_
_struct_conf.conf_type_id 
_struct_conf.id 
_struct_conf.pdbx_PDB_helix_id 
_struct_conf.beg_label_comp_id 
_struct_conf.beg_label_asym_id 
_struct_conf.beg_label_seq_id 
_struct_conf.pdbx_beg_PDB_ins_code 
_struct_conf.end_label_comp_id 
_struct_conf.end_label_asym_id 
_struct_conf.end_label_seq_id 
_struct_conf.pdbx_end_PDB_ins_code 
_struct_conf.beg_auth_comp_id 
_struct_conf.beg_auth_asym_id 
_struct_conf.beg_auth_seq_id 
_struct_conf.end_auth_comp_id 
_struct_conf.end_auth_asym_id 
_struct_conf.end_auth_seq_id 
_struct_conf.pdbx_PDB_helix_class 
_struct_conf.details 
_struct_conf.pdbx_PDB_helix_length 
HELX_P HELX_P1 1 PRO A 21 ? GLY A 30 ? PRO A 22 GLY A 31 1 ? 10 
HELX_P HELX_P2 2 THR A 40 ? ASN A 50 ? THR A 41 ASN A 51 1 ? 11 
HELX_P HELX_P3 3 GLU A 66 ? LEU A 71 ? GLU A 67 LEU A 72 5 ? 6  
# 
_struct_conf_type.id          HELX_P 
_struct_conf_type.criteria    ? 
_struct_conf_type.reference   ? 
# 
_struct_sheet.id               A 
_struct_sheet.type             ? 
_struct_sheet.number_strands   5 
_struct_sheet.details          ? 
# 
loop_
_struct_sheet_order.sheet_id 
_struct_sheet_order.range_id_1 
_struct_sheet_order.range_id_2 
_struct_sheet_order.offset 
_struct_sheet_order.sense 
A 1 2 ? anti-parallel 
A 2 3 ? anti-parallel 
A 3 4 ? anti-parallel 
A 4 5 ? anti-parallel 
# 
loop_
_struct_sheet_range.sheet_id 
_struct_sheet_range.id 
_struct_sheet_range.beg_label_comp_id 
_struct_sheet_range.beg_label_asym_id 
_struct_sheet_range.beg_label_seq_id 
_struct_sheet_range.pdbx_beg_PDB_ins_code 
_struct_sheet_range.end_label_comp_id 
_struct_sheet_range.end_label_asym_id 
_struct_sheet_range.end_label_seq_id 
_struct_sheet_range.pdbx_end_PDB_ins_code 
_struct_sheet_range.beg_auth_comp_id 
_struct_sheet_range.beg_auth_asym_id 
_struct_sheet_range.beg_auth_seq_id 
_struct_sheet_range.end_auth_comp_id 
_struct_sheet_range.end_auth_asym_id 
_struct_sheet_range.end_auth_seq_id 
A 1 ILE A 6  ? SER A 10  ? ILE A 7  SER A 11  
A 2 LYS A 13 ? ASP A 17  ? LYS A 14 ASP A 18  
A 3 VAL A 92 ? LEU A 100 ? VAL A 93 LEU A 101 
A 4 ILE A 80 ? GLU A 89  ? ILE A 81 GLU A 90  
A 5 VAL A 58 ? PRO A 62  ? VAL A 59 PRO A 63  
# 
loop_
_pdbx_struct_sheet_hbond.sheet_id 
_pdbx_struct_sheet_hbond.range_id_1 
_pdbx_struct_sheet_hbond.range_id_2 
_pdbx_struct_sheet_hbond.range_1_label_atom_id 
_pdbx_struct_sheet_hbond.range_1_label_comp_id 
_pdbx_struct_sheet_hbond.range_1_label_asym_id 
_pdbx_struct_sheet_hbond.range_1_label_seq_id 
_pdbx_struct_sheet_hbond.range_1_PDB_ins_code 
_pdbx_struct_sheet_hbond.range_1_auth_atom_id 
_pdbx_struct_sheet_hbond.range_1_auth_comp_id 
_pdbx_struct_sheet_hbond.range_1_auth_asym_id 
_pdbx_struct_sheet_hbond.range_1_auth_seq_id 
_pdbx_struct_sheet_hbond.range_2_label_atom_id 
_pdbx_struct_sheet_hbond.range_2_label_comp_id 
_pdbx_struct_sheet_hbond.range_2_label_asym_id 
_pdbx_struct_sheet_hbond.range_2_label_seq_id 
_pdbx_struct_sheet_hbond.range_2_PDB_ins_code 
_pdbx_struct_sheet_hbond.range_2_auth_atom_id 
_pdbx_struct_sheet_hbond.range_2_auth_comp_id 
_pdbx_struct_sheet_hbond.range_2_auth_asym_id 
_pdbx_struct_sheet_hbond.range_2_auth_seq_id 
A 1 2 N SER A 10 ? N SER A 11  O LYS A 13 ? O LYS A 14 
A 2 3 N TRP A 14 ? N TRP A 15  O LEU A 98 ? O LEU A 99 
A 3 4 O ALA A 99 ? O ALA A 100 N ARG A 82 ? N ARG A 83 
A 4 5 O ILE A 83 ? O ILE A 84  N ILE A 59 ? N ILE A 60 
# 
loop_
_struct_site.id 
_struct_site.pdbx_evidence_code 
_struct_site.pdbx_auth_asym_id 
_struct_site.pdbx_auth_comp_id 
_struct_site.pdbx_auth_seq_id 
_struct_site.pdbx_auth_ins_code 
_struct_site.pdbx_num_residues 
_struct_site.details 
AC1 Software A BR  202 ? 2 'BINDING SITE FOR RESIDUE BR A 202'  
AC2 Software A BR  203 ? 3 'BINDING SITE FOR RESIDUE BR A 203'  
AC3 Software A BR  204 ? 3 'BINDING SITE FOR RESIDUE BR A 204'  
AC4 Software A BR  205 ? 2 'BINDING SITE FOR RESIDUE BR A 205'  
AC5 Software A BR  206 ? 4 'BINDING SITE FOR RESIDUE BR A 206'  
AC6 Software A BR  207 ? 2 'BINDING SITE FOR RESIDUE BR A 207'  
AC7 Software A BR  208 ? 2 'BINDING SITE FOR RESIDUE BR A 208'  
AC8 Software A BR  209 ? 2 'BINDING SITE FOR RESIDUE BR A 209'  
AC9 Software A EDO 301 ? 3 'BINDING SITE FOR RESIDUE EDO A 301' 
BC1 Software A EDO 302 ? 2 'BINDING SITE FOR RESIDUE EDO A 302' 
BC2 Software A EDO 303 ? 7 'BINDING SITE FOR RESIDUE EDO A 303' 
# 
loop_
_struct_site_gen.id 
_struct_site_gen.site_id 
_struct_site_gen.pdbx_num_res 
_struct_site_gen.label_comp_id 
_struct_site_gen.label_asym_id 
_struct_site_gen.label_seq_id 
_struct_site_gen.pdbx_auth_ins_code 
_struct_site_gen.auth_comp_id 
_struct_site_gen.auth_asym_id 
_struct_site_gen.auth_seq_id 
_struct_site_gen.label_atom_id 
_struct_site_gen.label_alt_id 
_struct_site_gen.symmetry 
_struct_site_gen.details 
1  AC1 2 HOH N .  ? HOH A 304 . ? 1_555 ? 
2  AC1 2 HOH N .  ? HOH A 466 . ? 1_555 ? 
3  AC2 3 PRO A 67 ? PRO A 68  . ? 1_555 ? 
4  AC2 3 GLU A 68 ? GLU A 69  . ? 1_555 ? 
5  AC2 3 HOH N .  ? HOH A 472 . ? 1_555 ? 
6  AC3 3 GLY A 18 ? GLY A 19  . ? 1_555 ? 
7  AC3 3 ASP A 19 ? ASP A 20  . ? 1_555 ? 
8  AC3 3 HOH N .  ? HOH A 345 . ? 1_555 ? 
9  AC4 2 GLU A 39 ? GLU A 40  . ? 1_555 ? 
10 AC4 2 THR A 40 ? THR A 41  . ? 1_555 ? 
11 AC5 4 THR A 55 ? THR A 56  . ? 1_555 ? 
12 AC5 4 GLU A 87 ? GLU A 88  . ? 1_555 ? 
13 AC5 4 VAL A 88 ? VAL A 89  . ? 1_555 ? 
14 AC5 4 HOH N .  ? HOH A 441 . ? 1_555 ? 
15 AC6 2 THR A 55 ? THR A 56  . ? 1_555 ? 
16 AC6 2 HOH N .  ? HOH A 441 . ? 1_555 ? 
17 AC7 2 ASN A 91 ? ASN A 92  . ? 1_555 ? 
18 AC7 2 HOH N .  ? HOH A 379 . ? 1_555 ? 
19 AC8 2 ALA A 51 ? ALA A 52  . ? 1_555 ? 
20 AC8 2 LEU A 52 ? LEU A 53  . ? 1_555 ? 
21 AC9 3 ILE A 6  ? ILE A 7   . ? 1_555 ? 
22 AC9 3 EDO L .  ? EDO A 302 . ? 4_555 ? 
23 AC9 3 HOH N .  ? HOH A 351 . ? 1_555 ? 
24 BC1 2 EDO K .  ? EDO A 301 . ? 4_555 ? 
25 BC1 2 HOH N .  ? HOH A 387 . ? 1_555 ? 
26 BC2 7 PHE A 46 ? PHE A 47  . ? 1_555 ? 
27 BC2 7 ASP A 47 ? ASP A 48  . ? 1_555 ? 
28 BC2 7 ASN A 50 ? ASN A 51  . ? 1_555 ? 
29 BC2 7 LEU A 52 ? LEU A 53  . ? 3_555 ? 
30 BC2 7 LYS A 54 ? LYS A 55  . ? 3_555 ? 
31 BC2 7 ASN A 91 ? ASN A 92  . ? 3_555 ? 
32 BC2 7 HOH N .  ? HOH A 393 . ? 1_555 ? 
# 
loop_
_pdbx_validate_close_contact.id 
_pdbx_validate_close_contact.PDB_model_num 
_pdbx_validate_close_contact.auth_atom_id_1 
_pdbx_validate_close_contact.auth_asym_id_1 
_pdbx_validate_close_contact.auth_comp_id_1 
_pdbx_validate_close_contact.auth_seq_id_1 
_pdbx_validate_close_contact.PDB_ins_code_1 
_pdbx_validate_close_contact.label_alt_id_1 
_pdbx_validate_close_contact.auth_atom_id_2 
_pdbx_validate_close_contact.auth_asym_id_2 
_pdbx_validate_close_contact.auth_comp_id_2 
_pdbx_validate_close_contact.auth_seq_id_2 
_pdbx_validate_close_contact.PDB_ins_code_2 
_pdbx_validate_close_contact.label_alt_id_2 
_pdbx_validate_close_contact.dist 
1 1 O A HOH 313 ? ? O A HOH 432 ? ? 1.90 
2 1 O A LEU 102 ? ? O A HOH 432 ? ? 2.13 
3 1 O A HOH 308 ? ? O A HOH 382 ? ? 2.17 
# 
_pdbx_validate_symm_contact.id                1 
_pdbx_validate_symm_contact.PDB_model_num     1 
_pdbx_validate_symm_contact.auth_atom_id_1    OE1 
_pdbx_validate_symm_contact.auth_asym_id_1    A 
_pdbx_validate_symm_contact.auth_comp_id_1    GLU 
_pdbx_validate_symm_contact.auth_seq_id_1     67 
_pdbx_validate_symm_contact.PDB_ins_code_1    ? 
_pdbx_validate_symm_contact.label_alt_id_1    ? 
_pdbx_validate_symm_contact.site_symmetry_1   1_555 
_pdbx_validate_symm_contact.auth_atom_id_2    O 
_pdbx_validate_symm_contact.auth_asym_id_2    A 
_pdbx_validate_symm_contact.auth_comp_id_2    HOH 
_pdbx_validate_symm_contact.auth_seq_id_2     466 
_pdbx_validate_symm_contact.PDB_ins_code_2    ? 
_pdbx_validate_symm_contact.label_alt_id_2    ? 
_pdbx_validate_symm_contact.site_symmetry_2   8_445 
_pdbx_validate_symm_contact.dist              2.04 
# 
_pdbx_SG_project.id                    1 
_pdbx_SG_project.project_name          'PSI, Protein Structure Initiative' 
_pdbx_SG_project.full_name_of_center   'Midwest Center for Structural Genomics' 
_pdbx_SG_project.initial_of_center     MCSG 
# 
_pdbx_struct_special_symmetry.id              1 
_pdbx_struct_special_symmetry.PDB_model_num   1 
_pdbx_struct_special_symmetry.auth_asym_id    A 
_pdbx_struct_special_symmetry.auth_comp_id    HOH 
_pdbx_struct_special_symmetry.auth_seq_id     448 
_pdbx_struct_special_symmetry.PDB_ins_code    ? 
_pdbx_struct_special_symmetry.label_asym_id   N 
_pdbx_struct_special_symmetry.label_comp_id   HOH 
_pdbx_struct_special_symmetry.label_seq_id    . 
# 
_diffrn_reflns.diffrn_id                   1 
_diffrn_reflns.pdbx_d_res_high             1.750 
_diffrn_reflns.pdbx_d_res_low              50.000 
_diffrn_reflns.pdbx_number_obs             13454 
_diffrn_reflns.pdbx_Rmerge_I_obs           0.064 
_diffrn_reflns.pdbx_Rsym_value             ? 
_diffrn_reflns.pdbx_chi_squared            2.18 
_diffrn_reflns.av_sigmaI_over_netI         13.30 
_diffrn_reflns.pdbx_redundancy             7.70 
_diffrn_reflns.pdbx_percent_possible_obs   97.40 
_diffrn_reflns.number                      104059 
_diffrn_reflns.pdbx_observed_criterion     ? 
_diffrn_reflns.limit_h_max                 ? 
_diffrn_reflns.limit_h_min                 ? 
_diffrn_reflns.limit_k_max                 ? 
_diffrn_reflns.limit_k_min                 ? 
_diffrn_reflns.limit_l_max                 ? 
_diffrn_reflns.limit_l_min                 ? 
# 
loop_
_pdbx_diffrn_reflns_shell.diffrn_id 
_pdbx_diffrn_reflns_shell.d_res_high 
_pdbx_diffrn_reflns_shell.d_res_low 
_pdbx_diffrn_reflns_shell.number_obs 
_pdbx_diffrn_reflns_shell.rejects 
_pdbx_diffrn_reflns_shell.Rmerge_I_obs 
_pdbx_diffrn_reflns_shell.Rsym_value 
_pdbx_diffrn_reflns_shell.chi_squared 
_pdbx_diffrn_reflns_shell.redundancy 
_pdbx_diffrn_reflns_shell.percent_possible_obs 
1 4.22 50.00 ? ? 0.054 ? 7.238 7.20 96.90  
1 3.35 4.22  ? ? 0.047 ? 3.596 8.00 100.00 
1 2.92 3.35  ? ? 0.054 ? 3.000 8.40 99.90  
1 2.66 2.92  ? ? 0.068 ? 2.645 8.60 99.90  
1 2.47 2.66  ? ? 0.075 ? 1.995 8.70 100.00 
1 2.32 2.47  ? ? 0.089 ? 1.707 8.80 100.00 
1 2.20 2.32  ? ? 0.100 ? 1.498 8.80 100.00 
1 2.11 2.20  ? ? 0.109 ? 1.234 8.90 100.00 
1 2.03 2.11  ? ? 0.136 ? 1.198 8.90 100.00 
1 1.96 2.03  ? ? 0.177 ? 1.046 8.80 100.00 
1 1.90 1.96  ? ? 0.219 ? 1.049 8.00 99.60  
1 1.84 1.90  ? ? 0.305 ? 1.015 5.60 98.10  
1 1.79 1.84  ? ? 0.373 ? 1.026 4.60 90.90  
1 1.75 1.79  ? ? 0.393 ? 1.016 3.70 77.70  
# 
_pdbx_refine_tls.id               1 
_pdbx_refine_tls.details          ? 
_pdbx_refine_tls.method           refined 
_pdbx_refine_tls.origin_x         -0.2530 
_pdbx_refine_tls.origin_y         0.1238 
_pdbx_refine_tls.origin_z         -0.0364 
_pdbx_refine_tls.T[1][1]          -0.1530 
_pdbx_refine_tls.T[2][2]          -0.1835 
_pdbx_refine_tls.T[3][3]          -0.1905 
_pdbx_refine_tls.T[1][2]          0.0068 
_pdbx_refine_tls.T[1][3]          -0.0342 
_pdbx_refine_tls.T[2][3]          0.0086 
_pdbx_refine_tls.L[1][1]          2.9119 
_pdbx_refine_tls.L[2][2]          2.5728 
_pdbx_refine_tls.L[3][3]          1.9021 
_pdbx_refine_tls.L[1][2]          0.3894 
_pdbx_refine_tls.L[1][3]          -0.5984 
_pdbx_refine_tls.L[2][3]          1.0411 
_pdbx_refine_tls.S[1][1]          0.1503 
_pdbx_refine_tls.S[2][2]          -0.0546 
_pdbx_refine_tls.S[3][3]          -0.0957 
_pdbx_refine_tls.S[1][2]          0.1046 
_pdbx_refine_tls.S[1][3]          0.0794 
_pdbx_refine_tls.S[2][3]          -0.0716 
_pdbx_refine_tls.S[2][1]          0.1540 
_pdbx_refine_tls.S[3][1]          0.0317 
_pdbx_refine_tls.S[3][2]          0.1125 
_pdbx_refine_tls.pdbx_refine_id   'X-RAY DIFFRACTION' 
# 
_pdbx_refine_tls_group.id                  1 
_pdbx_refine_tls_group.refine_tls_id       1 
_pdbx_refine_tls_group.beg_label_asym_id   A 
_pdbx_refine_tls_group.beg_label_seq_id    5 
_pdbx_refine_tls_group.end_label_asym_id   A 
_pdbx_refine_tls_group.end_label_seq_id    101 
_pdbx_refine_tls_group.selection           ALL 
_pdbx_refine_tls_group.beg_auth_asym_id    A 
_pdbx_refine_tls_group.beg_auth_seq_id     6 
_pdbx_refine_tls_group.end_auth_asym_id    A 
_pdbx_refine_tls_group.end_auth_seq_id     102 
_pdbx_refine_tls_group.pdbx_refine_id      'X-RAY DIFFRACTION' 
_pdbx_refine_tls_group.selection_details   ? 
# 
_pdbx_phasing_MAD_set.id                  1 
_pdbx_phasing_MAD_set.d_res_high          1.75 
_pdbx_phasing_MAD_set.d_res_low           50.00 
_pdbx_phasing_MAD_set.reflns_acentric     11856 
_pdbx_phasing_MAD_set.loc_acentric        0.100 
_pdbx_phasing_MAD_set.power_acentric      0.000 
_pdbx_phasing_MAD_set.R_cullis_acentric   1.730 
_pdbx_phasing_MAD_set.reflns_centric      1565 
_pdbx_phasing_MAD_set.loc_centric         0.100 
_pdbx_phasing_MAD_set.power_centric       0.000 
_pdbx_phasing_MAD_set.R_cullis_centric    1.000 
# 
loop_
_pdbx_phasing_MAD_set_shell.id 
_pdbx_phasing_MAD_set_shell.d_res_high 
_pdbx_phasing_MAD_set_shell.d_res_low 
_pdbx_phasing_MAD_set_shell.reflns_acentric 
_pdbx_phasing_MAD_set_shell.loc_acentric 
_pdbx_phasing_MAD_set_shell.power_acentric 
_pdbx_phasing_MAD_set_shell.R_cullis_acentric 
_pdbx_phasing_MAD_set_shell.reflns_centric 
_pdbx_phasing_MAD_set_shell.loc_centric 
_pdbx_phasing_MAD_set_shell.power_centric 
_pdbx_phasing_MAD_set_shell.R_cullis_centric 
1 11.25 50.00 26   0.400 0.000 1.690  27  0.200 0.000 1.000 
1 6.34  11.25 182  0.300 0.000 1.380  71  0.200 0.000 1.000 
1 4.41  6.34  478  0.300 0.000 1.500  129 0.200 0.000 1.000 
1 3.38  4.41  898  0.200 0.000 1.170  185 0.200 0.000 1.000 
1 2.74  3.38  1469 0.100 0.000 1.500  233 0.100 0.000 1.000 
1 2.31  2.74  2170 0.100 0.000 2.090  275 0.000 0.000 1.000 
1 1.99  2.31  3002 0.000 0.000 2.740  318 0.000 0.000 1.000 
1 1.75  1.99  3631 0.000 0.000 10.330 327 0.000 0.000 1.000 
# 
loop_
_pdbx_phasing_MAD_set_site.id 
_pdbx_phasing_MAD_set_site.atom_type_symbol 
_pdbx_phasing_MAD_set_site.fract_x 
_pdbx_phasing_MAD_set_site.fract_y 
_pdbx_phasing_MAD_set_site.fract_z 
_pdbx_phasing_MAD_set_site.b_iso 
_pdbx_phasing_MAD_set_site.occupancy 
1  Br 0.720 0.223  0.062 36.08974 0.000 
2  Br 0.562 0.415  0.184 42.21353 0.000 
3  Br 0.701 0.198  0.233 42.95328 0.000 
4  Br 0.630 0.303  0.316 32.26448 0.000 
5  Br 0.527 0.042  0.143 54.30046 0.000 
6  Br 0.538 0.340  0.305 51.05423 0.000 
7  Br 0.661 0.254  0.266 26.59251 0.000 
8  Br 0.873 -0.026 0.052 67.93182 0.000 
9  Br 0.766 0.257  0.088 45.96601 0.000 
10 Br 0.748 0.279  0.217 34.958   0.000 
11 Br 0.527 0.038  0.246 31.670   0.000 
# 
loop_
_pdbx_phasing_MAD_shell.d_res_high 
_pdbx_phasing_MAD_shell.d_res_low 
_pdbx_phasing_MAD_shell.reflns 
_pdbx_phasing_MAD_shell.fom 
_pdbx_phasing_MAD_shell.reflns_centric 
_pdbx_phasing_MAD_shell.fom_centric 
_pdbx_phasing_MAD_shell.reflns_acentric 
_pdbx_phasing_MAD_shell.fom_acentric 
11.25 50.00 53   0.222 27  0.000 26   0.452 
6.34  11.25 253  0.357 71  0.000 182  0.497 
4.41  6.34  607  0.396 129 0.000 478  0.503 
3.38  4.41  1083 0.406 185 0.000 898  0.490 
2.74  3.38  1702 0.421 233 0.000 1469 0.488 
2.31  2.74  2445 0.343 275 0.000 2170 0.386 
1.99  2.31  3320 0.225 318 0.000 3002 0.249 
1.75  1.99  3958 0.091 327 0.000 3631 0.099 
# 
_pdbx_phasing_dm.entry_id   2P3H 
_pdbx_phasing_dm.method     'Solvent flattening  and Histogram matching' 
_pdbx_phasing_dm.reflns     13421 
# 
loop_
_pdbx_phasing_dm_shell.d_res_high 
_pdbx_phasing_dm_shell.d_res_low 
_pdbx_phasing_dm_shell.delta_phi_final 
_pdbx_phasing_dm_shell.delta_phi_initial 
_pdbx_phasing_dm_shell.fom_acentric 
_pdbx_phasing_dm_shell.fom_centric 
_pdbx_phasing_dm_shell.fom 
_pdbx_phasing_dm_shell.reflns_acentric 
_pdbx_phasing_dm_shell.reflns_centric 
_pdbx_phasing_dm_shell.reflns 
5.370 100.000 61.900 ? ? ? 0.759 ? ? 506 
4.250 5.370   58.700 ? ? ? 0.897 ? ? 503 
3.700 4.250   60.200 ? ? ? 0.874 ? ? 511 
3.360 3.700   60.800 ? ? ? 0.862 ? ? 505 
3.120 3.360   61.800 ? ? ? 0.866 ? ? 503 
2.930 3.120   65.700 ? ? ? 0.820 ? ? 509 
2.780 2.930   61.100 ? ? ? 0.834 ? ? 507 
2.660 2.780   64.200 ? ? ? 0.822 ? ? 501 
2.550 2.660   60.800 ? ? ? 0.846 ? ? 506 
2.460 2.550   62.000 ? ? ? 0.841 ? ? 512 
2.380 2.460   66.300 ? ? ? 0.837 ? ? 516 
2.310 2.380   62.000 ? ? ? 0.853 ? ? 524 
2.250 2.310   65.700 ? ? ? 0.814 ? ? 522 
2.180 2.250   68.700 ? ? ? 0.797 ? ? 578 
2.130 2.180   65.900 ? ? ? 0.826 ? ? 532 
2.080 2.130   66.400 ? ? ? 0.844 ? ? 609 
2.030 2.080   69.900 ? ? ? 0.825 ? ? 596 
1.980 2.030   71.500 ? ? ? 0.814 ? ? 606 
1.940 1.980   73.600 ? ? ? 0.794 ? ? 633 
1.900 1.940   75.100 ? ? ? 0.835 ? ? 611 
1.870 1.900   84.100 ? ? ? 0.810 ? ? 651 
1.830 1.870   82.400 ? ? ? 0.748 ? ? 625 
1.800 1.830   79.500 ? ? ? 0.710 ? ? 605 
1.750 1.800   81.900 ? ? ? 0.691 ? ? 750 
# 
_phasing.method   SAD 
# 
_phasing_MAD.entry_id               2P3H 
_phasing_MAD.pdbx_d_res_high        1.75 
_phasing_MAD.pdbx_d_res_low         50.00 
_phasing_MAD.pdbx_reflns            13421 
_phasing_MAD.pdbx_fom               0.257 
_phasing_MAD.pdbx_reflns_centric    1565 
_phasing_MAD.pdbx_fom_centric       0.000 
_phasing_MAD.pdbx_reflns_acentric   11856 
_phasing_MAD.pdbx_fom_acentric      0.290 
# 
_pdbx_database_remark.id     300 
_pdbx_database_remark.text   
;
BIOMOLECULE: 1
THIS ENTRY CONTAINS THE CRYSTALLOGRAPHIC ASYMMETRIC UNIT
WHICH CONSISTS OF 1 CHAIN(S). AUTHORS STATE THAT THE
BIOLOGICAL UNIT OF THIS POLYPEPTIDE IS UNKNOWN. THE
CRYSTALLIZED DOMAIN IS PART OF MUCH LARGER PROTEIN.
;
# 
loop_
_pdbx_unobs_or_zero_occ_residues.id 
_pdbx_unobs_or_zero_occ_residues.PDB_model_num 
_pdbx_unobs_or_zero_occ_residues.polymer_flag 
_pdbx_unobs_or_zero_occ_residues.occupancy_flag 
_pdbx_unobs_or_zero_occ_residues.auth_asym_id 
_pdbx_unobs_or_zero_occ_residues.auth_comp_id 
_pdbx_unobs_or_zero_occ_residues.auth_seq_id 
_pdbx_unobs_or_zero_occ_residues.PDB_ins_code 
_pdbx_unobs_or_zero_occ_residues.label_asym_id 
_pdbx_unobs_or_zero_occ_residues.label_comp_id 
_pdbx_unobs_or_zero_occ_residues.label_seq_id 
1 1 Y 1 A SER 2 ? A SER 1 
2 1 Y 1 A ASN 3 ? A ASN 2 
3 1 Y 1 A ALA 4 ? A ALA 3 
# 
loop_
_chem_comp_atom.comp_id 
_chem_comp_atom.atom_id 
_chem_comp_atom.type_symbol 
_chem_comp_atom.pdbx_aromatic_flag 
_chem_comp_atom.pdbx_stereo_config 
_chem_comp_atom.pdbx_ordinal 
ALA N    N  N N 1   
ALA CA   C  N S 2   
ALA C    C  N N 3   
ALA O    O  N N 4   
ALA CB   C  N N 5   
ALA OXT  O  N N 6   
ALA H    H  N N 7   
ALA H2   H  N N 8   
ALA HA   H  N N 9   
ALA HB1  H  N N 10  
ALA HB2  H  N N 11  
ALA HB3  H  N N 12  
ALA HXT  H  N N 13  
ARG N    N  N N 14  
ARG CA   C  N S 15  
ARG C    C  N N 16  
ARG O    O  N N 17  
ARG CB   C  N N 18  
ARG CG   C  N N 19  
ARG CD   C  N N 20  
ARG NE   N  N N 21  
ARG CZ   C  N N 22  
ARG NH1  N  N N 23  
ARG NH2  N  N N 24  
ARG OXT  O  N N 25  
ARG H    H  N N 26  
ARG H2   H  N N 27  
ARG HA   H  N N 28  
ARG HB2  H  N N 29  
ARG HB3  H  N N 30  
ARG HG2  H  N N 31  
ARG HG3  H  N N 32  
ARG HD2  H  N N 33  
ARG HD3  H  N N 34  
ARG HE   H  N N 35  
ARG HH11 H  N N 36  
ARG HH12 H  N N 37  
ARG HH21 H  N N 38  
ARG HH22 H  N N 39  
ARG HXT  H  N N 40  
ASN N    N  N N 41  
ASN CA   C  N S 42  
ASN C    C  N N 43  
ASN O    O  N N 44  
ASN CB   C  N N 45  
ASN CG   C  N N 46  
ASN OD1  O  N N 47  
ASN ND2  N  N N 48  
ASN OXT  O  N N 49  
ASN H    H  N N 50  
ASN H2   H  N N 51  
ASN HA   H  N N 52  
ASN HB2  H  N N 53  
ASN HB3  H  N N 54  
ASN HD21 H  N N 55  
ASN HD22 H  N N 56  
ASN HXT  H  N N 57  
ASP N    N  N N 58  
ASP CA   C  N S 59  
ASP C    C  N N 60  
ASP O    O  N N 61  
ASP CB   C  N N 62  
ASP CG   C  N N 63  
ASP OD1  O  N N 64  
ASP OD2  O  N N 65  
ASP OXT  O  N N 66  
ASP H    H  N N 67  
ASP H2   H  N N 68  
ASP HA   H  N N 69  
ASP HB2  H  N N 70  
ASP HB3  H  N N 71  
ASP HD2  H  N N 72  
ASP HXT  H  N N 73  
BR  BR   BR N N 74  
EDO C1   C  N N 75  
EDO O1   O  N N 76  
EDO C2   C  N N 77  
EDO O2   O  N N 78  
EDO H11  H  N N 79  
EDO H12  H  N N 80  
EDO HO1  H  N N 81  
EDO H21  H  N N 82  
EDO H22  H  N N 83  
EDO HO2  H  N N 84  
GLN N    N  N N 85  
GLN CA   C  N S 86  
GLN C    C  N N 87  
GLN O    O  N N 88  
GLN CB   C  N N 89  
GLN CG   C  N N 90  
GLN CD   C  N N 91  
GLN OE1  O  N N 92  
GLN NE2  N  N N 93  
GLN OXT  O  N N 94  
GLN H    H  N N 95  
GLN H2   H  N N 96  
GLN HA   H  N N 97  
GLN HB2  H  N N 98  
GLN HB3  H  N N 99  
GLN HG2  H  N N 100 
GLN HG3  H  N N 101 
GLN HE21 H  N N 102 
GLN HE22 H  N N 103 
GLN HXT  H  N N 104 
GLU N    N  N N 105 
GLU CA   C  N S 106 
GLU C    C  N N 107 
GLU O    O  N N 108 
GLU CB   C  N N 109 
GLU CG   C  N N 110 
GLU CD   C  N N 111 
GLU OE1  O  N N 112 
GLU OE2  O  N N 113 
GLU OXT  O  N N 114 
GLU H    H  N N 115 
GLU H2   H  N N 116 
GLU HA   H  N N 117 
GLU HB2  H  N N 118 
GLU HB3  H  N N 119 
GLU HG2  H  N N 120 
GLU HG3  H  N N 121 
GLU HE2  H  N N 122 
GLU HXT  H  N N 123 
GLY N    N  N N 124 
GLY CA   C  N N 125 
GLY C    C  N N 126 
GLY O    O  N N 127 
GLY OXT  O  N N 128 
GLY H    H  N N 129 
GLY H2   H  N N 130 
GLY HA2  H  N N 131 
GLY HA3  H  N N 132 
GLY HXT  H  N N 133 
HIS N    N  N N 134 
HIS CA   C  N S 135 
HIS C    C  N N 136 
HIS O    O  N N 137 
HIS CB   C  N N 138 
HIS CG   C  Y N 139 
HIS ND1  N  Y N 140 
HIS CD2  C  Y N 141 
HIS CE1  C  Y N 142 
HIS NE2  N  Y N 143 
HIS OXT  O  N N 144 
HIS H    H  N N 145 
HIS H2   H  N N 146 
HIS HA   H  N N 147 
HIS HB2  H  N N 148 
HIS HB3  H  N N 149 
HIS HD1  H  N N 150 
HIS HD2  H  N N 151 
HIS HE1  H  N N 152 
HIS HE2  H  N N 153 
HIS HXT  H  N N 154 
HOH O    O  N N 155 
HOH H1   H  N N 156 
HOH H2   H  N N 157 
ILE N    N  N N 158 
ILE CA   C  N S 159 
ILE C    C  N N 160 
ILE O    O  N N 161 
ILE CB   C  N S 162 
ILE CG1  C  N N 163 
ILE CG2  C  N N 164 
ILE CD1  C  N N 165 
ILE OXT  O  N N 166 
ILE H    H  N N 167 
ILE H2   H  N N 168 
ILE HA   H  N N 169 
ILE HB   H  N N 170 
ILE HG12 H  N N 171 
ILE HG13 H  N N 172 
ILE HG21 H  N N 173 
ILE HG22 H  N N 174 
ILE HG23 H  N N 175 
ILE HD11 H  N N 176 
ILE HD12 H  N N 177 
ILE HD13 H  N N 178 
ILE HXT  H  N N 179 
LEU N    N  N N 180 
LEU CA   C  N S 181 
LEU C    C  N N 182 
LEU O    O  N N 183 
LEU CB   C  N N 184 
LEU CG   C  N N 185 
LEU CD1  C  N N 186 
LEU CD2  C  N N 187 
LEU OXT  O  N N 188 
LEU H    H  N N 189 
LEU H2   H  N N 190 
LEU HA   H  N N 191 
LEU HB2  H  N N 192 
LEU HB3  H  N N 193 
LEU HG   H  N N 194 
LEU HD11 H  N N 195 
LEU HD12 H  N N 196 
LEU HD13 H  N N 197 
LEU HD21 H  N N 198 
LEU HD22 H  N N 199 
LEU HD23 H  N N 200 
LEU HXT  H  N N 201 
LYS N    N  N N 202 
LYS CA   C  N S 203 
LYS C    C  N N 204 
LYS O    O  N N 205 
LYS CB   C  N N 206 
LYS CG   C  N N 207 
LYS CD   C  N N 208 
LYS CE   C  N N 209 
LYS NZ   N  N N 210 
LYS OXT  O  N N 211 
LYS H    H  N N 212 
LYS H2   H  N N 213 
LYS HA   H  N N 214 
LYS HB2  H  N N 215 
LYS HB3  H  N N 216 
LYS HG2  H  N N 217 
LYS HG3  H  N N 218 
LYS HD2  H  N N 219 
LYS HD3  H  N N 220 
LYS HE2  H  N N 221 
LYS HE3  H  N N 222 
LYS HZ1  H  N N 223 
LYS HZ2  H  N N 224 
LYS HZ3  H  N N 225 
LYS HXT  H  N N 226 
PHE N    N  N N 227 
PHE CA   C  N S 228 
PHE C    C  N N 229 
PHE O    O  N N 230 
PHE CB   C  N N 231 
PHE CG   C  Y N 232 
PHE CD1  C  Y N 233 
PHE CD2  C  Y N 234 
PHE CE1  C  Y N 235 
PHE CE2  C  Y N 236 
PHE CZ   C  Y N 237 
PHE OXT  O  N N 238 
PHE H    H  N N 239 
PHE H2   H  N N 240 
PHE HA   H  N N 241 
PHE HB2  H  N N 242 
PHE HB3  H  N N 243 
PHE HD1  H  N N 244 
PHE HD2  H  N N 245 
PHE HE1  H  N N 246 
PHE HE2  H  N N 247 
PHE HZ   H  N N 248 
PHE HXT  H  N N 249 
PRO N    N  N N 250 
PRO CA   C  N S 251 
PRO C    C  N N 252 
PRO O    O  N N 253 
PRO CB   C  N N 254 
PRO CG   C  N N 255 
PRO CD   C  N N 256 
PRO OXT  O  N N 257 
PRO H    H  N N 258 
PRO HA   H  N N 259 
PRO HB2  H  N N 260 
PRO HB3  H  N N 261 
PRO HG2  H  N N 262 
PRO HG3  H  N N 263 
PRO HD2  H  N N 264 
PRO HD3  H  N N 265 
PRO HXT  H  N N 266 
SER N    N  N N 267 
SER CA   C  N S 268 
SER C    C  N N 269 
SER O    O  N N 270 
SER CB   C  N N 271 
SER OG   O  N N 272 
SER OXT  O  N N 273 
SER H    H  N N 274 
SER H2   H  N N 275 
SER HA   H  N N 276 
SER HB2  H  N N 277 
SER HB3  H  N N 278 
SER HG   H  N N 279 
SER HXT  H  N N 280 
THR N    N  N N 281 
THR CA   C  N S 282 
THR C    C  N N 283 
THR O    O  N N 284 
THR CB   C  N R 285 
THR OG1  O  N N 286 
THR CG2  C  N N 287 
THR OXT  O  N N 288 
THR H    H  N N 289 
THR H2   H  N N 290 
THR HA   H  N N 291 
THR HB   H  N N 292 
THR HG1  H  N N 293 
THR HG21 H  N N 294 
THR HG22 H  N N 295 
THR HG23 H  N N 296 
THR HXT  H  N N 297 
TRP N    N  N N 298 
TRP CA   C  N S 299 
TRP C    C  N N 300 
TRP O    O  N N 301 
TRP CB   C  N N 302 
TRP CG   C  Y N 303 
TRP CD1  C  Y N 304 
TRP CD2  C  Y N 305 
TRP NE1  N  Y N 306 
TRP CE2  C  Y N 307 
TRP CE3  C  Y N 308 
TRP CZ2  C  Y N 309 
TRP CZ3  C  Y N 310 
TRP CH2  C  Y N 311 
TRP OXT  O  N N 312 
TRP H    H  N N 313 
TRP H2   H  N N 314 
TRP HA   H  N N 315 
TRP HB2  H  N N 316 
TRP HB3  H  N N 317 
TRP HD1  H  N N 318 
TRP HE1  H  N N 319 
TRP HE3  H  N N 320 
TRP HZ2  H  N N 321 
TRP HZ3  H  N N 322 
TRP HH2  H  N N 323 
TRP HXT  H  N N 324 
TYR N    N  N N 325 
TYR CA   C  N S 326 
TYR C    C  N N 327 
TYR O    O  N N 328 
TYR CB   C  N N 329 
TYR CG   C  Y N 330 
TYR CD1  C  Y N 331 
TYR CD2  C  Y N 332 
TYR CE1  C  Y N 333 
TYR CE2  C  Y N 334 
TYR CZ   C  Y N 335 
TYR OH   O  N N 336 
TYR OXT  O  N N 337 
TYR H    H  N N 338 
TYR H2   H  N N 339 
TYR HA   H  N N 340 
TYR HB2  H  N N 341 
TYR HB3  H  N N 342 
TYR HD1  H  N N 343 
TYR HD2  H  N N 344 
TYR HE1  H  N N 345 
TYR HE2  H  N N 346 
TYR HH   H  N N 347 
TYR HXT  H  N N 348 
VAL N    N  N N 349 
VAL CA   C  N S 350 
VAL C    C  N N 351 
VAL O    O  N N 352 
VAL CB   C  N N 353 
VAL CG1  C  N N 354 
VAL CG2  C  N N 355 
VAL OXT  O  N N 356 
VAL H    H  N N 357 
VAL H2   H  N N 358 
VAL HA   H  N N 359 
VAL HB   H  N N 360 
VAL HG11 H  N N 361 
VAL HG12 H  N N 362 
VAL HG13 H  N N 363 
VAL HG21 H  N N 364 
VAL HG22 H  N N 365 
VAL HG23 H  N N 366 
VAL HXT  H  N N 367 
# 
loop_
_chem_comp_bond.comp_id 
_chem_comp_bond.atom_id_1 
_chem_comp_bond.atom_id_2 
_chem_comp_bond.value_order 
_chem_comp_bond.pdbx_aromatic_flag 
_chem_comp_bond.pdbx_stereo_config 
_chem_comp_bond.pdbx_ordinal 
ALA N   CA   sing N N 1   
ALA N   H    sing N N 2   
ALA N   H2   sing N N 3   
ALA CA  C    sing N N 4   
ALA CA  CB   sing N N 5   
ALA CA  HA   sing N N 6   
ALA C   O    doub N N 7   
ALA C   OXT  sing N N 8   
ALA CB  HB1  sing N N 9   
ALA CB  HB2  sing N N 10  
ALA CB  HB3  sing N N 11  
ALA OXT HXT  sing N N 12  
ARG N   CA   sing N N 13  
ARG N   H    sing N N 14  
ARG N   H2   sing N N 15  
ARG CA  C    sing N N 16  
ARG CA  CB   sing N N 17  
ARG CA  HA   sing N N 18  
ARG C   O    doub N N 19  
ARG C   OXT  sing N N 20  
ARG CB  CG   sing N N 21  
ARG CB  HB2  sing N N 22  
ARG CB  HB3  sing N N 23  
ARG CG  CD   sing N N 24  
ARG CG  HG2  sing N N 25  
ARG CG  HG3  sing N N 26  
ARG CD  NE   sing N N 27  
ARG CD  HD2  sing N N 28  
ARG CD  HD3  sing N N 29  
ARG NE  CZ   sing N N 30  
ARG NE  HE   sing N N 31  
ARG CZ  NH1  sing N N 32  
ARG CZ  NH2  doub N N 33  
ARG NH1 HH11 sing N N 34  
ARG NH1 HH12 sing N N 35  
ARG NH2 HH21 sing N N 36  
ARG NH2 HH22 sing N N 37  
ARG OXT HXT  sing N N 38  
ASN N   CA   sing N N 39  
ASN N   H    sing N N 40  
ASN N   H2   sing N N 41  
ASN CA  C    sing N N 42  
ASN CA  CB   sing N N 43  
ASN CA  HA   sing N N 44  
ASN C   O    doub N N 45  
ASN C   OXT  sing N N 46  
ASN CB  CG   sing N N 47  
ASN CB  HB2  sing N N 48  
ASN CB  HB3  sing N N 49  
ASN CG  OD1  doub N N 50  
ASN CG  ND2  sing N N 51  
ASN ND2 HD21 sing N N 52  
ASN ND2 HD22 sing N N 53  
ASN OXT HXT  sing N N 54  
ASP N   CA   sing N N 55  
ASP N   H    sing N N 56  
ASP N   H2   sing N N 57  
ASP CA  C    sing N N 58  
ASP CA  CB   sing N N 59  
ASP CA  HA   sing N N 60  
ASP C   O    doub N N 61  
ASP C   OXT  sing N N 62  
ASP CB  CG   sing N N 63  
ASP CB  HB2  sing N N 64  
ASP CB  HB3  sing N N 65  
ASP CG  OD1  doub N N 66  
ASP CG  OD2  sing N N 67  
ASP OD2 HD2  sing N N 68  
ASP OXT HXT  sing N N 69  
EDO C1  O1   sing N N 70  
EDO C1  C2   sing N N 71  
EDO C1  H11  sing N N 72  
EDO C1  H12  sing N N 73  
EDO O1  HO1  sing N N 74  
EDO C2  O2   sing N N 75  
EDO C2  H21  sing N N 76  
EDO C2  H22  sing N N 77  
EDO O2  HO2  sing N N 78  
GLN N   CA   sing N N 79  
GLN N   H    sing N N 80  
GLN N   H2   sing N N 81  
GLN CA  C    sing N N 82  
GLN CA  CB   sing N N 83  
GLN CA  HA   sing N N 84  
GLN C   O    doub N N 85  
GLN C   OXT  sing N N 86  
GLN CB  CG   sing N N 87  
GLN CB  HB2  sing N N 88  
GLN CB  HB3  sing N N 89  
GLN CG  CD   sing N N 90  
GLN CG  HG2  sing N N 91  
GLN CG  HG3  sing N N 92  
GLN CD  OE1  doub N N 93  
GLN CD  NE2  sing N N 94  
GLN NE2 HE21 sing N N 95  
GLN NE2 HE22 sing N N 96  
GLN OXT HXT  sing N N 97  
GLU N   CA   sing N N 98  
GLU N   H    sing N N 99  
GLU N   H2   sing N N 100 
GLU CA  C    sing N N 101 
GLU CA  CB   sing N N 102 
GLU CA  HA   sing N N 103 
GLU C   O    doub N N 104 
GLU C   OXT  sing N N 105 
GLU CB  CG   sing N N 106 
GLU CB  HB2  sing N N 107 
GLU CB  HB3  sing N N 108 
GLU CG  CD   sing N N 109 
GLU CG  HG2  sing N N 110 
GLU CG  HG3  sing N N 111 
GLU CD  OE1  doub N N 112 
GLU CD  OE2  sing N N 113 
GLU OE2 HE2  sing N N 114 
GLU OXT HXT  sing N N 115 
GLY N   CA   sing N N 116 
GLY N   H    sing N N 117 
GLY N   H2   sing N N 118 
GLY CA  C    sing N N 119 
GLY CA  HA2  sing N N 120 
GLY CA  HA3  sing N N 121 
GLY C   O    doub N N 122 
GLY C   OXT  sing N N 123 
GLY OXT HXT  sing N N 124 
HIS N   CA   sing N N 125 
HIS N   H    sing N N 126 
HIS N   H2   sing N N 127 
HIS CA  C    sing N N 128 
HIS CA  CB   sing N N 129 
HIS CA  HA   sing N N 130 
HIS C   O    doub N N 131 
HIS C   OXT  sing N N 132 
HIS CB  CG   sing N N 133 
HIS CB  HB2  sing N N 134 
HIS CB  HB3  sing N N 135 
HIS CG  ND1  sing Y N 136 
HIS CG  CD2  doub Y N 137 
HIS ND1 CE1  doub Y N 138 
HIS ND1 HD1  sing N N 139 
HIS CD2 NE2  sing Y N 140 
HIS CD2 HD2  sing N N 141 
HIS CE1 NE2  sing Y N 142 
HIS CE1 HE1  sing N N 143 
HIS NE2 HE2  sing N N 144 
HIS OXT HXT  sing N N 145 
HOH O   H1   sing N N 146 
HOH O   H2   sing N N 147 
ILE N   CA   sing N N 148 
ILE N   H    sing N N 149 
ILE N   H2   sing N N 150 
ILE CA  C    sing N N 151 
ILE CA  CB   sing N N 152 
ILE CA  HA   sing N N 153 
ILE C   O    doub N N 154 
ILE C   OXT  sing N N 155 
ILE CB  CG1  sing N N 156 
ILE CB  CG2  sing N N 157 
ILE CB  HB   sing N N 158 
ILE CG1 CD1  sing N N 159 
ILE CG1 HG12 sing N N 160 
ILE CG1 HG13 sing N N 161 
ILE CG2 HG21 sing N N 162 
ILE CG2 HG22 sing N N 163 
ILE CG2 HG23 sing N N 164 
ILE CD1 HD11 sing N N 165 
ILE CD1 HD12 sing N N 166 
ILE CD1 HD13 sing N N 167 
ILE OXT HXT  sing N N 168 
LEU N   CA   sing N N 169 
LEU N   H    sing N N 170 
LEU N   H2   sing N N 171 
LEU CA  C    sing N N 172 
LEU CA  CB   sing N N 173 
LEU CA  HA   sing N N 174 
LEU C   O    doub N N 175 
LEU C   OXT  sing N N 176 
LEU CB  CG   sing N N 177 
LEU CB  HB2  sing N N 178 
LEU CB  HB3  sing N N 179 
LEU CG  CD1  sing N N 180 
LEU CG  CD2  sing N N 181 
LEU CG  HG   sing N N 182 
LEU CD1 HD11 sing N N 183 
LEU CD1 HD12 sing N N 184 
LEU CD1 HD13 sing N N 185 
LEU CD2 HD21 sing N N 186 
LEU CD2 HD22 sing N N 187 
LEU CD2 HD23 sing N N 188 
LEU OXT HXT  sing N N 189 
LYS N   CA   sing N N 190 
LYS N   H    sing N N 191 
LYS N   H2   sing N N 192 
LYS CA  C    sing N N 193 
LYS CA  CB   sing N N 194 
LYS CA  HA   sing N N 195 
LYS C   O    doub N N 196 
LYS C   OXT  sing N N 197 
LYS CB  CG   sing N N 198 
LYS CB  HB2  sing N N 199 
LYS CB  HB3  sing N N 200 
LYS CG  CD   sing N N 201 
LYS CG  HG2  sing N N 202 
LYS CG  HG3  sing N N 203 
LYS CD  CE   sing N N 204 
LYS CD  HD2  sing N N 205 
LYS CD  HD3  sing N N 206 
LYS CE  NZ   sing N N 207 
LYS CE  HE2  sing N N 208 
LYS CE  HE3  sing N N 209 
LYS NZ  HZ1  sing N N 210 
LYS NZ  HZ2  sing N N 211 
LYS NZ  HZ3  sing N N 212 
LYS OXT HXT  sing N N 213 
PHE N   CA   sing N N 214 
PHE N   H    sing N N 215 
PHE N   H2   sing N N 216 
PHE CA  C    sing N N 217 
PHE CA  CB   sing N N 218 
PHE CA  HA   sing N N 219 
PHE C   O    doub N N 220 
PHE C   OXT  sing N N 221 
PHE CB  CG   sing N N 222 
PHE CB  HB2  sing N N 223 
PHE CB  HB3  sing N N 224 
PHE CG  CD1  doub Y N 225 
PHE CG  CD2  sing Y N 226 
PHE CD1 CE1  sing Y N 227 
PHE CD1 HD1  sing N N 228 
PHE CD2 CE2  doub Y N 229 
PHE CD2 HD2  sing N N 230 
PHE CE1 CZ   doub Y N 231 
PHE CE1 HE1  sing N N 232 
PHE CE2 CZ   sing Y N 233 
PHE CE2 HE2  sing N N 234 
PHE CZ  HZ   sing N N 235 
PHE OXT HXT  sing N N 236 
PRO N   CA   sing N N 237 
PRO N   CD   sing N N 238 
PRO N   H    sing N N 239 
PRO CA  C    sing N N 240 
PRO CA  CB   sing N N 241 
PRO CA  HA   sing N N 242 
PRO C   O    doub N N 243 
PRO C   OXT  sing N N 244 
PRO CB  CG   sing N N 245 
PRO CB  HB2  sing N N 246 
PRO CB  HB3  sing N N 247 
PRO CG  CD   sing N N 248 
PRO CG  HG2  sing N N 249 
PRO CG  HG3  sing N N 250 
PRO CD  HD2  sing N N 251 
PRO CD  HD3  sing N N 252 
PRO OXT HXT  sing N N 253 
SER N   CA   sing N N 254 
SER N   H    sing N N 255 
SER N   H2   sing N N 256 
SER CA  C    sing N N 257 
SER CA  CB   sing N N 258 
SER CA  HA   sing N N 259 
SER C   O    doub N N 260 
SER C   OXT  sing N N 261 
SER CB  OG   sing N N 262 
SER CB  HB2  sing N N 263 
SER CB  HB3  sing N N 264 
SER OG  HG   sing N N 265 
SER OXT HXT  sing N N 266 
THR N   CA   sing N N 267 
THR N   H    sing N N 268 
THR N   H2   sing N N 269 
THR CA  C    sing N N 270 
THR CA  CB   sing N N 271 
THR CA  HA   sing N N 272 
THR C   O    doub N N 273 
THR C   OXT  sing N N 274 
THR CB  OG1  sing N N 275 
THR CB  CG2  sing N N 276 
THR CB  HB   sing N N 277 
THR OG1 HG1  sing N N 278 
THR CG2 HG21 sing N N 279 
THR CG2 HG22 sing N N 280 
THR CG2 HG23 sing N N 281 
THR OXT HXT  sing N N 282 
TRP N   CA   sing N N 283 
TRP N   H    sing N N 284 
TRP N   H2   sing N N 285 
TRP CA  C    sing N N 286 
TRP CA  CB   sing N N 287 
TRP CA  HA   sing N N 288 
TRP C   O    doub N N 289 
TRP C   OXT  sing N N 290 
TRP CB  CG   sing N N 291 
TRP CB  HB2  sing N N 292 
TRP CB  HB3  sing N N 293 
TRP CG  CD1  doub Y N 294 
TRP CG  CD2  sing Y N 295 
TRP CD1 NE1  sing Y N 296 
TRP CD1 HD1  sing N N 297 
TRP CD2 CE2  doub Y N 298 
TRP CD2 CE3  sing Y N 299 
TRP NE1 CE2  sing Y N 300 
TRP NE1 HE1  sing N N 301 
TRP CE2 CZ2  sing Y N 302 
TRP CE3 CZ3  doub Y N 303 
TRP CE3 HE3  sing N N 304 
TRP CZ2 CH2  doub Y N 305 
TRP CZ2 HZ2  sing N N 306 
TRP CZ3 CH2  sing Y N 307 
TRP CZ3 HZ3  sing N N 308 
TRP CH2 HH2  sing N N 309 
TRP OXT HXT  sing N N 310 
TYR N   CA   sing N N 311 
TYR N   H    sing N N 312 
TYR N   H2   sing N N 313 
TYR CA  C    sing N N 314 
TYR CA  CB   sing N N 315 
TYR CA  HA   sing N N 316 
TYR C   O    doub N N 317 
TYR C   OXT  sing N N 318 
TYR CB  CG   sing N N 319 
TYR CB  HB2  sing N N 320 
TYR CB  HB3  sing N N 321 
TYR CG  CD1  doub Y N 322 
TYR CG  CD2  sing Y N 323 
TYR CD1 CE1  sing Y N 324 
TYR CD1 HD1  sing N N 325 
TYR CD2 CE2  doub Y N 326 
TYR CD2 HD2  sing N N 327 
TYR CE1 CZ   doub Y N 328 
TYR CE1 HE1  sing N N 329 
TYR CE2 CZ   sing Y N 330 
TYR CE2 HE2  sing N N 331 
TYR CZ  OH   sing N N 332 
TYR OH  HH   sing N N 333 
TYR OXT HXT  sing N N 334 
VAL N   CA   sing N N 335 
VAL N   H    sing N N 336 
VAL N   H2   sing N N 337 
VAL CA  C    sing N N 338 
VAL CA  CB   sing N N 339 
VAL CA  HA   sing N N 340 
VAL C   O    doub N N 341 
VAL C   OXT  sing N N 342 
VAL CB  CG1  sing N N 343 
VAL CB  CG2  sing N N 344 
VAL CB  HB   sing N N 345 
VAL CG1 HG11 sing N N 346 
VAL CG1 HG12 sing N N 347 
VAL CG1 HG13 sing N N 348 
VAL CG2 HG21 sing N N 349 
VAL CG2 HG22 sing N N 350 
VAL CG2 HG23 sing N N 351 
VAL OXT HXT  sing N N 352 
# 
_atom_sites.entry_id                    2P3H 
_atom_sites.fract_transf_matrix[1][1]   -0.01782863 
_atom_sites.fract_transf_matrix[1][2]   -0.00685656 
_atom_sites.fract_transf_matrix[1][3]   0.00407275 
_atom_sites.fract_transf_matrix[2][1]   0.00651050 
_atom_sites.fract_transf_matrix[2][2]   -0.00675755 
_atom_sites.fract_transf_matrix[2][3]   0.01712348 
_atom_sites.fract_transf_matrix[3][1]   -0.00231526 
_atom_sites.fract_transf_matrix[3][2]   0.00854649 
_atom_sites.fract_transf_matrix[3][3]   0.00425304 
_atom_sites.fract_transf_vector[1]      -0.002973 
_atom_sites.fract_transf_vector[2]      -0.263598 
_atom_sites.fract_transf_vector[3]      0.077533 
# 
loop_
_atom_type.symbol 
BR 
C  
N  
O  
# 
loop_
_atom_site.group_PDB 
_atom_site.id 
_atom_site.type_symbol 
_atom_site.label_atom_id 
_atom_site.label_alt_id 
_atom_site.label_comp_id 
_atom_site.label_asym_id 
_atom_site.label_entity_id 
_atom_site.label_seq_id 
_atom_site.pdbx_PDB_ins_code 
_atom_site.Cartn_x 
_atom_site.Cartn_y 
_atom_site.Cartn_z 
_atom_site.occupancy 
_atom_site.B_iso_or_equiv 
_atom_site.pdbx_formal_charge 
_atom_site.auth_seq_id 
_atom_site.auth_comp_id 
_atom_site.auth_asym_id 
_atom_site.auth_atom_id 
_atom_site.pdbx_PDB_model_num 
ATOM   1    N  N   . GLU A 1 4   ? 0.086   -6.157  16.576  1.00 44.27 ? 5   GLU A N   1 
ATOM   2    C  CA  . GLU A 1 4   ? 0.715   -4.810  16.473  1.00 43.33 ? 5   GLU A CA  1 
ATOM   3    C  C   . GLU A 1 4   ? 0.040   -4.065  15.331  1.00 41.73 ? 5   GLU A C   1 
ATOM   4    O  O   . GLU A 1 4   ? -1.199  -4.047  15.224  1.00 42.99 ? 5   GLU A O   1 
ATOM   5    C  CB  . GLU A 1 4   ? 2.230   -4.901  16.209  1.00 43.96 ? 5   GLU A CB  1 
ATOM   6    C  CG  . GLU A 1 4   ? 2.854   -6.279  16.348  1.00 48.50 ? 5   GLU A CG  1 
ATOM   7    C  CD  . GLU A 1 4   ? 2.586   -7.181  15.152  1.00 52.15 ? 5   GLU A CD  1 
ATOM   8    O  OE1 . GLU A 1 4   ? 3.495   -7.317  14.302  1.00 55.06 ? 5   GLU A OE1 1 
ATOM   9    O  OE2 . GLU A 1 4   ? 1.468   -7.747  15.066  1.00 54.25 ? 5   GLU A OE2 1 
ATOM   10   N  N   A ASP A 1 5   ? 0.874   -3.490  14.466  0.50 40.86 ? 6   ASP A N   1 
ATOM   11   N  N   B ASP A 1 5   ? 0.839   -3.476  14.450  0.50 40.04 ? 6   ASP A N   1 
ATOM   12   C  CA  A ASP A 1 5   ? 0.461   -2.595  13.394  0.50 38.81 ? 6   ASP A CA  1 
ATOM   13   C  CA  B ASP A 1 5   ? 0.281   -2.567  13.468  0.50 37.25 ? 6   ASP A CA  1 
ATOM   14   C  C   A ASP A 1 5   ? -0.306  -3.265  12.259  0.50 37.27 ? 6   ASP A C   1 
ATOM   15   C  C   B ASP A 1 5   ? -0.213  -3.224  12.168  0.50 36.35 ? 6   ASP A C   1 
ATOM   16   O  O   A ASP A 1 5   ? -1.155  -2.631  11.636  0.50 36.28 ? 6   ASP A O   1 
ATOM   17   O  O   B ASP A 1 5   ? -0.810  -2.537  11.353  0.50 35.58 ? 6   ASP A O   1 
ATOM   18   C  CB  A ASP A 1 5   ? 1.705   -1.933  12.795  0.50 39.36 ? 6   ASP A CB  1 
ATOM   19   C  CB  B ASP A 1 5   ? 1.223   -1.369  13.215  0.50 36.75 ? 6   ASP A CB  1 
ATOM   20   C  CG  A ASP A 1 5   ? 2.027   -0.602  13.414  0.50 40.74 ? 6   ASP A CG  1 
ATOM   21   C  CG  B ASP A 1 5   ? 2.563   -1.762  12.583  0.50 35.28 ? 6   ASP A CG  1 
ATOM   22   O  OD1 A ASP A 1 5   ? 2.817   0.135   12.791  0.50 42.39 ? 6   ASP A OD1 1 
ATOM   23   O  OD1 B ASP A 1 5   ? 2.774   -2.930  12.197  0.50 34.62 ? 6   ASP A OD1 1 
ATOM   24   O  OD2 A ASP A 1 5   ? 1.514   -0.275  14.507  0.50 43.80 ? 6   ASP A OD2 1 
ATOM   25   O  OD2 B ASP A 1 5   ? 3.426   -0.875  12.445  0.50 34.69 ? 6   ASP A OD2 1 
ATOM   26   N  N   . ILE A 1 6   ? 0.008   -4.532  11.992  1.00 35.47 ? 7   ILE A N   1 
ATOM   27   C  CA  . ILE A 1 6   ? -0.467  -5.246  10.770  1.00 34.17 ? 7   ILE A CA  1 
ATOM   28   C  C   . ILE A 1 6   ? -1.062  -6.612  11.146  1.00 33.04 ? 7   ILE A C   1 
ATOM   29   O  O   . ILE A 1 6   ? -0.466  -7.346  11.931  1.00 31.52 ? 7   ILE A O   1 
ATOM   30   C  CB  . ILE A 1 6   ? 0.681   -5.485  9.748   1.00 34.70 ? 7   ILE A CB  1 
ATOM   31   C  CG1 . ILE A 1 6   ? 1.247   -4.156  9.212   1.00 34.09 ? 7   ILE A CG1 1 
ATOM   32   C  CG2 . ILE A 1 6   ? 0.202   -6.353  8.549   1.00 34.00 ? 7   ILE A CG2 1 
ATOM   33   C  CD1 . ILE A 1 6   ? 2.463   -4.324  8.299   1.00 33.94 ? 7   ILE A CD1 1 
ATOM   34   N  N   . THR A 1 7   ? -2.242  -6.910  10.605  1.00 32.33 ? 8   THR A N   1 
ATOM   35   C  CA  . THR A 1 7   ? -2.850  -8.232  10.745  1.00 33.05 ? 8   THR A CA  1 
ATOM   36   C  C   . THR A 1 7   ? -3.170  -8.745  9.346   1.00 33.29 ? 8   THR A C   1 
ATOM   37   O  O   . THR A 1 7   ? -3.904  -8.063  8.613   1.00 31.67 ? 8   THR A O   1 
ATOM   38   C  CB  . THR A 1 7   ? -4.198  -8.159  11.527  1.00 33.95 ? 8   THR A CB  1 
ATOM   39   O  OG1 . THR A 1 7   ? -4.012  -7.534  12.797  1.00 31.54 ? 8   THR A OG1 1 
ATOM   40   C  CG2 . THR A 1 7   ? -4.814  -9.538  11.709  1.00 33.15 ? 8   THR A CG2 1 
ATOM   41   N  N   . GLU A 1 8   ? -2.648  -9.924  8.976   1.00 33.82 ? 9   GLU A N   1 
ATOM   42   C  CA  . GLU A 1 8   ? -3.104  -10.557 7.712   1.00 34.59 ? 9   GLU A CA  1 
ATOM   43   C  C   . GLU A 1 8   ? -4.464  -11.158 8.025   1.00 33.20 ? 9   GLU A C   1 
ATOM   44   O  O   . GLU A 1 8   ? -4.568  -12.023 8.880   1.00 33.66 ? 9   GLU A O   1 
ATOM   45   C  CB  . GLU A 1 8   ? -2.153  -11.640 7.158   1.00 34.60 ? 9   GLU A CB  1 
ATOM   46   C  CG  . GLU A 1 8   ? -2.436  -11.938 5.635   1.00 36.10 ? 9   GLU A CG  1 
ATOM   47   C  CD  . GLU A 1 8   ? -1.503  -12.966 4.967   1.00 38.79 ? 9   GLU A CD  1 
ATOM   48   O  OE1 . GLU A 1 8   ? -0.721  -13.621 5.697   1.00 42.77 ? 9   GLU A OE1 1 
ATOM   49   O  OE2 . GLU A 1 8   ? -1.552  -13.098 3.698   1.00 42.66 ? 9   GLU A OE2 1 
ATOM   50   N  N   . THR A 1 9   ? -5.505  -10.676 7.351   1.00 32.19 ? 10  THR A N   1 
ATOM   51   C  CA  . THR A 1 9   ? -6.868  -11.077 7.701   1.00 30.95 ? 10  THR A CA  1 
ATOM   52   C  C   . THR A 1 9   ? -7.400  -12.224 6.838   1.00 30.93 ? 10  THR A C   1 
ATOM   53   O  O   . THR A 1 9   ? -8.247  -12.989 7.304   1.00 30.51 ? 10  THR A O   1 
ATOM   54   C  CB  . THR A 1 9   ? -7.823  -9.875  7.680   1.00 30.99 ? 10  THR A CB  1 
ATOM   55   O  OG1 . THR A 1 9   ? -7.757  -9.247  6.398   1.00 32.42 ? 10  THR A OG1 1 
ATOM   56   C  CG2 . THR A 1 9   ? -7.372  -8.818  8.741   1.00 32.07 ? 10  THR A CG2 1 
ATOM   57   N  N   . SER A 1 10  ? -6.909  -12.329 5.596   1.00 30.30 ? 11  SER A N   1 
ATOM   58   C  CA  . SER A 1 10  ? -7.132  -13.487 4.733   1.00 30.70 ? 11  SER A CA  1 
ATOM   59   C  C   . SER A 1 10  ? -5.964  -13.454 3.725   1.00 31.29 ? 11  SER A C   1 
ATOM   60   O  O   . SER A 1 10  ? -5.189  -12.481 3.738   1.00 31.86 ? 11  SER A O   1 
ATOM   61   C  CB  . SER A 1 10  ? -8.483  -13.382 3.997   1.00 30.86 ? 11  SER A CB  1 
ATOM   62   O  OG  . SER A 1 10  ? -8.432  -12.342 3.033   1.00 31.93 ? 11  SER A OG  1 
ATOM   63   N  N   . PRO A 1 11  ? -5.807  -14.498 2.891   1.00 30.75 ? 12  PRO A N   1 
ATOM   64   C  CA  . PRO A 1 11  ? -4.685  -14.467 1.951   1.00 31.26 ? 12  PRO A CA  1 
ATOM   65   C  C   . PRO A 1 11  ? -4.662  -13.202 1.115   1.00 31.73 ? 12  PRO A C   1 
ATOM   66   O  O   . PRO A 1 11  ? -5.685  -12.829 0.506   1.00 31.16 ? 12  PRO A O   1 
ATOM   67   C  CB  . PRO A 1 11  ? -4.908  -15.725 1.082   1.00 30.58 ? 12  PRO A CB  1 
ATOM   68   C  CG  . PRO A 1 11  ? -5.668  -16.660 2.015   1.00 31.35 ? 12  PRO A CG  1 
ATOM   69   C  CD  . PRO A 1 11  ? -6.575  -15.763 2.783   1.00 30.58 ? 12  PRO A CD  1 
ATOM   70   N  N   . ASP A 1 12  ? -3.528  -12.505 1.166   1.00 32.11 ? 13  ASP A N   1 
ATOM   71   C  CA  . ASP A 1 12  ? -3.313  -11.300 0.353   1.00 33.23 ? 13  ASP A CA  1 
ATOM   72   C  C   . ASP A 1 12  ? -4.235  -10.157 0.784   1.00 31.88 ? 13  ASP A C   1 
ATOM   73   O  O   . ASP A 1 12  ? -4.526  -9.262  -0.006  1.00 31.95 ? 13  ASP A O   1 
ATOM   74   C  CB  . ASP A 1 12  ? -3.505  -11.598 -1.155  1.00 33.88 ? 13  ASP A CB  1 
ATOM   75   C  CG  . ASP A 1 12  ? -2.432  -12.509 -1.717  1.00 39.55 ? 13  ASP A CG  1 
ATOM   76   O  OD1 . ASP A 1 12  ? -1.291  -12.495 -1.208  1.00 41.22 ? 13  ASP A OD1 1 
ATOM   77   O  OD2 . ASP A 1 12  ? -2.750  -13.247 -2.675  1.00 45.51 ? 13  ASP A OD2 1 
ATOM   78   N  N   . LYS A 1 13  ? -4.688  -10.176 2.044   1.00 30.42 ? 14  LYS A N   1 
ATOM   79   C  CA  . LYS A 1 13  ? -5.443  -9.041  2.596   1.00 30.43 ? 14  LYS A CA  1 
ATOM   80   C  C   . LYS A 1 13  ? -5.006  -8.750  4.031   1.00 29.47 ? 14  LYS A C   1 
ATOM   81   O  O   . LYS A 1 13  ? -4.685  -9.680  4.783   1.00 28.95 ? 14  LYS A O   1 
ATOM   82   C  CB  . LYS A 1 13  ? -6.958  -9.296  2.564   1.00 30.82 ? 14  LYS A CB  1 
ATOM   83   C  CG  . LYS A 1 13  ? -7.557  -9.342  1.140   1.00 33.12 ? 14  LYS A CG  1 
ATOM   84   C  CD  . LYS A 1 13  ? -9.086  -9.449  1.211   1.00 32.97 ? 14  LYS A CD  1 
ATOM   85   C  CE  . LYS A 1 13  ? -9.680  -9.688  -0.163  1.00 38.19 ? 14  LYS A CE  1 
ATOM   86   N  NZ  . LYS A 1 13  ? -11.194 -9.777  -0.058  1.00 40.12 ? 14  LYS A NZ  1 
ATOM   87   N  N   . TRP A 1 14  ? -4.980  -7.462  4.387   1.00 29.77 ? 15  TRP A N   1 
ATOM   88   C  CA  . TRP A 1 14  ? -4.489  -7.005  5.689   1.00 30.09 ? 15  TRP A CA  1 
ATOM   89   C  C   . TRP A 1 14  ? -5.345  -5.853  6.211   1.00 30.23 ? 15  TRP A C   1 
ATOM   90   O  O   . TRP A 1 14  ? -5.944  -5.086  5.446   1.00 29.77 ? 15  TRP A O   1 
ATOM   91   C  CB  . TRP A 1 14  ? -3.026  -6.507  5.601   1.00 29.97 ? 15  TRP A CB  1 
ATOM   92   C  CG  . TRP A 1 14  ? -2.074  -7.522  5.052   1.00 29.29 ? 15  TRP A CG  1 
ATOM   93   C  CD1 . TRP A 1 14  ? -1.252  -8.370  5.766   1.00 29.07 ? 15  TRP A CD1 1 
ATOM   94   C  CD2 . TRP A 1 14  ? -1.832  -7.790  3.663   1.00 30.25 ? 15  TRP A CD2 1 
ATOM   95   N  NE1 . TRP A 1 14  ? -0.536  -9.159  4.877   1.00 29.76 ? 15  TRP A NE1 1 
ATOM   96   C  CE2 . TRP A 1 14  ? -0.875  -8.805  3.591   1.00 30.76 ? 15  TRP A CE2 1 
ATOM   97   C  CE3 . TRP A 1 14  ? -2.351  -7.259  2.465   1.00 31.35 ? 15  TRP A CE3 1 
ATOM   98   C  CZ2 . TRP A 1 14  ? -0.424  -9.316  2.366   1.00 29.20 ? 15  TRP A CZ2 1 
ATOM   99   C  CZ3 . TRP A 1 14  ? -1.883  -7.766  1.253   1.00 29.74 ? 15  TRP A CZ3 1 
ATOM   100  C  CH2 . TRP A 1 14  ? -0.930  -8.774  1.221   1.00 29.81 ? 15  TRP A CH2 1 
ATOM   101  N  N   . LEU A 1 15  ? -5.410  -5.755  7.534   1.00 30.14 ? 16  LEU A N   1 
ATOM   102  C  CA  . LEU A 1 15  ? -5.915  -4.573  8.213   1.00 30.57 ? 16  LEU A CA  1 
ATOM   103  C  C   . LEU A 1 15  ? -4.683  -3.986  8.861   1.00 31.09 ? 16  LEU A C   1 
ATOM   104  O  O   . LEU A 1 15  ? -3.977  -4.704  9.590   1.00 31.29 ? 16  LEU A O   1 
ATOM   105  C  CB  . LEU A 1 15  ? -6.914  -4.986  9.324   1.00 30.25 ? 16  LEU A CB  1 
ATOM   106  C  CG  . LEU A 1 15  ? -7.427  -3.787  10.167  1.00 31.12 ? 16  LEU A CG  1 
ATOM   107  C  CD1 . LEU A 1 15  ? -8.215  -2.780  9.338   1.00 35.10 ? 16  LEU A CD1 1 
ATOM   108  C  CD2 . LEU A 1 15  ? -8.267  -4.295  11.366  1.00 31.50 ? 16  LEU A CD2 1 
ATOM   109  N  N   . ILE A 1 16  ? -4.404  -2.705  8.611   1.00 31.21 ? 17  ILE A N   1 
ATOM   110  C  CA  . ILE A 1 16  ? -3.207  -2.082  9.192   1.00 31.23 ? 17  ILE A CA  1 
ATOM   111  C  C   . ILE A 1 16  ? -3.519  -0.718  9.781   1.00 31.91 ? 17  ILE A C   1 
ATOM   112  O  O   . ILE A 1 16  ? -4.512  -0.078  9.415   1.00 31.78 ? 17  ILE A O   1 
ATOM   113  C  CB  . ILE A 1 16  ? -2.021  -1.978  8.175   1.00 31.13 ? 17  ILE A CB  1 
ATOM   114  C  CG1 . ILE A 1 16  ? -2.267  -0.851  7.156   1.00 31.45 ? 17  ILE A CG1 1 
ATOM   115  C  CG2 . ILE A 1 16  ? -1.801  -3.331  7.434   1.00 31.15 ? 17  ILE A CG2 1 
ATOM   116  C  CD1 . ILE A 1 16  ? -1.067  -0.607  6.195   1.00 32.04 ? 17  ILE A CD1 1 
ATOM   117  N  N   . ASP A 1 17  ? -2.667  -0.273  10.699  1.00 31.67 ? 18  ASP A N   1 
ATOM   118  C  CA  . ASP A 1 17  ? -2.755  1.078   11.254  1.00 31.84 ? 18  ASP A CA  1 
ATOM   119  C  C   . ASP A 1 17  ? -2.357  2.154   10.249  1.00 32.41 ? 18  ASP A C   1 
ATOM   120  O  O   . ASP A 1 17  ? -1.559  1.919   9.335   1.00 32.66 ? 18  ASP A O   1 
ATOM   121  C  CB  . ASP A 1 17  ? -1.870  1.190   12.491  1.00 31.23 ? 18  ASP A CB  1 
ATOM   122  C  CG  . ASP A 1 17  ? -2.392  0.369   13.643  1.00 34.87 ? 18  ASP A CG  1 
ATOM   123  O  OD1 . ASP A 1 17  ? -3.543  -0.104  13.564  1.00 37.23 ? 18  ASP A OD1 1 
ATOM   124  O  OD2 . ASP A 1 17  ? -1.653  0.195   14.632  1.00 34.51 ? 18  ASP A OD2 1 
ATOM   125  N  N   . GLY A 1 18  ? -2.891  3.348   10.456  1.00 33.83 ? 19  GLY A N   1 
ATOM   126  C  CA  . GLY A 1 18  ? -2.650  4.457   9.534   1.00 33.07 ? 19  GLY A CA  1 
ATOM   127  C  C   . GLY A 1 18  ? -1.216  4.941   9.535   1.00 33.72 ? 19  GLY A C   1 
ATOM   128  O  O   . GLY A 1 18  ? -0.775  5.545   8.549   1.00 34.20 ? 19  GLY A O   1 
ATOM   129  N  N   . ASP A 1 19  ? -0.489  4.680   10.622  1.00 32.93 ? 20  ASP A N   1 
ATOM   130  C  CA  . ASP A 1 19  ? 0.895   5.136   10.763  1.00 33.83 ? 20  ASP A CA  1 
ATOM   131  C  C   . ASP A 1 19  ? 1.915   4.020   10.560  1.00 33.39 ? 20  ASP A C   1 
ATOM   132  O  O   . ASP A 1 19  ? 3.092   4.148   10.913  1.00 32.63 ? 20  ASP A O   1 
ATOM   133  C  CB  . ASP A 1 19  ? 1.093   5.824   12.115  1.00 35.02 ? 20  ASP A CB  1 
ATOM   134  C  CG  . ASP A 1 19  ? 1.009   4.860   13.284  1.00 35.58 ? 20  ASP A CG  1 
ATOM   135  O  OD1 . ASP A 1 19  ? 0.647   3.676   13.094  1.00 38.27 ? 20  ASP A OD1 1 
ATOM   136  O  OD2 . ASP A 1 19  ? 1.320   5.299   14.409  1.00 37.60 ? 20  ASP A OD2 1 
ATOM   137  N  N   . THR A 1 20  ? 1.476   2.933   9.937   1.00 32.69 ? 21  THR A N   1 
ATOM   138  C  CA  . THR A 1 20  ? 2.379   1.814   9.679   1.00 32.69 ? 21  THR A CA  1 
ATOM   139  C  C   . THR A 1 20  ? 3.558   2.234   8.790   1.00 32.33 ? 21  THR A C   1 
ATOM   140  O  O   . THR A 1 20  ? 3.346   2.785   7.715   1.00 33.13 ? 21  THR A O   1 
ATOM   141  C  CB  . THR A 1 20  ? 1.625   0.659   9.000   1.00 31.54 ? 21  THR A CB  1 
ATOM   142  O  OG1 . THR A 1 20  ? 0.513   0.258   9.824   1.00 33.78 ? 21  THR A OG1 1 
ATOM   143  C  CG2 . THR A 1 20  ? 2.558   -0.540  8.807   1.00 31.14 ? 21  THR A CG2 1 
ATOM   144  N  N   . PRO A 1 21  ? 4.791   1.970   9.240   1.00 32.99 ? 22  PRO A N   1 
ATOM   145  C  CA  . PRO A 1 21  ? 5.960   2.306   8.427   1.00 32.98 ? 22  PRO A CA  1 
ATOM   146  C  C   . PRO A 1 21  ? 5.916   1.584   7.095   1.00 32.88 ? 22  PRO A C   1 
ATOM   147  O  O   . PRO A 1 21  ? 5.511   0.411   7.035   1.00 32.91 ? 22  PRO A O   1 
ATOM   148  C  CB  . PRO A 1 21  ? 7.120   1.798   9.284   1.00 32.62 ? 22  PRO A CB  1 
ATOM   149  C  CG  . PRO A 1 21  ? 6.577   1.917   10.740  1.00 33.78 ? 22  PRO A CG  1 
ATOM   150  C  CD  . PRO A 1 21  ? 5.184   1.411   10.561  1.00 33.25 ? 22  PRO A CD  1 
ATOM   151  N  N   . LEU A 1 22  ? 6.304   2.272   6.026   1.00 33.22 ? 23  LEU A N   1 
ATOM   152  C  CA  . LEU A 1 22  ? 6.263   1.666   4.707   1.00 34.48 ? 23  LEU A CA  1 
ATOM   153  C  C   . LEU A 1 22  ? 7.126   0.425   4.567   1.00 34.36 ? 23  LEU A C   1 
ATOM   154  O  O   . LEU A 1 22  ? 6.718   -0.531  3.910   1.00 34.70 ? 23  LEU A O   1 
ATOM   155  C  CB  . LEU A 1 22  ? 6.640   2.690   3.623   1.00 34.15 ? 23  LEU A CB  1 
ATOM   156  C  CG  . LEU A 1 22  ? 5.483   3.653   3.372   1.00 36.82 ? 23  LEU A CG  1 
ATOM   157  C  CD1 . LEU A 1 22  ? 5.940   4.831   2.531   1.00 37.17 ? 23  LEU A CD1 1 
ATOM   158  C  CD2 . LEU A 1 22  ? 4.283   2.945   2.710   1.00 38.33 ? 23  LEU A CD2 1 
ATOM   159  N  N   . ASP A 1 23  ? 8.313   0.408   5.172   1.00 34.72 ? 24  ASP A N   1 
ATOM   160  C  CA  . ASP A 1 23  ? 9.106   -0.834  5.049   1.00 35.14 ? 24  ASP A CA  1 
ATOM   161  C  C   . ASP A 1 23  ? 8.372   -2.072  5.579   1.00 34.30 ? 24  ASP A C   1 
ATOM   162  O  O   . ASP A 1 23  ? 8.535   -3.157  5.035   1.00 33.76 ? 24  ASP A O   1 
ATOM   163  C  CB  . ASP A 1 23  ? 10.543  -0.691  5.605   1.00 35.82 ? 24  ASP A CB  1 
ATOM   164  C  CG  . ASP A 1 23  ? 10.593  -0.378  7.087   1.00 39.14 ? 24  ASP A CG  1 
ATOM   165  O  OD1 . ASP A 1 23  ? 9.576   0.015   7.704   1.00 41.82 ? 24  ASP A OD1 1 
ATOM   166  O  OD2 . ASP A 1 23  ? 11.699  -0.524  7.650   1.00 43.62 ? 24  ASP A OD2 1 
ATOM   167  N  N   A GLU A 1 24  ? 7.598   -1.869  6.647   0.50 34.44 ? 25  GLU A N   1 
ATOM   168  N  N   B GLU A 1 24  ? 7.584   -1.903  6.646   0.50 34.31 ? 25  GLU A N   1 
ATOM   169  C  CA  A GLU A 1 24  ? 6.784   -2.888  7.302   0.50 34.44 ? 25  GLU A CA  1 
ATOM   170  C  CA  B GLU A 1 24  ? 6.827   -3.005  7.255   0.50 34.18 ? 25  GLU A CA  1 
ATOM   171  C  C   A GLU A 1 24  ? 5.680   -3.402  6.371   0.50 34.08 ? 25  GLU A C   1 
ATOM   172  C  C   B GLU A 1 24  ? 5.625   -3.430  6.389   0.50 33.93 ? 25  GLU A C   1 
ATOM   173  O  O   A GLU A 1 24  ? 5.483   -4.613  6.227   0.50 34.03 ? 25  GLU A O   1 
ATOM   174  O  O   B GLU A 1 24  ? 5.297   -4.616  6.310   0.50 33.90 ? 25  GLU A O   1 
ATOM   175  C  CB  A GLU A 1 24  ? 6.176   -2.273  8.572   0.50 35.28 ? 25  GLU A CB  1 
ATOM   176  C  CB  B GLU A 1 24  ? 6.381   -2.644  8.687   0.50 34.99 ? 25  GLU A CB  1 
ATOM   177  C  CG  A GLU A 1 24  ? 5.826   -3.243  9.680   0.50 37.31 ? 25  GLU A CG  1 
ATOM   178  C  CG  B GLU A 1 24  ? 6.500   -3.796  9.707   0.50 36.31 ? 25  GLU A CG  1 
ATOM   179  C  CD  A GLU A 1 24  ? 5.865   -2.585  11.056  0.50 39.71 ? 25  GLU A CD  1 
ATOM   180  C  CD  B GLU A 1 24  ? 5.373   -3.820  10.747  0.50 37.86 ? 25  GLU A CD  1 
ATOM   181  O  OE1 A GLU A 1 24  ? 6.962   -2.154  11.492  0.50 41.65 ? 25  GLU A OE1 1 
ATOM   182  O  OE1 B GLU A 1 24  ? 5.281   -4.808  11.510  0.50 36.23 ? 25  GLU A OE1 1 
ATOM   183  O  OE2 A GLU A 1 24  ? 4.795   -2.502  11.708  0.50 39.80 ? 25  GLU A OE2 1 
ATOM   184  O  OE2 B GLU A 1 24  ? 4.575   -2.854  10.808  0.50 39.56 ? 25  GLU A OE2 1 
ATOM   185  N  N   . VAL A 1 25  ? 4.974   -2.471  5.738   1.00 33.10 ? 26  VAL A N   1 
ATOM   186  C  CA  . VAL A 1 25  ? 3.945   -2.803  4.734   1.00 32.36 ? 26  VAL A CA  1 
ATOM   187  C  C   . VAL A 1 25  ? 4.580   -3.605  3.584   1.00 32.24 ? 26  VAL A C   1 
ATOM   188  O  O   . VAL A 1 25  ? 4.017   -4.602  3.124   1.00 32.36 ? 26  VAL A O   1 
ATOM   189  C  CB  . VAL A 1 25  ? 3.246   -1.533  4.171   1.00 32.50 ? 26  VAL A CB  1 
ATOM   190  C  CG1 . VAL A 1 25  ? 2.228   -1.920  3.085   1.00 31.48 ? 26  VAL A CG1 1 
ATOM   191  C  CG2 . VAL A 1 25  ? 2.538   -0.755  5.307   1.00 32.13 ? 26  VAL A CG2 1 
ATOM   192  N  N   . GLU A 1 26  ? 5.710   -3.124  3.065   1.00 32.07 ? 27  GLU A N   1 
ATOM   193  C  CA  . GLU A 1 26  ? 6.399   -3.840  1.986   1.00 32.00 ? 27  GLU A CA  1 
ATOM   194  C  C   . GLU A 1 26  ? 6.755   -5.286  2.359   1.00 32.72 ? 27  GLU A C   1 
ATOM   195  O  O   . GLU A 1 26  ? 6.561   -6.206  1.564   1.00 31.86 ? 27  GLU A O   1 
ATOM   196  C  CB  . GLU A 1 26  ? 7.641   -3.061  1.540   1.00 32.99 ? 27  GLU A CB  1 
ATOM   197  C  CG  . GLU A 1 26  ? 7.309   -1.709  0.935   1.00 32.92 ? 27  GLU A CG  1 
ATOM   198  C  CD  . GLU A 1 26  ? 8.555   -0.916  0.591   1.00 35.29 ? 27  GLU A CD  1 
ATOM   199  O  OE1 . GLU A 1 26  ? 9.632   -1.180  1.182   1.00 37.29 ? 27  GLU A OE1 1 
ATOM   200  O  OE2 . GLU A 1 26  ? 8.462   -0.034  -0.284  1.00 35.53 ? 27  GLU A OE2 1 
ATOM   201  N  N   . ARG A 1 27  ? 7.267   -5.491  3.578   1.00 33.20 ? 28  ARG A N   1 
ATOM   202  C  CA  . ARG A 1 27  ? 7.608   -6.827  4.061   1.00 35.02 ? 28  ARG A CA  1 
ATOM   203  C  C   . ARG A 1 27  ? 6.349   -7.712  4.091   1.00 34.28 ? 28  ARG A C   1 
ATOM   204  O  O   . ARG A 1 27  ? 6.387   -8.895  3.696   1.00 35.21 ? 28  ARG A O   1 
ATOM   205  C  CB  . ARG A 1 27  ? 8.244   -6.716  5.468   1.00 34.57 ? 28  ARG A CB  1 
ATOM   206  C  CG  . ARG A 1 27  ? 9.318   -7.730  5.803   1.00 39.44 ? 28  ARG A CG  1 
ATOM   207  C  CD  . ARG A 1 27  ? 10.463  -7.137  6.734   1.00 38.66 ? 28  ARG A CD  1 
ATOM   208  N  NE  . ARG A 1 27  ? 10.003  -6.229  7.821   1.00 45.96 ? 28  ARG A NE  1 
ATOM   209  C  CZ  . ARG A 1 27  ? 10.380  -4.949  8.004   1.00 43.66 ? 28  ARG A CZ  1 
ATOM   210  N  NH1 . ARG A 1 27  ? 11.231  -4.342  7.192   1.00 46.07 ? 28  ARG A NH1 1 
ATOM   211  N  NH2 . ARG A 1 27  ? 9.893   -4.257  9.009   1.00 43.30 ? 28  ARG A NH2 1 
ATOM   212  N  N   . ALA A 1 28  ? 5.230   -7.141  4.535   1.00 33.02 ? 29  ALA A N   1 
ATOM   213  C  CA  . ALA A 1 28  ? 3.967   -7.887  4.660   1.00 32.78 ? 29  ALA A CA  1 
ATOM   214  C  C   . ALA A 1 28  ? 3.408   -8.306  3.315   1.00 32.62 ? 29  ALA A C   1 
ATOM   215  O  O   . ALA A 1 28  ? 3.016   -9.454  3.128   1.00 33.20 ? 29  ALA A O   1 
ATOM   216  C  CB  . ALA A 1 28  ? 2.914   -7.059  5.419   1.00 32.97 ? 29  ALA A CB  1 
ATOM   217  N  N   . ILE A 1 29  ? 3.389   -7.378  2.369   1.00 32.08 ? 30  ILE A N   1 
ATOM   218  C  CA  . ILE A 1 29  ? 2.726   -7.645  1.097   1.00 33.37 ? 30  ILE A CA  1 
ATOM   219  C  C   . ILE A 1 29  ? 3.655   -8.317  0.075   1.00 33.82 ? 30  ILE A C   1 
ATOM   220  O  O   . ILE A 1 29  ? 3.175   -8.849  -0.942  1.00 34.36 ? 30  ILE A O   1 
ATOM   221  C  CB  . ILE A 1 29  ? 2.087   -6.379  0.519   1.00 32.75 ? 30  ILE A CB  1 
ATOM   222  C  CG1 . ILE A 1 29  ? 3.153   -5.412  -0.012  1.00 33.56 ? 30  ILE A CG1 1 
ATOM   223  C  CG2 . ILE A 1 29  ? 1.207   -5.680  1.610   1.00 34.69 ? 30  ILE A CG2 1 
ATOM   224  C  CD1 . ILE A 1 29  ? 2.559   -4.103  -0.540  1.00 33.48 ? 30  ILE A CD1 1 
ATOM   225  N  N   . GLY A 1 30  ? 4.959   -8.291  0.354   1.00 34.13 ? 31  GLY A N   1 
ATOM   226  C  CA  . GLY A 1 30  ? 5.957   -8.952  -0.517  1.00 34.90 ? 31  GLY A CA  1 
ATOM   227  C  C   . GLY A 1 30  ? 6.373   -8.169  -1.762  1.00 35.23 ? 31  GLY A C   1 
ATOM   228  O  O   . GLY A 1 30  ? 6.976   -8.736  -2.686  1.00 36.18 ? 31  GLY A O   1 
ATOM   229  N  N   . TYR A 1 31  ? 6.078   -6.873  -1.785  1.00 34.60 ? 32  TYR A N   1 
ATOM   230  C  CA  A TYR A 1 31  ? 6.354   -5.979  -2.919  0.50 34.38 ? 32  TYR A CA  1 
ATOM   231  C  CA  B TYR A 1 31  ? 6.530   -6.025  -2.873  0.50 34.35 ? 32  TYR A CA  1 
ATOM   232  C  C   . TYR A 1 31  ? 6.817   -4.629  -2.375  1.00 34.13 ? 32  TYR A C   1 
ATOM   233  O  O   . TYR A 1 31  ? 6.321   -4.206  -1.344  1.00 34.62 ? 32  TYR A O   1 
ATOM   234  C  CB  A TYR A 1 31  ? 5.066   -5.686  -3.694  0.50 34.58 ? 32  TYR A CB  1 
ATOM   235  C  CB  B TYR A 1 31  ? 5.530   -6.027  -4.035  0.50 34.46 ? 32  TYR A CB  1 
ATOM   236  C  CG  A TYR A 1 31  ? 4.530   -6.767  -4.604  0.50 35.16 ? 32  TYR A CG  1 
ATOM   237  C  CG  B TYR A 1 31  ? 5.353   -7.421  -4.590  0.50 34.70 ? 32  TYR A CG  1 
ATOM   238  C  CD1 A TYR A 1 31  ? 3.615   -7.709  -4.141  0.50 34.32 ? 32  TYR A CD1 1 
ATOM   239  C  CD1 B TYR A 1 31  ? 6.303   -7.970  -5.463  0.50 35.90 ? 32  TYR A CD1 1 
ATOM   240  C  CD2 A TYR A 1 31  ? 4.885   -6.799  -5.954  0.50 35.37 ? 32  TYR A CD2 1 
ATOM   241  C  CD2 B TYR A 1 31  ? 4.282   -8.219  -4.187  0.50 35.43 ? 32  TYR A CD2 1 
ATOM   242  C  CE1 A TYR A 1 31  ? 3.096   -8.698  -5.009  0.50 35.49 ? 32  TYR A CE1 1 
ATOM   243  C  CE1 B TYR A 1 31  ? 6.171   -9.267  -5.942  0.50 35.87 ? 32  TYR A CE1 1 
ATOM   244  C  CE2 A TYR A 1 31  ? 4.374   -7.769  -6.820  0.50 36.34 ? 32  TYR A CE2 1 
ATOM   245  C  CE2 B TYR A 1 31  ? 4.137   -9.519  -4.666  0.50 34.60 ? 32  TYR A CE2 1 
ATOM   246  C  CZ  A TYR A 1 31  ? 3.484   -8.708  -6.342  0.50 35.90 ? 32  TYR A CZ  1 
ATOM   247  C  CZ  B TYR A 1 31  ? 5.081   -10.030 -5.536  0.50 35.55 ? 32  TYR A CZ  1 
ATOM   248  O  OH  A TYR A 1 31  ? 3.000   -9.652  -7.207  0.50 36.83 ? 32  TYR A OH  1 
ATOM   249  O  OH  B TYR A 1 31  ? 4.946   -11.312 -5.999  0.50 35.90 ? 32  TYR A OH  1 
ATOM   250  N  N   . GLU A 1 32  ? 7.662   -3.922  -3.117  1.00 33.43 ? 33  GLU A N   1 
ATOM   251  C  CA  . GLU A 1 32  ? 7.981   -2.537  -2.789  1.00 32.93 ? 33  GLU A CA  1 
ATOM   252  C  C   . GLU A 1 32  ? 6.939   -1.558  -3.306  1.00 32.85 ? 33  GLU A C   1 
ATOM   253  O  O   . GLU A 1 32  ? 6.346   -1.740  -4.365  1.00 32.25 ? 33  GLU A O   1 
ATOM   254  C  CB  . GLU A 1 32  ? 9.372   -2.181  -3.287  1.00 33.27 ? 33  GLU A CB  1 
ATOM   255  C  CG  . GLU A 1 32  ? 10.428  -3.004  -2.555  1.00 35.44 ? 33  GLU A CG  1 
ATOM   256  C  CD  . GLU A 1 32  ? 11.843  -2.523  -2.755  1.00 39.26 ? 33  GLU A CD  1 
ATOM   257  O  OE1 . GLU A 1 32  ? 12.105  -1.307  -2.592  1.00 43.65 ? 33  GLU A OE1 1 
ATOM   258  O  OE2 . GLU A 1 32  ? 12.704  -3.382  -3.027  1.00 39.98 ? 33  GLU A OE2 1 
ATOM   259  N  N   . LEU A 1 33  ? 6.727   -0.513  -2.513  1.00 32.19 ? 34  LEU A N   1 
ATOM   260  C  CA  . LEU A 1 33  ? 5.843   0.577   -2.861  1.00 32.76 ? 34  LEU A CA  1 
ATOM   261  C  C   . LEU A 1 33  ? 6.642   1.769   -3.384  1.00 33.34 ? 34  LEU A C   1 
ATOM   262  O  O   . LEU A 1 33  ? 7.839   1.844   -3.133  1.00 33.13 ? 34  LEU A O   1 
ATOM   263  C  CB  . LEU A 1 33  ? 5.034   0.973   -1.618  1.00 31.88 ? 34  LEU A CB  1 
ATOM   264  C  CG  . LEU A 1 33  ? 3.840   0.033   -1.324  1.00 34.42 ? 34  LEU A CG  1 
ATOM   265  C  CD1 . LEU A 1 33  ? 3.511   0.076   0.182   1.00 38.21 ? 34  LEU A CD1 1 
ATOM   266  C  CD2 . LEU A 1 33  ? 2.658   0.402   -2.188  1.00 35.82 ? 34  LEU A CD2 1 
ATOM   267  N  N   . PRO A 1 34  ? 5.996   2.690   -4.127  1.00 34.68 ? 35  PRO A N   1 
ATOM   268  C  CA  . PRO A 1 34  ? 6.702   3.921   -4.549  1.00 35.73 ? 35  PRO A CA  1 
ATOM   269  C  C   . PRO A 1 34  ? 7.298   4.700   -3.366  1.00 36.70 ? 35  PRO A C   1 
ATOM   270  O  O   . PRO A 1 34  ? 6.691   4.763   -2.311  1.00 37.35 ? 35  PRO A O   1 
ATOM   271  C  CB  . PRO A 1 34  ? 5.612   4.745   -5.231  1.00 36.20 ? 35  PRO A CB  1 
ATOM   272  C  CG  . PRO A 1 34  ? 4.528   3.768   -5.591  1.00 36.84 ? 35  PRO A CG  1 
ATOM   273  C  CD  . PRO A 1 34  ? 4.617   2.613   -4.660  1.00 34.67 ? 35  PRO A CD  1 
ATOM   274  N  N   . GLU A 1 35  ? 8.501   5.248   -3.527  1.00 36.99 ? 36  GLU A N   1 
ATOM   275  C  CA  . GLU A 1 35  ? 9.131   6.022   -2.469  1.00 38.45 ? 36  GLU A CA  1 
ATOM   276  C  C   . GLU A 1 35  ? 8.969   7.486   -2.775  1.00 38.15 ? 36  GLU A C   1 
ATOM   277  O  O   . GLU A 1 35  ? 8.825   7.880   -3.936  1.00 38.06 ? 36  GLU A O   1 
ATOM   278  C  CB  . GLU A 1 35  ? 10.620  5.674   -2.331  1.00 38.96 ? 36  GLU A CB  1 
ATOM   279  C  CG  . GLU A 1 35  ? 10.825  4.203   -2.074  1.00 42.77 ? 36  GLU A CG  1 
ATOM   280  C  CD  . GLU A 1 35  ? 12.086  3.880   -1.307  1.00 47.42 ? 36  GLU A CD  1 
ATOM   281  O  OE1 . GLU A 1 35  ? 13.081  4.634   -1.410  1.00 49.24 ? 36  GLU A OE1 1 
ATOM   282  O  OE2 . GLU A 1 35  ? 12.077  2.847   -0.602  1.00 49.52 ? 36  GLU A OE2 1 
ATOM   283  N  N   . GLY A 1 36  ? 8.980   8.297   -1.731  1.00 38.09 ? 37  GLY A N   1 
ATOM   284  C  CA  . GLY A 1 36  ? 8.768   9.724   -1.893  1.00 37.70 ? 37  GLY A CA  1 
ATOM   285  C  C   . GLY A 1 36  ? 8.998   10.444  -0.598  1.00 38.05 ? 37  GLY A C   1 
ATOM   286  O  O   . GLY A 1 36  ? 9.699   9.949   0.285   1.00 37.90 ? 37  GLY A O   1 
ATOM   287  N  N   . ASP A 1 37  ? 8.405   11.623  -0.479  1.00 37.86 ? 38  ASP A N   1 
ATOM   288  C  CA  . ASP A 1 37  ? 8.568   12.433  0.715   1.00 38.25 ? 38  ASP A CA  1 
ATOM   289  C  C   . ASP A 1 37  ? 7.556   11.980  1.767   1.00 37.37 ? 38  ASP A C   1 
ATOM   290  O  O   . ASP A 1 37  ? 6.609   12.710  2.098   1.00 37.74 ? 38  ASP A O   1 
ATOM   291  C  CB  . ASP A 1 37  ? 8.393   13.912  0.354   1.00 38.17 ? 38  ASP A CB  1 
ATOM   292  C  CG  . ASP A 1 37  ? 8.757   14.852  1.492   1.00 41.06 ? 38  ASP A CG  1 
ATOM   293  O  OD1 . ASP A 1 37  ? 9.439   14.433  2.460   1.00 41.65 ? 38  ASP A OD1 1 
ATOM   294  O  OD2 . ASP A 1 37  ? 8.353   16.035  1.406   1.00 43.73 ? 38  ASP A OD2 1 
ATOM   295  N  N   . TYR A 1 38  ? 7.750   10.766  2.287   1.00 35.76 ? 39  TYR A N   1 
ATOM   296  C  CA  . TYR A 1 38  ? 6.843   10.173  3.276   1.00 35.23 ? 39  TYR A CA  1 
ATOM   297  C  C   . TYR A 1 38  ? 7.467   8.890   3.794   1.00 34.66 ? 39  TYR A C   1 
ATOM   298  O  O   . TYR A 1 38  ? 8.365   8.333   3.135   1.00 34.75 ? 39  TYR A O   1 
ATOM   299  C  CB  . TYR A 1 38  ? 5.452   9.888   2.664   1.00 35.96 ? 39  TYR A CB  1 
ATOM   300  C  CG  . TYR A 1 38  ? 5.519   9.263   1.286   1.00 35.45 ? 39  TYR A CG  1 
ATOM   301  C  CD1 . TYR A 1 38  ? 5.839   7.920   1.135   1.00 36.36 ? 39  TYR A CD1 1 
ATOM   302  C  CD2 . TYR A 1 38  ? 5.300   10.031  0.129   1.00 36.11 ? 39  TYR A CD2 1 
ATOM   303  C  CE1 . TYR A 1 38  ? 5.931   7.335   -0.136  1.00 35.19 ? 39  TYR A CE1 1 
ATOM   304  C  CE2 . TYR A 1 38  ? 5.382   9.451   -1.154  1.00 36.70 ? 39  TYR A CE2 1 
ATOM   305  C  CZ  . TYR A 1 38  ? 5.704   8.099   -1.266  1.00 38.18 ? 39  TYR A CZ  1 
ATOM   306  O  OH  . TYR A 1 38  ? 5.790   7.489   -2.500  1.00 37.00 ? 39  TYR A OH  1 
ATOM   307  N  N   . GLU A 1 39  ? 7.006   8.422   4.954   1.00 33.84 ? 40  GLU A N   1 
ATOM   308  C  CA  A GLU A 1 39  ? 7.569   7.205   5.545   0.50 33.58 ? 40  GLU A CA  1 
ATOM   309  C  CA  B GLU A 1 39  ? 7.572   7.256   5.641   0.50 34.18 ? 40  GLU A CA  1 
ATOM   310  C  C   . GLU A 1 39  ? 6.516   6.238   6.086   1.00 33.45 ? 40  GLU A C   1 
ATOM   311  O  O   . GLU A 1 39  ? 6.841   5.094   6.418   1.00 34.10 ? 40  GLU A O   1 
ATOM   312  C  CB  A GLU A 1 39  ? 8.620   7.540   6.618   0.50 33.77 ? 40  GLU A CB  1 
ATOM   313  C  CB  B GLU A 1 39  ? 8.385   7.713   6.865   0.50 34.47 ? 40  GLU A CB  1 
ATOM   314  C  CG  A GLU A 1 39  ? 8.059   8.177   7.870   0.50 31.80 ? 40  GLU A CG  1 
ATOM   315  C  CG  B GLU A 1 39  ? 9.717   8.348   6.507   0.50 36.66 ? 40  GLU A CG  1 
ATOM   316  C  CD  A GLU A 1 39  ? 9.121   8.502   8.909   0.50 34.05 ? 40  GLU A CD  1 
ATOM   317  C  CD  B GLU A 1 39  ? 10.700  8.367   7.659   0.50 38.82 ? 40  GLU A CD  1 
ATOM   318  O  OE1 A GLU A 1 39  ? 10.195  9.022   8.541   0.50 32.49 ? 40  GLU A OE1 1 
ATOM   319  O  OE1 B GLU A 1 39  ? 10.450  7.691   8.685   0.50 40.05 ? 40  GLU A OE1 1 
ATOM   320  O  OE2 A GLU A 1 39  ? 8.860   8.247   10.105  0.50 33.23 ? 40  GLU A OE2 1 
ATOM   321  O  OE2 B GLU A 1 39  ? 11.736  9.059   7.527   0.50 40.56 ? 40  GLU A OE2 1 
ATOM   322  N  N   . THR A 1 40  ? 5.255   6.664   6.134   1.00 33.11 ? 41  THR A N   1 
ATOM   323  C  CA  . THR A 1 40  ? 4.166   5.785   6.574   1.00 32.19 ? 41  THR A CA  1 
ATOM   324  C  C   . THR A 1 40  ? 3.161   5.558   5.472   1.00 32.25 ? 41  THR A C   1 
ATOM   325  O  O   . THR A 1 40  ? 3.100   6.327   4.499   1.00 31.21 ? 41  THR A O   1 
ATOM   326  C  CB  . THR A 1 40  ? 3.368   6.312   7.811   1.00 32.97 ? 41  THR A CB  1 
ATOM   327  O  OG1 . THR A 1 40  ? 2.571   7.450   7.451   1.00 32.95 ? 41  THR A OG1 1 
ATOM   328  C  CG2 . THR A 1 40  ? 4.279   6.649   8.989   1.00 34.43 ? 41  THR A CG2 1 
ATOM   329  N  N   . ILE A 1 41  ? 2.348   4.524   5.655   1.00 32.05 ? 42  ILE A N   1 
ATOM   330  C  CA  . ILE A 1 41  ? 1.286   4.227   4.682   1.00 32.69 ? 42  ILE A CA  1 
ATOM   331  C  C   . ILE A 1 41  ? 0.390   5.458   4.418   1.00 33.12 ? 42  ILE A C   1 
ATOM   332  O  O   . ILE A 1 41  ? 0.102   5.776   3.254   1.00 33.34 ? 42  ILE A O   1 
ATOM   333  C  CB  . ILE A 1 41  ? 0.493   2.936   5.059   1.00 32.98 ? 42  ILE A CB  1 
ATOM   334  C  CG1 . ILE A 1 41  ? -0.456  2.543   3.925   1.00 32.40 ? 42  ILE A CG1 1 
ATOM   335  C  CG2 . ILE A 1 41  ? -0.298  3.117   6.346   1.00 33.10 ? 42  ILE A CG2 1 
ATOM   336  C  CD1 . ILE A 1 41  ? 0.265   2.310   2.518   1.00 34.52 ? 42  ILE A CD1 1 
ATOM   337  N  N   . SER A 1 42  ? -0.016  6.179   5.470   1.00 32.63 ? 43  SER A N   1 
ATOM   338  C  CA  . SER A 1 42  ? -0.875  7.362   5.241   1.00 32.77 ? 43  SER A CA  1 
ATOM   339  C  C   . SER A 1 42  ? -0.166  8.462   4.478   1.00 33.16 ? 43  SER A C   1 
ATOM   340  O  O   . SER A 1 42  ? -0.770  9.147   3.647   1.00 32.70 ? 43  SER A O   1 
ATOM   341  C  CB  . SER A 1 42  ? -1.468  7.887   6.551   1.00 33.21 ? 43  SER A CB  1 
ATOM   342  O  OG  . SER A 1 42  ? -2.438  6.966   7.004   1.00 34.27 ? 43  SER A OG  1 
ATOM   343  N  N   . GLY A 1 43  ? 1.126   8.632   4.755   1.00 32.51 ? 44  GLY A N   1 
ATOM   344  C  CA  . GLY A 1 43  ? 1.918   9.632   4.046   1.00 33.43 ? 44  GLY A CA  1 
ATOM   345  C  C   . GLY A 1 43  ? 1.904   9.340   2.550   1.00 33.22 ? 44  GLY A C   1 
ATOM   346  O  O   . GLY A 1 43  ? 1.785   10.267  1.722   1.00 33.47 ? 44  GLY A O   1 
ATOM   347  N  N   . LEU A 1 44  ? 2.049   8.062   2.204   1.00 32.71 ? 45  LEU A N   1 
ATOM   348  C  CA  A LEU A 1 44  ? 1.990   7.632   0.792   0.50 32.66 ? 45  LEU A CA  1 
ATOM   349  C  CA  B LEU A 1 44  ? 1.999   7.645   0.791   0.50 33.57 ? 45  LEU A CA  1 
ATOM   350  C  C   . LEU A 1 44  ? 0.622   7.964   0.189   1.00 33.11 ? 45  LEU A C   1 
ATOM   351  O  O   . LEU A 1 44  ? 0.523   8.495   -0.919  1.00 33.75 ? 45  LEU A O   1 
ATOM   352  C  CB  A LEU A 1 44  ? 2.271   6.125   0.693   0.50 31.83 ? 45  LEU A CB  1 
ATOM   353  C  CB  B LEU A 1 44  ? 2.317   6.146   0.671   0.50 32.88 ? 45  LEU A CB  1 
ATOM   354  C  CG  A LEU A 1 44  ? 1.988   5.412   -0.638  0.50 31.38 ? 45  LEU A CG  1 
ATOM   355  C  CG  B LEU A 1 44  ? 2.760   5.623   -0.704  0.50 34.35 ? 45  LEU A CG  1 
ATOM   356  C  CD1 A LEU A 1 44  ? 2.890   5.943   -1.769  0.50 30.44 ? 45  LEU A CD1 1 
ATOM   357  C  CD1 B LEU A 1 44  ? 3.189   4.179   -0.625  0.50 33.02 ? 45  LEU A CD1 1 
ATOM   358  C  CD2 A LEU A 1 44  ? 2.163   3.926   -0.458  0.50 30.48 ? 45  LEU A CD2 1 
ATOM   359  C  CD2 B LEU A 1 44  ? 1.667   5.761   -1.726  0.50 36.50 ? 45  LEU A CD2 1 
ATOM   360  N  N   . LEU A 1 45  ? -0.436  7.615   0.922   1.00 34.79 ? 46  LEU A N   1 
ATOM   361  C  CA  . LEU A 1 45  ? -1.813  7.878   0.493   1.00 34.59 ? 46  LEU A CA  1 
ATOM   362  C  C   . LEU A 1 45  ? -2.074  9.362   0.257   1.00 35.35 ? 46  LEU A C   1 
ATOM   363  O  O   . LEU A 1 45  ? -2.614  9.734   -0.798  1.00 34.12 ? 46  LEU A O   1 
ATOM   364  C  CB  . LEU A 1 45  ? -2.810  7.328   1.514   1.00 34.96 ? 46  LEU A CB  1 
ATOM   365  C  CG  . LEU A 1 45  ? -2.880  5.820   1.693   1.00 36.41 ? 46  LEU A CG  1 
ATOM   366  C  CD1 . LEU A 1 45  ? -3.966  5.485   2.707   1.00 37.71 ? 46  LEU A CD1 1 
ATOM   367  C  CD2 . LEU A 1 45  ? -3.109  5.097   0.356   1.00 37.22 ? 46  LEU A CD2 1 
ATOM   368  N  N   . PHE A 1 46  ? -1.670  10.215  1.203   1.00 34.09 ? 47  PHE A N   1 
ATOM   369  C  CA  . PHE A 1 46  ? -1.815  11.653  0.996   1.00 34.41 ? 47  PHE A CA  1 
ATOM   370  C  C   . PHE A 1 46  ? -1.040  12.129  -0.222  1.00 35.83 ? 47  PHE A C   1 
ATOM   371  O  O   . PHE A 1 46  ? -1.537  12.952  -1.002  1.00 35.47 ? 47  PHE A O   1 
ATOM   372  C  CB  . PHE A 1 46  ? -1.362  12.452  2.229   1.00 34.29 ? 47  PHE A CB  1 
ATOM   373  C  CG  . PHE A 1 46  ? -2.381  12.505  3.337   1.00 33.08 ? 47  PHE A CG  1 
ATOM   374  C  CD1 . PHE A 1 46  ? -3.603  13.152  3.155   1.00 34.51 ? 47  PHE A CD1 1 
ATOM   375  C  CD2 . PHE A 1 46  ? -2.099  11.952  4.592   1.00 31.96 ? 47  PHE A CD2 1 
ATOM   376  C  CE1 . PHE A 1 46  ? -4.544  13.225  4.203   1.00 34.47 ? 47  PHE A CE1 1 
ATOM   377  C  CE2 . PHE A 1 46  ? -3.035  12.011  5.644   1.00 33.79 ? 47  PHE A CE2 1 
ATOM   378  C  CZ  . PHE A 1 46  ? -4.260  12.664  5.443   1.00 34.08 ? 47  PHE A CZ  1 
ATOM   379  N  N   . ASP A 1 47  ? 0.183   11.627  -0.379  1.00 35.87 ? 48  ASP A N   1 
ATOM   380  C  CA  . ASP A 1 47  ? 0.994   12.010  -1.526  1.00 37.60 ? 48  ASP A CA  1 
ATOM   381  C  C   . ASP A 1 47  ? 0.328   11.611  -2.863  1.00 38.46 ? 48  ASP A C   1 
ATOM   382  O  O   . ASP A 1 47  ? 0.242   12.434  -3.783  1.00 38.78 ? 48  ASP A O   1 
ATOM   383  C  CB  . ASP A 1 47  ? 2.389   11.414  -1.383  1.00 36.78 ? 48  ASP A CB  1 
ATOM   384  C  CG  . ASP A 1 47  ? 3.347   11.927  -2.436  1.00 38.97 ? 48  ASP A CG  1 
ATOM   385  O  OD1 . ASP A 1 47  ? 4.082   12.879  -2.158  1.00 37.56 ? 48  ASP A OD1 1 
ATOM   386  O  OD2 . ASP A 1 47  ? 3.332   11.382  -3.547  1.00 38.72 ? 48  ASP A OD2 1 
ATOM   387  N  N   . HIS A 1 48  ? -0.153  10.368  -2.951  1.00 39.94 ? 49  HIS A N   1 
ATOM   388  C  CA  . HIS A 1 48  ? -0.817  9.813   -4.154  1.00 41.80 ? 49  HIS A CA  1 
ATOM   389  C  C   . HIS A 1 48  ? -2.145  10.519  -4.491  1.00 42.42 ? 49  HIS A C   1 
ATOM   390  O  O   . HIS A 1 48  ? -2.383  10.908  -5.645  1.00 43.09 ? 49  HIS A O   1 
ATOM   391  C  CB  . HIS A 1 48  ? -1.058  8.303   -3.960  1.00 42.35 ? 49  HIS A CB  1 
ATOM   392  C  CG  . HIS A 1 48  ? -1.550  7.593   -5.190  1.00 43.87 ? 49  HIS A CG  1 
ATOM   393  N  ND1 . HIS A 1 48  ? -0.699  6.941   -6.061  1.00 46.54 ? 49  HIS A ND1 1 
ATOM   394  C  CD2 . HIS A 1 48  ? -2.798  7.449   -5.704  1.00 43.75 ? 49  HIS A CD2 1 
ATOM   395  C  CE1 . HIS A 1 48  ? -1.402  6.421   -7.053  1.00 44.53 ? 49  HIS A CE1 1 
ATOM   396  N  NE2 . HIS A 1 48  ? -2.677  6.717   -6.862  1.00 45.29 ? 49  HIS A NE2 1 
ATOM   397  N  N   . ALA A 1 49  ? -3.012  10.675  -3.491  1.00 42.36 ? 50  ALA A N   1 
ATOM   398  C  CA  . ALA A 1 49  ? -4.313  11.312  -3.701  1.00 42.18 ? 50  ALA A CA  1 
ATOM   399  C  C   . ALA A 1 49  ? -4.202  12.807  -3.876  1.00 42.12 ? 50  ALA A C   1 
ATOM   400  O  O   . ALA A 1 49  ? -5.073  13.414  -4.503  1.00 42.42 ? 50  ALA A O   1 
ATOM   401  C  CB  . ALA A 1 49  ? -5.264  10.980  -2.552  1.00 42.34 ? 50  ALA A CB  1 
ATOM   402  N  N   . ASN A 1 50  ? -3.130  13.408  -3.341  1.00 42.04 ? 51  ASN A N   1 
ATOM   403  C  CA  . ASN A 1 50  ? -2.986  14.869  -3.255  1.00 42.02 ? 51  ASN A CA  1 
ATOM   404  C  C   . ASN A 1 50  ? -4.303  15.576  -2.874  1.00 41.57 ? 51  ASN A C   1 
ATOM   405  O  O   . ASN A 1 50  ? -4.700  16.601  -3.457  1.00 40.92 ? 51  ASN A O   1 
ATOM   406  C  CB  . ASN A 1 50  ? -2.358  15.454  -4.546  1.00 43.55 ? 51  ASN A CB  1 
ATOM   407  C  CG  . ASN A 1 50  ? -1.962  16.929  -4.404  1.00 45.26 ? 51  ASN A CG  1 
ATOM   408  O  OD1 . ASN A 1 50  ? -1.676  17.418  -3.303  1.00 49.38 ? 51  ASN A OD1 1 
ATOM   409  N  ND2 . ASN A 1 50  ? -1.940  17.646  -5.529  1.00 48.77 ? 51  ASN A ND2 1 
ATOM   410  N  N   . ALA A 1 51  ? -4.971  15.004  -1.879  1.00 40.76 ? 52  ALA A N   1 
ATOM   411  C  CA  . ALA A 1 51  ? -6.259  15.468  -1.407  1.00 40.25 ? 52  ALA A CA  1 
ATOM   412  C  C   . ALA A 1 51  ? -6.460  14.901  -0.001  1.00 39.63 ? 52  ALA A C   1 
ATOM   413  O  O   . ALA A 1 51  ? -5.743  13.975  0.406   1.00 39.63 ? 52  ALA A O   1 
ATOM   414  C  CB  . ALA A 1 51  ? -7.377  14.957  -2.349  1.00 40.11 ? 52  ALA A CB  1 
ATOM   415  N  N   . LEU A 1 52  ? -7.443  15.435  0.726   1.00 39.02 ? 53  LEU A N   1 
ATOM   416  C  CA  . LEU A 1 52  ? -7.913  14.800  1.969   1.00 38.90 ? 53  LEU A CA  1 
ATOM   417  C  C   . LEU A 1 52  ? -8.436  13.364  1.743   1.00 39.92 ? 53  LEU A C   1 
ATOM   418  O  O   . LEU A 1 52  ? -8.907  13.025  0.643   1.00 40.63 ? 53  LEU A O   1 
ATOM   419  C  CB  . LEU A 1 52  ? -8.973  15.671  2.667   1.00 38.51 ? 53  LEU A CB  1 
ATOM   420  C  CG  . LEU A 1 52  ? -8.516  17.023  3.221   1.00 38.45 ? 53  LEU A CG  1 
ATOM   421  C  CD1 . LEU A 1 52  ? -9.708  17.860  3.652   1.00 37.14 ? 53  LEU A CD1 1 
ATOM   422  C  CD2 . LEU A 1 52  ? -7.548  16.825  4.382   1.00 38.01 ? 53  LEU A CD2 1 
ATOM   423  N  N   . LEU A 1 53  ? -8.299  12.520  2.770   1.00 39.18 ? 54  LEU A N   1 
ATOM   424  C  CA  . LEU A 1 53  ? -8.671  11.104  2.684   1.00 39.49 ? 54  LEU A CA  1 
ATOM   425  C  C   . LEU A 1 53  ? -9.843  10.854  3.609   1.00 39.34 ? 54  LEU A C   1 
ATOM   426  O  O   . LEU A 1 53  ? -9.779  11.160  4.796   1.00 40.13 ? 54  LEU A O   1 
ATOM   427  C  CB  . LEU A 1 53  ? -7.479  10.220  3.073   1.00 38.88 ? 54  LEU A CB  1 
ATOM   428  C  CG  . LEU A 1 53  ? -6.212  10.379  2.231   1.00 39.05 ? 54  LEU A CG  1 
ATOM   429  C  CD1 . LEU A 1 53  ? -5.036  9.716   2.930   1.00 35.86 ? 54  LEU A CD1 1 
ATOM   430  C  CD2 . LEU A 1 53  ? -6.385  9.802   0.825   1.00 39.64 ? 54  LEU A CD2 1 
ATOM   431  N  N   . LYS A 1 54  ? -10.926 10.313  3.063   1.00 38.79 ? 55  LYS A N   1 
ATOM   432  C  CA  . LYS A 1 54  ? -12.156 10.123  3.838   1.00 38.62 ? 55  LYS A CA  1 
ATOM   433  C  C   . LYS A 1 54  ? -12.490 8.646   4.004   1.00 38.12 ? 55  LYS A C   1 
ATOM   434  O  O   . LYS A 1 54  ? -12.127 7.826   3.151   1.00 37.19 ? 55  LYS A O   1 
ATOM   435  C  CB  . LYS A 1 54  ? -13.328 10.821  3.139   1.00 38.77 ? 55  LYS A CB  1 
ATOM   436  C  CG  . LYS A 1 54  ? -13.062 12.262  2.720   1.00 40.50 ? 55  LYS A CG  1 
ATOM   437  C  CD  . LYS A 1 54  ? -13.050 13.197  3.907   1.00 41.70 ? 55  LYS A CD  1 
ATOM   438  C  CE  . LYS A 1 54  ? -12.998 14.657  3.467   1.00 44.50 ? 55  LYS A CE  1 
ATOM   439  N  NZ  . LYS A 1 54  ? -12.858 15.569  4.631   1.00 41.53 ? 55  LYS A NZ  1 
ATOM   440  N  N   . THR A 1 55  ? -13.183 8.297   5.087   1.00 38.06 ? 56  THR A N   1 
ATOM   441  C  CA  . THR A 1 55  ? -13.628 6.911   5.292   1.00 38.94 ? 56  THR A CA  1 
ATOM   442  C  C   . THR A 1 55  ? -14.403 6.453   4.059   1.00 38.28 ? 56  THR A C   1 
ATOM   443  O  O   . THR A 1 55  ? -15.253 7.186   3.532   1.00 37.57 ? 56  THR A O   1 
ATOM   444  C  CB  . THR A 1 55  ? -14.475 6.778   6.559   1.00 40.10 ? 56  THR A CB  1 
ATOM   445  O  OG1 . THR A 1 55  ? -13.691 7.224   7.663   1.00 42.94 ? 56  THR A OG1 1 
ATOM   446  C  CG2 . THR A 1 55  ? -14.875 5.353   6.823   1.00 40.62 ? 56  THR A CG2 1 
ATOM   447  N  N   . GLY A 1 56  ? -14.066 5.255   3.589   1.00 37.34 ? 57  GLY A N   1 
ATOM   448  C  CA  . GLY A 1 56  ? -14.648 4.700   2.391   1.00 36.86 ? 57  GLY A CA  1 
ATOM   449  C  C   . GLY A 1 56  ? -13.876 4.956   1.110   1.00 36.15 ? 57  GLY A C   1 
ATOM   450  O  O   . GLY A 1 56  ? -14.119 4.287   0.111   1.00 35.42 ? 57  GLY A O   1 
ATOM   451  N  N   . ASP A 1 57  ? -12.960 5.926   1.114   1.00 35.72 ? 58  ASP A N   1 
ATOM   452  C  CA  . ASP A 1 57  ? -12.126 6.189   -0.080  1.00 34.93 ? 58  ASP A CA  1 
ATOM   453  C  C   . ASP A 1 57  ? -11.294 4.960   -0.437  1.00 34.75 ? 58  ASP A C   1 
ATOM   454  O  O   . ASP A 1 57  ? -10.776 4.291   0.446   1.00 33.58 ? 58  ASP A O   1 
ATOM   455  C  CB  . ASP A 1 57  ? -11.166 7.378   0.153   1.00 34.94 ? 58  ASP A CB  1 
ATOM   456  C  CG  . ASP A 1 57  ? -11.867 8.728   0.080   1.00 38.10 ? 58  ASP A CG  1 
ATOM   457  O  OD1 . ASP A 1 57  ? -13.099 8.759   -0.179  1.00 37.07 ? 58  ASP A OD1 1 
ATOM   458  O  OD2 . ASP A 1 57  ? -11.181 9.755   0.266   1.00 39.23 ? 58  ASP A OD2 1 
ATOM   459  N  N   . VAL A 1 58  ? -11.178 4.669   -1.725  1.00 34.35 ? 59  VAL A N   1 
ATOM   460  C  CA  . VAL A 1 58  ? -10.377 3.532   -2.187  1.00 35.01 ? 59  VAL A CA  1 
ATOM   461  C  C   . VAL A 1 58  ? -9.277  4.074   -3.072  1.00 35.19 ? 59  VAL A C   1 
ATOM   462  O  O   . VAL A 1 58  ? -9.519  4.842   -4.003  1.00 35.39 ? 59  VAL A O   1 
ATOM   463  C  CB  . VAL A 1 58  ? -11.214 2.515   -2.981  1.00 35.20 ? 59  VAL A CB  1 
ATOM   464  C  CG1 . VAL A 1 58  ? -10.324 1.361   -3.512  1.00 36.71 ? 59  VAL A CG1 1 
ATOM   465  C  CG2 . VAL A 1 58  ? -12.367 1.992   -2.116  1.00 36.21 ? 59  VAL A CG2 1 
ATOM   466  N  N   . ILE A 1 59  ? -8.048  3.693   -2.762  1.00 34.72 ? 60  ILE A N   1 
ATOM   467  C  CA  . ILE A 1 59  ? -6.923  4.221   -3.507  1.00 36.02 ? 60  ILE A CA  1 
ATOM   468  C  C   . ILE A 1 59  ? -6.165  3.002   -3.995  1.00 35.77 ? 60  ILE A C   1 
ATOM   469  O  O   . ILE A 1 59  ? -5.875  2.120   -3.219  1.00 35.08 ? 60  ILE A O   1 
ATOM   470  C  CB  . ILE A 1 59  ? -5.998  5.073   -2.612  1.00 36.54 ? 60  ILE A CB  1 
ATOM   471  C  CG1 . ILE A 1 59  ? -6.720  6.349   -2.157  1.00 38.78 ? 60  ILE A CG1 1 
ATOM   472  C  CG2 . ILE A 1 59  ? -4.714  5.456   -3.341  1.00 37.36 ? 60  ILE A CG2 1 
ATOM   473  C  CD1 . ILE A 1 59  ? -7.357  6.196   -0.807  1.00 43.87 ? 60  ILE A CD1 1 
ATOM   474  N  N   . GLU A 1 60  ? -5.852  2.971   -5.278  1.00 33.84 ? 61  GLU A N   1 
ATOM   475  C  CA  . GLU A 1 60  ? -5.097  1.851   -5.824  1.00 34.71 ? 61  GLU A CA  1 
ATOM   476  C  C   . GLU A 1 60  ? -3.681  2.285   -6.237  1.00 33.16 ? 61  GLU A C   1 
ATOM   477  O  O   . GLU A 1 60  ? -3.508  3.228   -6.978  1.00 32.36 ? 61  GLU A O   1 
ATOM   478  C  CB  . GLU A 1 60  ? -5.887  1.170   -6.957  1.00 35.38 ? 61  GLU A CB  1 
ATOM   479  C  CG  . GLU A 1 60  ? -7.181  0.458   -6.379  1.00 37.32 ? 61  GLU A CG  1 
ATOM   480  C  CD  . GLU A 1 60  ? -8.045  -0.282  -7.403  1.00 39.80 ? 61  GLU A CD  1 
ATOM   481  O  OE1 . GLU A 1 60  ? -7.668  -0.335  -8.623  1.00 39.92 ? 61  GLU A OE1 1 
ATOM   482  O  OE2 . GLU A 1 60  ? -9.124  -0.821  -6.972  1.00 39.09 ? 61  GLU A OE2 1 
ATOM   483  N  N   . ILE A 1 61  ? -2.669  1.600   -5.715  1.00 31.84 ? 62  ILE A N   1 
ATOM   484  C  CA  . ILE A 1 61  ? -1.262  1.965   -5.948  1.00 33.65 ? 62  ILE A CA  1 
ATOM   485  C  C   . ILE A 1 61  ? -0.520  0.784   -6.611  1.00 32.33 ? 62  ILE A C   1 
ATOM   486  O  O   . ILE A 1 61  ? -0.524  -0.350  -6.091  1.00 31.49 ? 62  ILE A O   1 
ATOM   487  C  CB  . ILE A 1 61  ? -0.552  2.359   -4.603  1.00 34.38 ? 62  ILE A CB  1 
ATOM   488  C  CG1 . ILE A 1 61  ? -1.373  3.493   -3.942  1.00 36.71 ? 62  ILE A CG1 1 
ATOM   489  C  CG2 . ILE A 1 61  ? 0.945   2.716   -4.821  1.00 34.18 ? 62  ILE A CG2 1 
ATOM   490  C  CD1 . ILE A 1 61  ? -0.750  4.235   -2.815  1.00 37.62 ? 62  ILE A CD1 1 
ATOM   491  N  N   . PRO A 1 62  ? 0.130   1.050   -7.743  1.00 31.48 ? 63  PRO A N   1 
ATOM   492  C  CA  . PRO A 1 62  ? 0.961   0.025   -8.400  1.00 30.49 ? 63  PRO A CA  1 
ATOM   493  C  C   . PRO A 1 62  ? 2.195   -0.297  -7.570  1.00 30.47 ? 63  PRO A C   1 
ATOM   494  O  O   . PRO A 1 62  ? 2.812   0.616   -6.993  1.00 30.79 ? 63  PRO A O   1 
ATOM   495  C  CB  . PRO A 1 62  ? 1.392   0.697   -9.712  1.00 32.02 ? 63  PRO A CB  1 
ATOM   496  C  CG  . PRO A 1 62  ? 0.445   1.855   -9.901  1.00 32.54 ? 63  PRO A CG  1 
ATOM   497  C  CD  . PRO A 1 62  ? 0.097   2.316   -8.503  1.00 32.60 ? 63  PRO A CD  1 
ATOM   498  N  N   . LEU A 1 63  ? 2.534   -1.575  -7.541  1.00 30.76 ? 64  LEU A N   1 
ATOM   499  C  CA  . LEU A 1 63  ? 3.670   -2.101  -6.771  1.00 30.99 ? 64  LEU A CA  1 
ATOM   500  C  C   . LEU A 1 63  ? 4.874   -2.203  -7.720  1.00 30.91 ? 64  LEU A C   1 
ATOM   501  O  O   . LEU A 1 63  ? 4.705   -2.339  -8.939  1.00 31.66 ? 64  LEU A O   1 
ATOM   502  C  CB  . LEU A 1 63  ? 3.307   -3.466  -6.220  1.00 31.93 ? 64  LEU A CB  1 
ATOM   503  C  CG  . LEU A 1 63  ? 2.162   -3.305  -5.210  1.00 34.14 ? 64  LEU A CG  1 
ATOM   504  C  CD1 . LEU A 1 63  ? 1.575   -4.634  -4.868  1.00 34.63 ? 64  LEU A CD1 1 
ATOM   505  C  CD2 . LEU A 1 63  ? 2.687   -2.583  -3.984  1.00 36.99 ? 64  LEU A CD2 1 
ATOM   506  N  N   . ASP A 1 64  ? 6.079   -2.100  -7.172  1.00 30.66 ? 65  ASP A N   1 
ATOM   507  C  CA  . ASP A 1 64  ? 7.263   -2.160  -8.014  1.00 30.10 ? 65  ASP A CA  1 
ATOM   508  C  C   . ASP A 1 64  ? 7.424   -3.562  -8.565  1.00 30.24 ? 65  ASP A C   1 
ATOM   509  O  O   . ASP A 1 64  ? 7.202   -4.554  -7.854  1.00 30.25 ? 65  ASP A O   1 
ATOM   510  C  CB  . ASP A 1 64  ? 8.523   -1.825  -7.206  1.00 29.84 ? 65  ASP A CB  1 
ATOM   511  C  CG  . ASP A 1 64  ? 8.660   -0.337  -6.906  1.00 31.90 ? 65  ASP A CG  1 
ATOM   512  O  OD1 . ASP A 1 64  ? 7.769   0.482   -7.280  1.00 31.60 ? 65  ASP A OD1 1 
ATOM   513  O  OD2 . ASP A 1 64  ? 9.686   0.007   -6.303  1.00 30.90 ? 65  ASP A OD2 1 
ATOM   514  N  N   . PHE A 1 65  ? 7.853   -3.627  -9.813  1.00 29.41 ? 66  PHE A N   1 
ATOM   515  C  CA  . PHE A 1 65  ? 8.304   -4.876  -10.414 1.00 29.38 ? 66  PHE A CA  1 
ATOM   516  C  C   . PHE A 1 65  ? 9.613   -5.293  -9.745  1.00 29.74 ? 66  PHE A C   1 
ATOM   517  O  O   . PHE A 1 65  ? 10.317  -4.468  -9.179  1.00 28.14 ? 66  PHE A O   1 
ATOM   518  C  CB  . PHE A 1 65  ? 8.540   -4.670  -11.900 1.00 30.64 ? 66  PHE A CB  1 
ATOM   519  C  CG  . PHE A 1 65  ? 7.282   -4.454  -12.701 1.00 31.33 ? 66  PHE A CG  1 
ATOM   520  C  CD1 . PHE A 1 65  ? 6.321   -5.473  -12.812 1.00 32.57 ? 66  PHE A CD1 1 
ATOM   521  C  CD2 . PHE A 1 65  ? 7.087   -3.253  -13.383 1.00 32.10 ? 66  PHE A CD2 1 
ATOM   522  C  CE1 . PHE A 1 65  ? 5.155   -5.272  -13.571 1.00 33.52 ? 66  PHE A CE1 1 
ATOM   523  C  CE2 . PHE A 1 65  ? 5.932   -3.038  -14.145 1.00 34.01 ? 66  PHE A CE2 1 
ATOM   524  C  CZ  . PHE A 1 65  ? 4.965   -4.065  -14.236 1.00 32.68 ? 66  PHE A CZ  1 
ATOM   525  N  N   . GLU A 1 66  ? 9.897   -6.588  -9.809  1.00 29.55 ? 67  GLU A N   1 
ATOM   526  C  CA  . GLU A 1 66  ? 11.228  -7.119  -9.587  1.00 29.59 ? 67  GLU A CA  1 
ATOM   527  C  C   . GLU A 1 66  ? 11.850  -7.393  -10.954 1.00 28.30 ? 67  GLU A C   1 
ATOM   528  O  O   . GLU A 1 66  ? 11.126  -7.546  -11.967 1.00 27.42 ? 67  GLU A O   1 
ATOM   529  C  CB  . GLU A 1 66  ? 11.160  -8.425  -8.786  1.00 30.60 ? 67  GLU A CB  1 
ATOM   530  C  CG  . GLU A 1 66  ? 10.400  -8.345  -7.476  1.00 35.61 ? 67  GLU A CG  1 
ATOM   531  C  CD  . GLU A 1 66  ? 11.146  -7.605  -6.396  1.00 42.12 ? 67  GLU A CD  1 
ATOM   532  O  OE1 . GLU A 1 66  ? 12.401  -7.523  -6.452  1.00 43.68 ? 67  GLU A OE1 1 
ATOM   533  O  OE2 . GLU A 1 66  ? 10.470  -7.083  -5.481  1.00 47.64 ? 67  GLU A OE2 1 
ATOM   534  N  N   . PRO A 1 67  ? 13.185  -7.456  -11.012 1.00 27.03 ? 68  PRO A N   1 
ATOM   535  C  CA  . PRO A 1 67  ? 13.845  -7.705  -12.281 1.00 26.56 ? 68  PRO A CA  1 
ATOM   536  C  C   . PRO A 1 67  ? 13.322  -8.966  -13.013 1.00 27.74 ? 68  PRO A C   1 
ATOM   537  O  O   . PRO A 1 67  ? 13.109  -8.925  -14.235 1.00 27.00 ? 68  PRO A O   1 
ATOM   538  C  CB  . PRO A 1 67  ? 15.332  -7.829  -11.879 1.00 26.50 ? 68  PRO A CB  1 
ATOM   539  C  CG  . PRO A 1 67  ? 15.422  -6.899  -10.688 1.00 26.34 ? 68  PRO A CG  1 
ATOM   540  C  CD  . PRO A 1 67  ? 14.162  -7.207  -9.930  1.00 26.08 ? 68  PRO A CD  1 
ATOM   541  N  N   . GLU A 1 68  ? 13.066  -10.041 -12.265 1.00 28.53 ? 69  GLU A N   1 
ATOM   542  C  CA  A GLU A 1 68  ? 12.647  -11.304 -12.877 0.50 29.85 ? 69  GLU A CA  1 
ATOM   543  C  CA  B GLU A 1 68  ? 12.630  -11.314 -12.857 0.50 29.54 ? 69  GLU A CA  1 
ATOM   544  C  C   . GLU A 1 68  ? 11.249  -11.198 -13.504 1.00 29.40 ? 69  GLU A C   1 
ATOM   545  O  O   . GLU A 1 68  ? 10.865  -12.035 -14.310 1.00 29.69 ? 69  GLU A O   1 
ATOM   546  C  CB  A GLU A 1 68  ? 12.754  -12.466 -11.875 0.50 30.59 ? 69  GLU A CB  1 
ATOM   547  C  CB  B GLU A 1 68  ? 12.657  -12.456 -11.826 0.50 30.17 ? 69  GLU A CB  1 
ATOM   548  C  CG  A GLU A 1 68  ? 11.833  -12.354 -10.651 0.50 33.07 ? 69  GLU A CG  1 
ATOM   549  C  CG  B GLU A 1 68  ? 11.819  -12.217 -10.556 0.50 30.88 ? 69  GLU A CG  1 
ATOM   550  C  CD  A GLU A 1 68  ? 10.471  -12.984 -10.874 0.50 37.36 ? 69  GLU A CD  1 
ATOM   551  C  CD  B GLU A 1 68  ? 12.614  -11.553 -9.433  0.50 33.63 ? 69  GLU A CD  1 
ATOM   552  O  OE1 A GLU A 1 68  ? 10.370  -13.938 -11.678 0.50 40.76 ? 69  GLU A OE1 1 
ATOM   553  O  OE1 B GLU A 1 68  ? 13.514  -10.743 -9.726  0.50 32.77 ? 69  GLU A OE1 1 
ATOM   554  O  OE2 A GLU A 1 68  ? 9.498   -12.529 -10.242 0.50 41.00 ? 69  GLU A OE2 1 
ATOM   555  O  OE2 B GLU A 1 68  ? 12.329  -11.835 -8.251  0.50 35.93 ? 69  GLU A OE2 1 
ATOM   556  N  N   . ASP A 1 69  ? 10.508  -10.148 -13.153 1.00 28.88 ? 70  ASP A N   1 
ATOM   557  C  CA  . ASP A 1 69  ? 9.198   -9.917  -13.779 1.00 29.35 ? 70  ASP A CA  1 
ATOM   558  C  C   . ASP A 1 69  ? 9.343   -9.603  -15.262 1.00 29.25 ? 70  ASP A C   1 
ATOM   559  O  O   . ASP A 1 69  ? 8.389   -9.773  -16.035 1.00 29.47 ? 70  ASP A O   1 
ATOM   560  C  CB  . ASP A 1 69  ? 8.419   -8.805  -13.083 1.00 28.25 ? 70  ASP A CB  1 
ATOM   561  C  CG  . ASP A 1 69  ? 7.999   -9.182  -11.665 1.00 31.41 ? 70  ASP A CG  1 
ATOM   562  O  OD1 . ASP A 1 69  ? 7.786   -10.384 -11.401 1.00 34.91 ? 70  ASP A OD1 1 
ATOM   563  O  OD2 . ASP A 1 69  ? 7.878   -8.277  -10.818 1.00 30.47 ? 70  ASP A OD2 1 
ATOM   564  N  N   . TYR A 1 70  ? 10.527  -9.143  -15.662 1.00 29.20 ? 71  TYR A N   1 
ATOM   565  C  CA  . TYR A 1 70  ? 10.800  -8.813  -17.057 1.00 29.19 ? 71  TYR A CA  1 
ATOM   566  C  C   . TYR A 1 70  ? 11.502  -9.948  -17.813 1.00 29.99 ? 71  TYR A C   1 
ATOM   567  O  O   . TYR A 1 70  ? 11.851  -9.789  -18.973 1.00 29.49 ? 71  TYR A O   1 
ATOM   568  C  CB  . TYR A 1 70  ? 11.670  -7.562  -17.139 1.00 29.90 ? 71  TYR A CB  1 
ATOM   569  C  CG  . TYR A 1 70  ? 10.924  -6.271  -16.906 1.00 29.16 ? 71  TYR A CG  1 
ATOM   570  C  CD1 . TYR A 1 70  ? 10.658  -5.815  -15.615 1.00 28.99 ? 71  TYR A CD1 1 
ATOM   571  C  CD2 . TYR A 1 70  ? 10.489  -5.503  -17.997 1.00 30.72 ? 71  TYR A CD2 1 
ATOM   572  C  CE1 . TYR A 1 70  ? 9.959   -4.598  -15.405 1.00 29.82 ? 71  TYR A CE1 1 
ATOM   573  C  CE2 . TYR A 1 70  ? 9.805   -4.303  -17.802 1.00 30.69 ? 71  TYR A CE2 1 
ATOM   574  C  CZ  . TYR A 1 70  ? 9.546   -3.856  -16.518 1.00 31.47 ? 71  TYR A CZ  1 
ATOM   575  O  OH  . TYR A 1 70  ? 8.860   -2.663  -16.347 1.00 32.84 ? 71  TYR A OH  1 
ATOM   576  N  N   . LEU A 1 71  ? 11.737  -11.066 -17.131 1.00 31.28 ? 72  LEU A N   1 
ATOM   577  C  CA  . LEU A 1 71  ? 12.437  -12.206 -17.714 1.00 32.93 ? 72  LEU A CA  1 
ATOM   578  C  C   . LEU A 1 71  ? 11.445  -12.889 -18.663 1.00 34.39 ? 72  LEU A C   1 
ATOM   579  O  O   . LEU A 1 71  ? 10.386  -13.365 -18.226 1.00 35.30 ? 72  LEU A O   1 
ATOM   580  C  CB  . LEU A 1 71  ? 12.933  -13.141 -16.591 1.00 31.86 ? 72  LEU A CB  1 
ATOM   581  C  CG  . LEU A 1 71  ? 13.814  -14.354 -16.903 1.00 32.73 ? 72  LEU A CG  1 
ATOM   582  C  CD1 . LEU A 1 71  ? 15.201  -13.901 -17.303 1.00 32.08 ? 72  LEU A CD1 1 
ATOM   583  C  CD2 . LEU A 1 71  ? 13.879  -15.286 -15.685 1.00 33.62 ? 72  LEU A CD2 1 
ATOM   584  N  N   . ASN A 1 72  ? 11.764  -12.859 -19.957 1.00 36.30 ? 73  ASN A N   1 
ATOM   585  C  CA  . ASN A 1 72  ? 10.872  -13.325 -21.058 1.00 37.61 ? 73  ASN A CA  1 
ATOM   586  C  C   . ASN A 1 72  ? 9.579   -12.500 -21.228 1.00 37.57 ? 73  ASN A C   1 
ATOM   587  O  O   . ASN A 1 72  ? 8.596   -12.987 -21.800 1.00 38.07 ? 73  ASN A O   1 
ATOM   588  C  CB  . ASN A 1 72  ? 10.507  -14.827 -20.955 1.00 38.05 ? 73  ASN A CB  1 
ATOM   589  C  CG  . ASN A 1 72  ? 11.634  -15.694 -20.398 1.00 39.56 ? 73  ASN A CG  1 
ATOM   590  O  OD1 . ASN A 1 72  ? 12.691  -15.847 -21.014 1.00 41.00 ? 73  ASN A OD1 1 
ATOM   591  N  ND2 . ASN A 1 72  ? 11.386  -16.293 -19.229 1.00 42.43 ? 73  ASN A ND2 1 
ATOM   592  N  N   . ASN A 1 73  ? 9.577   -11.262 -20.736 1.00 36.93 ? 74  ASN A N   1 
ATOM   593  C  CA  . ASN A 1 73  ? 8.405   -10.386 -20.840 1.00 36.16 ? 74  ASN A CA  1 
ATOM   594  C  C   . ASN A 1 73  ? 8.791   -8.913  -20.832 1.00 35.54 ? 74  ASN A C   1 
ATOM   595  O  O   . ASN A 1 73  ? 9.120   -8.348  -19.785 1.00 35.64 ? 74  ASN A O   1 
ATOM   596  C  CB  . ASN A 1 73  ? 7.397   -10.678 -19.732 1.00 36.24 ? 74  ASN A CB  1 
ATOM   597  C  CG  . ASN A 1 73  ? 6.044   -9.994  -19.966 1.00 36.67 ? 74  ASN A CG  1 
ATOM   598  O  OD1 . ASN A 1 73  ? 5.916   -9.103  -20.807 1.00 37.47 ? 74  ASN A OD1 1 
ATOM   599  N  ND2 . ASN A 1 73  ? 5.040   -10.407 -19.215 1.00 38.43 ? 74  ASN A ND2 1 
ATOM   600  N  N   A THR A 1 74  ? 8.754   -8.320  -22.021 0.50 35.22 ? 75  THR A N   1 
ATOM   601  N  N   B THR A 1 74  ? 8.747   -8.298  -22.008 0.50 35.12 ? 75  THR A N   1 
ATOM   602  C  CA  A THR A 1 74  ? 9.036   -6.905  -22.246 0.50 34.79 ? 75  THR A CA  1 
ATOM   603  C  CA  B THR A 1 74  ? 9.064   -6.881  -22.165 0.50 34.57 ? 75  THR A CA  1 
ATOM   604  C  C   A THR A 1 74  ? 7.971   -5.987  -21.629 0.50 34.56 ? 75  THR A C   1 
ATOM   605  C  C   B THR A 1 74  ? 7.974   -5.979  -21.584 0.50 34.44 ? 75  THR A C   1 
ATOM   606  O  O   A THR A 1 74  ? 8.248   -4.827  -21.314 0.50 34.51 ? 75  THR A O   1 
ATOM   607  O  O   B THR A 1 74  ? 8.225   -4.814  -21.276 0.50 34.38 ? 75  THR A O   1 
ATOM   608  C  CB  A THR A 1 74  ? 9.240   -6.649  -23.777 0.50 35.03 ? 75  THR A CB  1 
ATOM   609  C  CB  B THR A 1 74  ? 9.287   -6.517  -23.648 0.50 34.81 ? 75  THR A CB  1 
ATOM   610  O  OG1 A THR A 1 74  ? 10.634  -6.450  -24.049 0.50 35.07 ? 75  THR A OG1 1 
ATOM   611  O  OG1 B THR A 1 74  ? 8.091   -6.774  -24.392 0.50 34.17 ? 75  THR A OG1 1 
ATOM   612  C  CG2 A THR A 1 74  ? 8.444   -5.444  -24.295 0.50 35.03 ? 75  THR A CG2 1 
ATOM   613  C  CG2 B THR A 1 74  ? 10.433  -7.333  -24.242 0.50 34.75 ? 75  THR A CG2 1 
ATOM   614  N  N   . SER A 1 75  ? 6.769   -6.526  -21.430 1.00 34.24 ? 76  SER A N   1 
ATOM   615  C  CA  . SER A 1 75  ? 5.620   -5.748  -20.929 1.00 33.90 ? 76  SER A CA  1 
ATOM   616  C  C   . SER A 1 75  ? 4.876   -6.464  -19.823 1.00 32.80 ? 76  SER A C   1 
ATOM   617  O  O   . SER A 1 75  ? 3.719   -6.838  -20.028 1.00 32.18 ? 76  SER A O   1 
ATOM   618  C  CB  . SER A 1 75  ? 4.620   -5.496  -22.055 1.00 34.65 ? 76  SER A CB  1 
ATOM   619  O  OG  . SER A 1 75  ? 4.364   -6.706  -22.773 1.00 37.47 ? 76  SER A OG  1 
ATOM   620  N  N   . PRO A 1 76  ? 5.515   -6.638  -18.637 1.00 30.87 ? 77  PRO A N   1 
ATOM   621  C  CA  . PRO A 1 76  ? 4.826   -7.315  -17.556 1.00 30.78 ? 77  PRO A CA  1 
ATOM   622  C  C   . PRO A 1 76  ? 3.665   -6.479  -17.001 1.00 30.18 ? 77  PRO A C   1 
ATOM   623  O  O   . PRO A 1 76  ? 3.669   -5.252  -17.090 1.00 28.91 ? 77  PRO A O   1 
ATOM   624  C  CB  . PRO A 1 76  ? 5.927   -7.487  -16.488 1.00 30.97 ? 77  PRO A CB  1 
ATOM   625  C  CG  . PRO A 1 76  ? 6.895   -6.398  -16.754 1.00 29.20 ? 77  PRO A CG  1 
ATOM   626  C  CD  . PRO A 1 76  ? 6.881   -6.226  -18.251 1.00 31.63 ? 77  PRO A CD  1 
ATOM   627  N  N   . THR A 1 77  ? 2.688   -7.164  -16.431 1.00 30.27 ? 78  THR A N   1 
ATOM   628  C  CA  . THR A 1 77  ? 1.502   -6.559  -15.889 1.00 30.68 ? 78  THR A CA  1 
ATOM   629  C  C   . THR A 1 77  ? 1.745   -6.167  -14.429 1.00 31.32 ? 78  THR A C   1 
ATOM   630  O  O   . THR A 1 77  ? 2.160   -6.989  -13.645 1.00 30.55 ? 78  THR A O   1 
ATOM   631  C  CB  . THR A 1 77  ? 0.350   -7.585  -16.024 1.00 31.91 ? 78  THR A CB  1 
ATOM   632  O  OG1 . THR A 1 77  ? 0.189   -7.912  -17.422 1.00 33.44 ? 78  THR A OG1 1 
ATOM   633  C  CG2 . THR A 1 77  ? -0.914  -7.055  -15.464 1.00 33.50 ? 78  THR A CG2 1 
ATOM   634  N  N   . GLN A 1 78  ? 1.475   -4.909  -14.082 1.00 31.13 ? 79  GLN A N   1 
ATOM   635  C  CA  . GLN A 1 78  ? 1.663   -4.394  -12.711 1.00 32.41 ? 79  GLN A CA  1 
ATOM   636  C  C   . GLN A 1 78  ? 0.785   -5.102  -11.708 1.00 31.67 ? 79  GLN A C   1 
ATOM   637  O  O   . GLN A 1 78  ? -0.388  -5.313  -11.977 1.00 30.91 ? 79  GLN A O   1 
ATOM   638  C  CB  . GLN A 1 78  ? 1.155   -2.954  -12.632 1.00 31.78 ? 79  GLN A CB  1 
ATOM   639  C  CG  . GLN A 1 78  ? 2.008   -1.879  -13.172 1.00 35.51 ? 79  GLN A CG  1 
ATOM   640  C  CD  . GLN A 1 78  ? 1.324   -0.483  -13.103 1.00 35.45 ? 79  GLN A CD  1 
ATOM   641  O  OE1 . GLN A 1 78  ? 0.072   -0.334  -13.189 1.00 33.34 ? 79  GLN A OE1 1 
ATOM   642  N  NE2 . GLN A 1 78  ? 2.165   0.547   -13.049 1.00 36.43 ? 79  GLN A NE2 1 
ATOM   643  N  N   . ARG A 1 79  ? 1.335   -5.432  -10.547 1.00 30.89 ? 80  ARG A N   1 
ATOM   644  C  CA  A ARG A 1 79  ? 0.480   -5.794  -9.421  0.50 31.88 ? 80  ARG A CA  1 
ATOM   645  C  CA  B ARG A 1 79  ? 0.511   -5.799  -9.396  0.50 31.05 ? 80  ARG A CA  1 
ATOM   646  C  C   . ARG A 1 79  ? -0.023  -4.527  -8.744  1.00 31.32 ? 80  ARG A C   1 
ATOM   647  O  O   . ARG A 1 79  ? 0.678   -3.515  -8.682  1.00 30.69 ? 80  ARG A O   1 
ATOM   648  C  CB  A ARG A 1 79  ? 1.220   -6.657  -8.407  0.50 32.14 ? 80  ARG A CB  1 
ATOM   649  C  CB  B ARG A 1 79  ? 1.347   -6.591  -8.397  0.50 30.81 ? 80  ARG A CB  1 
ATOM   650  C  CG  A ARG A 1 79  ? 0.287   -7.563  -7.623  0.50 34.54 ? 80  ARG A CG  1 
ATOM   651  C  CG  B ARG A 1 79  ? 1.945   -7.853  -9.008  0.50 29.00 ? 80  ARG A CG  1 
ATOM   652  C  CD  A ARG A 1 79  ? -0.044  -8.858  -8.390  0.50 37.90 ? 80  ARG A CD  1 
ATOM   653  C  CD  B ARG A 1 79  ? 2.804   -8.599  -8.009  0.50 30.06 ? 80  ARG A CD  1 
ATOM   654  N  NE  A ARG A 1 79  ? -1.105  -9.612  -7.718  0.50 40.98 ? 80  ARG A NE  1 
ATOM   655  N  NE  B ARG A 1 79  ? 3.433   -9.786  -8.607  0.50 29.68 ? 80  ARG A NE  1 
ATOM   656  C  CZ  A ARG A 1 79  ? -0.911  -10.603 -6.847  0.50 41.40 ? 80  ARG A CZ  1 
ATOM   657  C  CZ  B ARG A 1 79  ? 4.613   -9.792  -9.219  0.50 31.13 ? 80  ARG A CZ  1 
ATOM   658  N  NH1 A ARG A 1 79  ? -1.963  -11.197 -6.294  0.50 41.58 ? 80  ARG A NH1 1 
ATOM   659  N  NH1 B ARG A 1 79  ? 5.090   -10.926 -9.700  0.50 32.86 ? 80  ARG A NH1 1 
ATOM   660  N  NH2 A ARG A 1 79  ? 0.313   -11.015 -6.534  0.50 41.43 ? 80  ARG A NH2 1 
ATOM   661  N  NH2 B ARG A 1 79  ? 5.311   -8.667  -9.366  0.50 30.32 ? 80  ARG A NH2 1 
ATOM   662  N  N   . ILE A 1 80  ? -1.254  -4.579  -8.250  1.00 32.75 ? 81  ILE A N   1 
ATOM   663  C  CA  . ILE A 1 80  ? -1.903  -3.394  -7.641  1.00 33.52 ? 81  ILE A CA  1 
ATOM   664  C  C   . ILE A 1 80  ? -2.258  -3.680  -6.194  1.00 34.26 ? 81  ILE A C   1 
ATOM   665  O  O   . ILE A 1 80  ? -2.816  -4.741  -5.906  1.00 35.32 ? 81  ILE A O   1 
ATOM   666  C  CB  . ILE A 1 80  ? -3.199  -3.006  -8.394  1.00 33.62 ? 81  ILE A CB  1 
ATOM   667  C  CG1 . ILE A 1 80  ? -2.901  -2.725  -9.869  1.00 35.86 ? 81  ILE A CG1 1 
ATOM   668  C  CG2 . ILE A 1 80  ? -3.878  -1.763  -7.751  1.00 34.18 ? 81  ILE A CG2 1 
ATOM   669  C  CD1 . ILE A 1 80  ? -1.944  -1.561  -10.079 1.00 38.20 ? 81  ILE A CD1 1 
ATOM   670  N  N   . LEU A 1 81  ? -1.943  -2.731  -5.318  1.00 33.59 ? 82  LEU A N   1 
ATOM   671  C  CA  . LEU A 1 81  ? -2.394  -2.752  -3.932  1.00 33.57 ? 82  LEU A CA  1 
ATOM   672  C  C   . LEU A 1 81  ? -3.619  -1.836  -3.815  1.00 33.48 ? 82  LEU A C   1 
ATOM   673  O  O   . LEU A 1 81  ? -3.528  -0.627  -4.050  1.00 33.39 ? 82  LEU A O   1 
ATOM   674  C  CB  . LEU A 1 81  ? -1.254  -2.291  -3.008  1.00 34.32 ? 82  LEU A CB  1 
ATOM   675  C  CG  . LEU A 1 81  ? -1.576  -2.288  -1.497  1.00 34.59 ? 82  LEU A CG  1 
ATOM   676  C  CD1 . LEU A 1 81  ? -1.758  -3.737  -1.012  1.00 34.11 ? 82  LEU A CD1 1 
ATOM   677  C  CD2 . LEU A 1 81  ? -0.449  -1.621  -0.728  1.00 33.59 ? 82  LEU A CD2 1 
ATOM   678  N  N   . ARG A 1 82  ? -4.769  -2.414  -3.469  1.00 31.92 ? 83  ARG A N   1 
ATOM   679  C  CA  . ARG A 1 82  ? -5.948  -1.593  -3.182  1.00 32.91 ? 83  ARG A CA  1 
ATOM   680  C  C   . ARG A 1 82  ? -6.000  -1.284  -1.693  1.00 33.80 ? 83  ARG A C   1 
ATOM   681  O  O   . ARG A 1 82  ? -5.885  -2.214  -0.856  1.00 34.15 ? 83  ARG A O   1 
ATOM   682  C  CB  . ARG A 1 82  ? -7.212  -2.335  -3.602  1.00 32.84 ? 83  ARG A CB  1 
ATOM   683  C  CG  . ARG A 1 82  ? -8.498  -1.584  -3.224  1.00 34.73 ? 83  ARG A CG  1 
ATOM   684  C  CD  . ARG A 1 82  ? -9.725  -2.471  -3.545  1.00 37.98 ? 83  ARG A CD  1 
ATOM   685  N  NE  . ARG A 1 82  ? -9.928  -2.525  -4.985  1.00 43.01 ? 83  ARG A NE  1 
ATOM   686  C  CZ  . ARG A 1 82  ? -10.616 -3.473  -5.628  1.00 47.62 ? 83  ARG A CZ  1 
ATOM   687  N  NH1 . ARG A 1 82  ? -11.169 -4.489  -4.943  1.00 47.29 ? 83  ARG A NH1 1 
ATOM   688  N  NH2 . ARG A 1 82  ? -10.739 -3.418  -6.962  1.00 43.40 ? 83  ARG A NH2 1 
ATOM   689  N  N   . ILE A 1 83  ? -6.116  0.008   -1.358  1.00 33.13 ? 84  ILE A N   1 
ATOM   690  C  CA  . ILE A 1 83  ? -6.198  0.468   0.026   1.00 34.26 ? 84  ILE A CA  1 
ATOM   691  C  C   . ILE A 1 83  ? -7.536  1.181   0.208   1.00 34.57 ? 84  ILE A C   1 
ATOM   692  O  O   . ILE A 1 83  ? -7.882  2.072   -0.567  1.00 35.03 ? 84  ILE A O   1 
ATOM   693  C  CB  . ILE A 1 83  ? -5.033  1.420   0.393   1.00 34.10 ? 84  ILE A CB  1 
ATOM   694  C  CG1 . ILE A 1 83  ? -3.706  0.734   0.061   1.00 35.11 ? 84  ILE A CG1 1 
ATOM   695  C  CG2 . ILE A 1 83  ? -5.110  1.882   1.872   1.00 35.03 ? 84  ILE A CG2 1 
ATOM   696  C  CD1 . ILE A 1 83  ? -2.738  1.598   -0.672  1.00 42.25 ? 84  ILE A CD1 1 
ATOM   697  N  N   . THR A 1 84  ? -8.284  0.749   1.214   1.00 35.03 ? 85  THR A N   1 
ATOM   698  C  CA  . THR A 1 84  ? -9.568  1.362   1.556   1.00 34.26 ? 85  THR A CA  1 
ATOM   699  C  C   . THR A 1 84  ? -9.444  1.967   2.941   1.00 34.45 ? 85  THR A C   1 
ATOM   700  O  O   . THR A 1 84  ? -9.015  1.294   3.893   1.00 33.40 ? 85  THR A O   1 
ATOM   701  C  CB  . THR A 1 84  ? -10.709 0.316   1.561   1.00 34.88 ? 85  THR A CB  1 
ATOM   702  O  OG1 . THR A 1 84  ? -10.724 -0.403  0.328   1.00 35.29 ? 85  THR A OG1 1 
ATOM   703  C  CG2 . THR A 1 84  ? -12.064 1.008   1.794   1.00 33.84 ? 85  THR A CG2 1 
ATOM   704  N  N   . VAL A 1 85  ? -9.809  3.250   3.057   1.00 34.39 ? 86  VAL A N   1 
ATOM   705  C  CA  . VAL A 1 85  ? -9.724  3.961   4.322   1.00 34.05 ? 86  VAL A CA  1 
ATOM   706  C  C   . VAL A 1 85  ? -10.928 3.526   5.152   1.00 34.98 ? 86  VAL A C   1 
ATOM   707  O  O   . VAL A 1 85  ? -12.073 3.774   4.749   1.00 35.31 ? 86  VAL A O   1 
ATOM   708  C  CB  . VAL A 1 85  ? -9.762  5.477   4.101   1.00 34.82 ? 86  VAL A CB  1 
ATOM   709  C  CG1 . VAL A 1 85  ? -9.738  6.178   5.453   1.00 33.93 ? 86  VAL A CG1 1 
ATOM   710  C  CG2 . VAL A 1 85  ? -8.590  5.925   3.177   1.00 34.69 ? 86  VAL A CG2 1 
ATOM   711  N  N   . LEU A 1 86  ? -10.679 2.863   6.281   1.00 34.49 ? 87  LEU A N   1 
ATOM   712  C  CA  . LEU A 1 86  ? -11.763 2.317   7.124   1.00 35.13 ? 87  LEU A CA  1 
ATOM   713  C  C   . LEU A 1 86  ? -12.138 3.188   8.325   1.00 35.33 ? 87  LEU A C   1 
ATOM   714  O  O   . LEU A 1 86  ? -13.274 3.147   8.788   1.00 35.81 ? 87  LEU A O   1 
ATOM   715  C  CB  . LEU A 1 86  ? -11.417 0.901   7.641   1.00 35.30 ? 87  LEU A CB  1 
ATOM   716  C  CG  . LEU A 1 86  ? -11.265 -0.198  6.585   1.00 34.91 ? 87  LEU A CG  1 
ATOM   717  C  CD1 . LEU A 1 86  ? -10.984 -1.529  7.308   1.00 34.98 ? 87  LEU A CD1 1 
ATOM   718  C  CD2 . LEU A 1 86  ? -12.528 -0.292  5.712   1.00 36.92 ? 87  LEU A CD2 1 
ATOM   719  N  N   . GLU A 1 87  ? -11.177 3.946   8.840   1.00 35.29 ? 88  GLU A N   1 
ATOM   720  C  CA  . GLU A 1 87  ? -11.421 4.821   9.979   1.00 36.00 ? 88  GLU A CA  1 
ATOM   721  C  C   . GLU A 1 87  ? -10.530 6.036   9.832   1.00 35.39 ? 88  GLU A C   1 
ATOM   722  O  O   . GLU A 1 87  ? -9.358  5.894   9.489   1.00 34.35 ? 88  GLU A O   1 
ATOM   723  C  CB  . GLU A 1 87  ? -11.059 4.068   11.243  1.00 36.50 ? 88  GLU A CB  1 
ATOM   724  C  CG  . GLU A 1 87  ? -11.707 4.506   12.538  1.00 41.90 ? 88  GLU A CG  1 
ATOM   725  C  CD  . GLU A 1 87  ? -11.503 3.428   13.592  1.00 47.48 ? 88  GLU A CD  1 
ATOM   726  O  OE1 . GLU A 1 87  ? -10.423 3.399   14.220  1.00 50.31 ? 88  GLU A OE1 1 
ATOM   727  O  OE2 . GLU A 1 87  ? -12.410 2.579   13.764  1.00 53.82 ? 88  GLU A OE2 1 
ATOM   728  N  N   . VAL A 1 88  ? -11.074 7.227   10.109  1.00 35.08 ? 89  VAL A N   1 
ATOM   729  C  CA  . VAL A 1 88  ? -10.298 8.475   10.099  1.00 34.94 ? 89  VAL A CA  1 
ATOM   730  C  C   . VAL A 1 88  ? -10.451 9.134   11.474  1.00 34.96 ? 89  VAL A C   1 
ATOM   731  O  O   . VAL A 1 88  ? -11.529 9.109   12.082  1.00 34.34 ? 89  VAL A O   1 
ATOM   732  C  CB  . VAL A 1 88  ? -10.744 9.453   8.949   1.00 34.88 ? 89  VAL A CB  1 
ATOM   733  C  CG1 . VAL A 1 88  ? -10.045 10.824  9.049   1.00 35.35 ? 89  VAL A CG1 1 
ATOM   734  C  CG2 . VAL A 1 88  ? -10.483 8.843   7.598   1.00 34.62 ? 89  VAL A CG2 1 
ATOM   735  N  N   . GLU A 1 89  ? -9.372  9.696   11.994  1.00 35.47 ? 90  GLU A N   1 
ATOM   736  C  CA  . GLU A 1 89  ? -9.465  10.488  13.229  1.00 36.55 ? 90  GLU A CA  1 
ATOM   737  C  C   . GLU A 1 89  ? -8.568  11.684  13.045  1.00 35.20 ? 90  GLU A C   1 
ATOM   738  O  O   . GLU A 1 89  ? -7.469  11.538  12.537  1.00 35.01 ? 90  GLU A O   1 
ATOM   739  C  CB  . GLU A 1 89  ? -9.001  9.697   14.451  1.00 36.14 ? 90  GLU A CB  1 
ATOM   740  C  CG  . GLU A 1 89  ? -9.871  8.495   14.809  1.00 40.14 ? 90  GLU A CG  1 
ATOM   741  C  CD  . GLU A 1 89  ? -9.454  7.847   16.125  1.00 39.96 ? 90  GLU A CD  1 
ATOM   742  O  OE1 . GLU A 1 89  ? -8.541  8.383   16.810  1.00 45.22 ? 90  GLU A OE1 1 
ATOM   743  O  OE2 . GLU A 1 89  ? -10.056 6.803   16.473  1.00 45.27 ? 90  GLU A OE2 1 
ATOM   744  N  N   . ARG A 1 90  ? -9.059  12.863  13.412  1.00 34.65 ? 91  ARG A N   1 
ATOM   745  C  CA  . ARG A 1 90  ? -8.257  14.087  13.295  1.00 34.59 ? 91  ARG A CA  1 
ATOM   746  C  C   . ARG A 1 90  ? -7.702  14.226  11.865  1.00 34.01 ? 91  ARG A C   1 
ATOM   747  O  O   . ARG A 1 90  ? -6.551  14.623  11.656  1.00 34.86 ? 91  ARG A O   1 
ATOM   748  C  CB  . ARG A 1 90  ? -7.144  14.136  14.364  1.00 34.67 ? 91  ARG A CB  1 
ATOM   749  C  CG  . ARG A 1 90  ? -7.651  14.052  15.802  1.00 36.02 ? 91  ARG A CG  1 
ATOM   750  C  CD  . ARG A 1 90  ? -6.789  14.841  16.815  1.00 38.56 ? 91  ARG A CD  1 
ATOM   751  N  NE  . ARG A 1 90  ? -6.612  16.233  16.385  1.00 37.97 ? 91  ARG A NE  1 
ATOM   752  C  CZ  . ARG A 1 90  ? -5.467  16.769  15.957  1.00 37.04 ? 91  ARG A CZ  1 
ATOM   753  N  NH1 . ARG A 1 90  ? -5.456  18.006  15.544  1.00 34.32 ? 91  ARG A NH1 1 
ATOM   754  N  NH2 . ARG A 1 90  ? -4.328  16.077  15.944  1.00 38.37 ? 91  ARG A NH2 1 
ATOM   755  N  N   . ASN A 1 91  ? -8.552  13.903  10.888  1.00 33.66 ? 92  ASN A N   1 
ATOM   756  C  CA  . ASN A 1 91  ? -8.275  14.113  9.456   1.00 34.06 ? 92  ASN A CA  1 
ATOM   757  C  C   . ASN A 1 91  ? -7.178  13.239  8.873   1.00 34.36 ? 92  ASN A C   1 
ATOM   758  O  O   . ASN A 1 91  ? -6.707  13.500  7.769   1.00 34.02 ? 92  ASN A O   1 
ATOM   759  C  CB  . ASN A 1 91  ? -8.013  15.588  9.124   1.00 34.67 ? 92  ASN A CB  1 
ATOM   760  C  CG  . ASN A 1 91  ? -9.277  16.411  9.149   1.00 35.75 ? 92  ASN A CG  1 
ATOM   761  O  OD1 . ASN A 1 91  ? -10.024 16.449  8.165   1.00 37.40 ? 92  ASN A OD1 1 
ATOM   762  N  ND2 . ASN A 1 91  ? -9.542  17.050  10.287  1.00 33.79 ? 92  ASN A ND2 1 
ATOM   763  N  N   . VAL A 1 92  ? -6.793  12.197  9.605   1.00 33.51 ? 93  VAL A N   1 
ATOM   764  C  CA  . VAL A 1 92  ? -5.853  11.200  9.070   1.00 33.75 ? 93  VAL A CA  1 
ATOM   765  C  C   . VAL A 1 92  ? -6.400  9.787   9.268   1.00 33.22 ? 93  VAL A C   1 
ATOM   766  O  O   . VAL A 1 92  ? -7.083  9.512   10.263  1.00 34.07 ? 93  VAL A O   1 
ATOM   767  C  CB  . VAL A 1 92  ? -4.411  11.303  9.657   1.00 33.38 ? 93  VAL A CB  1 
ATOM   768  C  CG1 . VAL A 1 92  ? -3.833  12.731  9.516   1.00 32.40 ? 93  VAL A CG1 1 
ATOM   769  C  CG2 . VAL A 1 92  ? -4.370  10.881  11.093  1.00 35.10 ? 93  VAL A CG2 1 
ATOM   770  N  N   . PRO A 1 93  ? -6.134  8.886   8.303   1.00 33.63 ? 94  PRO A N   1 
ATOM   771  C  CA  . PRO A 1 93  ? -6.516  7.482   8.440   1.00 33.46 ? 94  PRO A CA  1 
ATOM   772  C  C   . PRO A 1 93  ? -5.848  6.833   9.653   1.00 32.92 ? 94  PRO A C   1 
ATOM   773  O  O   . PRO A 1 93  ? -4.657  7.022   9.878   1.00 32.83 ? 94  PRO A O   1 
ATOM   774  C  CB  . PRO A 1 93  ? -5.966  6.843   7.173   1.00 34.30 ? 94  PRO A CB  1 
ATOM   775  C  CG  . PRO A 1 93  ? -5.993  7.936   6.171   1.00 33.83 ? 94  PRO A CG  1 
ATOM   776  C  CD  . PRO A 1 93  ? -5.528  9.153   6.988   1.00 33.26 ? 94  PRO A CD  1 
ATOM   777  N  N   . VAL A 1 94  ? -6.625  6.086   10.419  1.00 32.49 ? 95  VAL A N   1 
ATOM   778  C  CA  . VAL A 1 94  ? -6.085  5.316   11.537  1.00 32.93 ? 95  VAL A CA  1 
ATOM   779  C  C   . VAL A 1 94  ? -6.242  3.807   11.314  1.00 33.45 ? 95  VAL A C   1 
ATOM   780  O  O   . VAL A 1 94  ? -5.545  3.026   11.967  1.00 32.79 ? 95  VAL A O   1 
ATOM   781  C  CB  . VAL A 1 94  ? -6.654  5.753   12.902  1.00 33.93 ? 95  VAL A CB  1 
ATOM   782  C  CG1 . VAL A 1 94  ? -6.250  7.199   13.194  1.00 33.40 ? 95  VAL A CG1 1 
ATOM   783  C  CG2 . VAL A 1 94  ? -8.171  5.557   12.964  1.00 34.53 ? 95  VAL A CG2 1 
ATOM   784  N  N   . LYS A 1 95  ? -7.129  3.415   10.392  1.00 32.81 ? 96  LYS A N   1 
ATOM   785  C  CA  . LYS A 1 95  ? -7.241  2.006   9.973   1.00 32.85 ? 96  LYS A CA  1 
ATOM   786  C  C   . LYS A 1 95  ? -7.432  1.886   8.488   1.00 33.15 ? 96  LYS A C   1 
ATOM   787  O  O   . LYS A 1 95  ? -8.260  2.587   7.916   1.00 32.58 ? 96  LYS A O   1 
ATOM   788  C  CB  . LYS A 1 95  ? -8.390  1.301   10.692  1.00 32.84 ? 96  LYS A CB  1 
ATOM   789  C  CG  . LYS A 1 95  ? -8.253  1.257   12.203  1.00 33.95 ? 96  LYS A CG  1 
ATOM   790  C  CD  . LYS A 1 95  ? -7.235  0.223   12.670  1.00 34.63 ? 96  LYS A CD  1 
ATOM   791  C  CE  . LYS A 1 95  ? -6.850  0.507   14.114  1.00 40.53 ? 96  LYS A CE  1 
ATOM   792  N  NZ  . LYS A 1 95  ? -6.074  -0.634  14.651  1.00 42.80 ? 96  LYS A NZ  1 
ATOM   793  N  N   . LEU A 1 96  ? -6.693  0.966   7.867   1.00 32.92 ? 97  LEU A N   1 
ATOM   794  C  CA  . LEU A 1 96  ? -6.735  0.811   6.400   1.00 32.89 ? 97  LEU A CA  1 
ATOM   795  C  C   . LEU A 1 96  ? -6.899  -0.658  6.064   1.00 32.25 ? 97  LEU A C   1 
ATOM   796  O  O   . LEU A 1 96  ? -6.287  -1.514  6.696   1.00 32.07 ? 97  LEU A O   1 
ATOM   797  C  CB  . LEU A 1 96  ? -5.431  1.305   5.799   1.00 33.44 ? 97  LEU A CB  1 
ATOM   798  C  CG  . LEU A 1 96  ? -5.148  2.789   6.025   1.00 35.34 ? 97  LEU A CG  1 
ATOM   799  C  CD1 . LEU A 1 96  ? -3.747  3.087   5.602   1.00 37.09 ? 97  LEU A CD1 1 
ATOM   800  C  CD2 . LEU A 1 96  ? -6.158  3.616   5.232   1.00 33.08 ? 97  LEU A CD2 1 
ATOM   801  N  N   . ALA A 1 97  ? -7.722  -0.937  5.058   1.00 31.64 ? 98  ALA A N   1 
ATOM   802  C  CA  . ALA A 1 97  ? -7.809  -2.300  4.510   1.00 33.08 ? 98  ALA A CA  1 
ATOM   803  C  C   . ALA A 1 97  ? -6.919  -2.367  3.288   1.00 33.31 ? 98  ALA A C   1 
ATOM   804  O  O   . ALA A 1 97  ? -6.987  -1.500  2.434   1.00 34.72 ? 98  ALA A O   1 
ATOM   805  C  CB  . ALA A 1 97  ? -9.224  -2.607  4.133   1.00 31.95 ? 98  ALA A CB  1 
ATOM   806  N  N   . LEU A 1 98  ? -6.073  -3.390  3.222   1.00 33.87 ? 99  LEU A N   1 
ATOM   807  C  CA  . LEU A 1 98  ? -5.160  -3.556  2.066   1.00 33.54 ? 99  LEU A CA  1 
ATOM   808  C  C   . LEU A 1 98  ? -5.518  -4.838  1.365   1.00 33.23 ? 99  LEU A C   1 
ATOM   809  O  O   . LEU A 1 98  ? -5.732  -5.867  2.008   1.00 32.98 ? 99  LEU A O   1 
ATOM   810  C  CB  . LEU A 1 98  ? -3.711  -3.668  2.556   1.00 33.74 ? 99  LEU A CB  1 
ATOM   811  C  CG  . LEU A 1 98  ? -2.928  -2.353  2.631   1.00 33.79 ? 99  LEU A CG  1 
ATOM   812  C  CD1 . LEU A 1 98  ? -3.587  -1.285  3.537   1.00 33.16 ? 99  LEU A CD1 1 
ATOM   813  C  CD2 . LEU A 1 98  ? -1.501  -2.650  3.064   1.00 33.21 ? 99  LEU A CD2 1 
ATOM   814  N  N   . ALA A 1 99  ? -5.587  -4.793  0.031   1.00 33.20 ? 100 ALA A N   1 
ATOM   815  C  CA  . ALA A 1 99  ? -5.764  -6.043  -0.719  1.00 33.48 ? 100 ALA A CA  1 
ATOM   816  C  C   . ALA A 1 99  ? -4.815  -6.051  -1.892  1.00 34.73 ? 100 ALA A C   1 
ATOM   817  O  O   . ALA A 1 99  ? -4.783  -5.087  -2.669  1.00 34.23 ? 100 ALA A O   1 
ATOM   818  C  CB  . ALA A 1 99  ? -7.213  -6.187  -1.196  1.00 33.73 ? 100 ALA A CB  1 
ATOM   819  N  N   . LEU A 1 100 ? -4.050  -7.125  -2.021  1.00 35.84 ? 101 LEU A N   1 
ATOM   820  C  CA  . LEU A 1 100 ? -3.237  -7.330  -3.221  1.00 38.86 ? 101 LEU A CA  1 
ATOM   821  C  C   . LEU A 1 100 ? -4.156  -7.872  -4.307  1.00 40.08 ? 101 LEU A C   1 
ATOM   822  O  O   . LEU A 1 100 ? -4.828  -8.903  -4.119  1.00 40.84 ? 101 LEU A O   1 
ATOM   823  C  CB  . LEU A 1 100 ? -2.056  -8.246  -2.878  1.00 39.62 ? 101 LEU A CB  1 
ATOM   824  C  CG  . LEU A 1 100 ? -0.934  -8.565  -3.848  1.00 41.27 ? 101 LEU A CG  1 
ATOM   825  C  CD1 . LEU A 1 100 ? -0.229  -7.254  -4.160  1.00 41.19 ? 101 LEU A CD1 1 
ATOM   826  C  CD2 . LEU A 1 100 ? 0.016   -9.551  -3.172  1.00 39.61 ? 101 LEU A CD2 1 
ATOM   827  N  N   . LEU A 1 101 ? -4.267  -7.163  -5.432  1.00 40.34 ? 102 LEU A N   1 
ATOM   828  C  CA  . LEU A 1 101 ? -5.278  -7.533  -6.433  1.00 40.81 ? 102 LEU A CA  1 
ATOM   829  C  C   . LEU A 1 101 ? -4.843  -8.649  -7.391  1.00 41.52 ? 102 LEU A C   1 
ATOM   830  O  O   . LEU A 1 101 ? -3.678  -8.720  -7.809  1.00 42.15 ? 102 LEU A O   1 
ATOM   831  C  CB  . LEU A 1 101 ? -5.787  -6.324  -7.225  1.00 39.89 ? 102 LEU A CB  1 
ATOM   832  C  CG  . LEU A 1 101 ? -6.491  -5.221  -6.422  1.00 40.72 ? 102 LEU A CG  1 
ATOM   833  C  CD1 . LEU A 1 101 ? -7.030  -4.168  -7.367  1.00 40.66 ? 102 LEU A CD1 1 
ATOM   834  C  CD2 . LEU A 1 101 ? -7.612  -5.783  -5.521  1.00 39.90 ? 102 LEU A CD2 1 
HETATM 835  BR BR  . BR  B 2 .   ? -6.312  8.594   -5.413  0.60 48.04 ? 201 BR  A BR  1 
HETATM 836  BR BR  . BR  C 2 .   ? -10.311 -5.105  1.090   0.70 32.80 ? 202 BR  A BR  1 
HETATM 837  BR BR  . BR  D 2 .   ? 14.692  -10.577 -9.305  0.45 52.36 ? 203 BR  A BR  1 
HETATM 838  BR BR  . BR  E 2 .   ? -2.643  5.185   13.282  0.65 33.15 ? 204 BR  A BR  1 
HETATM 839  BR BR  . BR  F 2 .   ? 4.533   10.404  6.753   0.90 47.07 ? 205 BR  A BR  1 
HETATM 840  BR BR  . BR  G 2 .   ? -14.123 7.134   10.772  0.50 53.77 ? 206 BR  A BR  1 
HETATM 841  BR BR  . BR  H 2 .   ? -13.889 10.854  7.123   0.55 41.05 ? 207 BR  A BR  1 
HETATM 842  BR BR  . BR  I 2 .   ? -11.608 13.727  10.804  0.50 42.60 ? 208 BR  A BR  1 
HETATM 843  BR BR  . BR  J 2 .   ? -8.991  17.838  -0.841  0.45 54.23 ? 209 BR  A BR  1 
HETATM 844  C  C1  . EDO K 3 .   ? 2.456   -9.229  10.085  1.00 51.98 ? 301 EDO A C1  1 
HETATM 845  O  O1  . EDO K 3 .   ? 1.359   -9.900  10.708  1.00 53.35 ? 301 EDO A O1  1 
HETATM 846  C  C2  . EDO K 3 .   ? 2.753   -9.872  8.741   1.00 51.69 ? 301 EDO A C2  1 
HETATM 847  O  O2  . EDO K 3 .   ? 1.517   -10.039 8.036   1.00 48.90 ? 301 EDO A O2  1 
HETATM 848  C  C1  . EDO L 3 .   ? 5.141   -12.299 5.493   1.00 51.98 ? 302 EDO A C1  1 
HETATM 849  O  O1  . EDO L 3 .   ? 4.254   -13.205 6.167   1.00 49.70 ? 302 EDO A O1  1 
HETATM 850  C  C2  . EDO L 3 .   ? 5.686   -12.982 4.246   1.00 52.18 ? 302 EDO A C2  1 
HETATM 851  O  O2  . EDO L 3 .   ? 4.586   -13.370 3.405   1.00 50.98 ? 302 EDO A O2  1 
HETATM 852  C  C1  . EDO M 3 .   ? 0.507   15.208  0.304   1.00 43.37 ? 303 EDO A C1  1 
HETATM 853  O  O1  . EDO M 3 .   ? 1.409   15.832  1.218   1.00 41.00 ? 303 EDO A O1  1 
HETATM 854  C  C2  . EDO M 3 .   ? 0.635   15.827  -1.076  1.00 46.09 ? 303 EDO A C2  1 
HETATM 855  O  O2  . EDO M 3 .   ? -0.206  16.982  -1.111  1.00 47.91 ? 303 EDO A O2  1 
HETATM 856  O  O   . HOH N 4 .   ? -8.929  -2.510  0.168   1.00 24.35 ? 304 HOH A O   1 
HETATM 857  O  O   . HOH N 4 .   ? -9.957  -15.213 6.608   1.00 23.32 ? 305 HOH A O   1 
HETATM 858  O  O   . HOH N 4 .   ? -11.443 13.310  14.859  1.00 38.47 ? 306 HOH A O   1 
HETATM 859  O  O   . HOH N 4 .   ? 5.315   1.170   -8.087  1.00 26.27 ? 307 HOH A O   1 
HETATM 860  O  O   . HOH N 4 .   ? 4.005   -4.782  -10.190 1.00 27.87 ? 308 HOH A O   1 
HETATM 861  O  O   . HOH N 4 .   ? -6.670  5.184   -7.014  1.00 31.86 ? 309 HOH A O   1 
HETATM 862  O  O   . HOH N 4 .   ? 2.228   -8.622  -19.446 1.00 30.66 ? 310 HOH A O   1 
HETATM 863  O  O   . HOH N 4 .   ? -4.206  -4.351  12.873  1.00 35.96 ? 311 HOH A O   1 
HETATM 864  O  O   . HOH N 4 .   ? -8.200  13.282  5.393   1.00 30.42 ? 312 HOH A O   1 
HETATM 865  O  O   . HOH N 4 .   ? -3.095  -6.550  -9.826  1.00 32.38 ? 313 HOH A O   1 
HETATM 866  O  O   . HOH N 4 .   ? 9.309   6.903   0.903   1.00 29.51 ? 314 HOH A O   1 
HETATM 867  O  O   . HOH N 4 .   ? 9.647   2.846   6.295   1.00 34.52 ? 315 HOH A O   1 
HETATM 868  O  O   . HOH N 4 .   ? -9.386  -10.354 4.674   1.00 24.91 ? 316 HOH A O   1 
HETATM 869  O  O   . HOH N 4 .   ? -10.523 14.551  6.190   1.00 31.00 ? 317 HOH A O   1 
HETATM 870  O  O   . HOH N 4 .   ? 8.574   -5.098  -5.602  1.00 25.83 ? 318 HOH A O   1 
HETATM 871  O  O   . HOH N 4 .   ? -8.120  17.424  12.513  1.00 30.00 ? 319 HOH A O   1 
HETATM 872  O  O   . HOH N 4 .   ? 8.425   3.124   -7.825  1.00 33.41 ? 320 HOH A O   1 
HETATM 873  O  O   . HOH N 4 .   ? -9.063  10.760  -1.106  1.00 51.28 ? 321 HOH A O   1 
HETATM 874  O  O   . HOH N 4 .   ? 4.774   -0.891  -11.229 1.00 35.31 ? 322 HOH A O   1 
HETATM 875  O  O   . HOH N 4 .   ? -6.076  0.653   -10.112 1.00 28.17 ? 323 HOH A O   1 
HETATM 876  O  O   . HOH N 4 .   ? 11.865  -1.587  -6.245  1.00 26.20 ? 324 HOH A O   1 
HETATM 877  O  O   . HOH N 4 .   ? 2.635   12.780  2.422   1.00 24.56 ? 325 HOH A O   1 
HETATM 878  O  O   . HOH N 4 .   ? -8.713  -2.232  15.040  1.00 43.86 ? 326 HOH A O   1 
HETATM 879  O  O   . HOH N 4 .   ? 11.223  -4.412  -6.521  1.00 37.36 ? 327 HOH A O   1 
HETATM 880  O  O   . HOH N 4 .   ? 8.165   -10.185 2.302   1.00 34.82 ? 328 HOH A O   1 
HETATM 881  O  O   . HOH N 4 .   ? 4.936   -3.359  -18.498 1.00 33.96 ? 329 HOH A O   1 
HETATM 882  O  O   . HOH N 4 .   ? 9.434   4.177   1.427   1.00 33.06 ? 330 HOH A O   1 
HETATM 883  O  O   . HOH N 4 .   ? 5.113   5.223   12.099  1.00 35.67 ? 331 HOH A O   1 
HETATM 884  O  O   . HOH N 4 .   ? -4.847  3.025   14.674  1.00 42.07 ? 332 HOH A O   1 
HETATM 885  O  O   . HOH N 4 .   ? 10.560  1.060   -1.812  1.00 34.06 ? 333 HOH A O   1 
HETATM 886  O  O   . HOH N 4 .   ? 7.724   2.820   0.176   1.00 32.32 ? 334 HOH A O   1 
HETATM 887  O  O   . HOH N 4 .   ? -5.706  10.797  14.255  1.00 35.16 ? 335 HOH A O   1 
HETATM 888  O  O   . HOH N 4 .   ? -12.911 -1.428  -0.736  1.00 35.02 ? 336 HOH A O   1 
HETATM 889  O  O   . HOH N 4 .   ? -6.008  -7.734  14.733  1.00 37.95 ? 337 HOH A O   1 
HETATM 890  O  O   . HOH N 4 .   ? -6.356  -9.676  -2.281  1.00 29.08 ? 338 HOH A O   1 
HETATM 891  O  O   . HOH N 4 .   ? -5.416  -5.295  -10.950 1.00 41.21 ? 339 HOH A O   1 
HETATM 892  O  O   . HOH N 4 .   ? -1.196  -15.700 -0.536  1.00 49.52 ? 340 HOH A O   1 
HETATM 893  O  O   . HOH N 4 .   ? 3.154   -10.134 -16.006 1.00 33.87 ? 341 HOH A O   1 
HETATM 894  O  O   . HOH N 4 .   ? 6.134   -11.017 -15.603 1.00 48.20 ? 342 HOH A O   1 
HETATM 895  O  O   . HOH N 4 .   ? -15.307 1.836   7.598   1.00 35.46 ? 343 HOH A O   1 
HETATM 896  O  O   . HOH N 4 .   ? -4.232  -6.482  -14.503 1.00 36.87 ? 344 HOH A O   1 
HETATM 897  O  O   . HOH N 4 .   ? -2.189  8.143   12.502  1.00 40.27 ? 345 HOH A O   1 
HETATM 898  O  O   . HOH N 4 .   ? -15.626 7.954   0.990   1.00 41.22 ? 346 HOH A O   1 
HETATM 899  O  O   . HOH N 4 .   ? 4.659   -8.832  -13.200 1.00 41.89 ? 347 HOH A O   1 
HETATM 900  O  O   . HOH N 4 .   ? 13.565  -16.016 -11.896 1.00 44.85 ? 348 HOH A O   1 
HETATM 901  O  O   . HOH N 4 .   ? 7.189   13.928  4.727   1.00 41.74 ? 349 HOH A O   1 
HETATM 902  O  O   . HOH N 4 .   ? -7.820  -13.653 -0.715  1.00 29.69 ? 350 HOH A O   1 
HETATM 903  O  O   . HOH N 4 .   ? 1.933   -10.925 5.176   1.00 37.35 ? 351 HOH A O   1 
HETATM 904  O  O   . HOH N 4 .   ? -8.562  -9.101  -3.577  1.00 47.67 ? 352 HOH A O   1 
HETATM 905  O  O   . HOH N 4 .   ? -1.412  10.133  -8.074  1.00 49.96 ? 353 HOH A O   1 
HETATM 906  O  O   . HOH N 4 .   ? -4.617  5.729   -8.621  1.00 49.19 ? 354 HOH A O   1 
HETATM 907  O  O   . HOH N 4 .   ? 11.448  12.709  -1.912  1.00 49.03 ? 355 HOH A O   1 
HETATM 908  O  O   . HOH N 4 .   ? 11.739  -6.537  -3.294  1.00 38.71 ? 356 HOH A O   1 
HETATM 909  O  O   . HOH N 4 .   ? 7.594   5.389   10.736  1.00 48.92 ? 357 HOH A O   1 
HETATM 910  O  O   . HOH N 4 .   ? -2.144  8.420   9.873   1.00 33.55 ? 358 HOH A O   1 
HETATM 911  O  O   . HOH N 4 .   ? 9.802   4.917   -6.000  1.00 38.81 ? 359 HOH A O   1 
HETATM 912  O  O   . HOH N 4 .   ? -4.893  -13.114 11.598  1.00 48.78 ? 360 HOH A O   1 
HETATM 913  O  O   . HOH N 4 .   ? 4.481   13.794  0.768   1.00 37.28 ? 361 HOH A O   1 
HETATM 914  O  O   . HOH N 4 .   ? 12.137  6.398   -6.322  1.00 39.83 ? 362 HOH A O   1 
HETATM 915  O  O   . HOH N 4 .   ? -1.356  -11.372 11.065  1.00 36.68 ? 363 HOH A O   1 
HETATM 916  O  O   . HOH N 4 .   ? -10.763 -5.652  -2.245  1.00 43.99 ? 364 HOH A O   1 
HETATM 917  O  O   . HOH N 4 .   ? -5.384  17.201  12.636  1.00 39.91 ? 365 HOH A O   1 
HETATM 918  O  O   . HOH N 4 .   ? -11.398 -8.058  -3.158  1.00 52.54 ? 366 HOH A O   1 
HETATM 919  O  O   . HOH N 4 .   ? -8.578  9.795   -3.378  1.00 58.16 ? 367 HOH A O   1 
HETATM 920  O  O   . HOH N 4 .   ? 15.784  -0.834  -3.678  1.00 41.87 ? 368 HOH A O   1 
HETATM 921  O  O   . HOH N 4 .   ? 9.716   4.680   4.324   1.00 38.23 ? 369 HOH A O   1 
HETATM 922  O  O   . HOH N 4 .   ? -4.803  -15.797 6.082   1.00 44.26 ? 370 HOH A O   1 
HETATM 923  O  O   . HOH N 4 .   ? -15.648 2.198   -0.148  1.00 38.68 ? 371 HOH A O   1 
HETATM 924  O  O   . HOH N 4 .   ? -13.055 7.356   14.135  1.00 62.29 ? 372 HOH A O   1 
HETATM 925  O  O   . HOH N 4 .   ? 10.088  2.004   -4.855  1.00 33.87 ? 373 HOH A O   1 
HETATM 926  O  O   . HOH N 4 .   ? 6.326   9.535   10.472  1.00 40.58 ? 374 HOH A O   1 
HETATM 927  O  O   . HOH N 4 .   ? 7.253   -1.773  -18.137 1.00 37.41 ? 375 HOH A O   1 
HETATM 928  O  O   . HOH N 4 .   ? -1.432  -10.256 13.814  1.00 46.20 ? 376 HOH A O   1 
HETATM 929  O  O   . HOH N 4 .   ? -12.986 6.183   -3.512  1.00 38.50 ? 377 HOH A O   1 
HETATM 930  O  O   . HOH N 4 .   ? 7.039   12.685  -2.534  1.00 35.32 ? 378 HOH A O   1 
HETATM 931  O  O   . HOH N 4 .   ? -12.292 13.451  7.841   1.00 42.98 ? 379 HOH A O   1 
HETATM 932  O  O   . HOH N 4 .   ? 4.747   7.915   12.601  1.00 40.62 ? 380 HOH A O   1 
HETATM 933  O  O   . HOH N 4 .   ? 13.389  5.329   -4.599  1.00 41.79 ? 381 HOH A O   1 
HETATM 934  O  O   . HOH N 4 .   ? 4.934   -5.843  -8.538  1.00 32.99 ? 382 HOH A O   1 
HETATM 935  O  O   . HOH N 4 .   ? 12.735  -8.123  -20.847 1.00 46.70 ? 383 HOH A O   1 
HETATM 936  O  O   . HOH N 4 .   ? 10.804  -3.851  -21.120 1.00 41.65 ? 384 HOH A O   1 
HETATM 937  O  O   . HOH N 4 .   ? -0.355  2.344   15.530  1.00 49.39 ? 385 HOH A O   1 
HETATM 938  O  O   . HOH N 4 .   ? -6.931  17.533  -4.924  1.00 65.49 ? 386 HOH A O   1 
HETATM 939  O  O   . HOH N 4 .   ? 4.740   -11.681 1.446   1.00 44.77 ? 387 HOH A O   1 
HETATM 940  O  O   . HOH N 4 .   ? 3.977   -13.546 -9.175  1.00 57.95 ? 388 HOH A O   1 
HETATM 941  O  O   . HOH N 4 .   ? -2.575  -4.613  -13.455 1.00 48.98 ? 389 HOH A O   1 
HETATM 942  O  O   . HOH N 4 .   ? 9.515   -6.367  0.180   1.00 47.99 ? 390 HOH A O   1 
HETATM 943  O  O   . HOH N 4 .   ? 11.168  -3.309  1.560   1.00 47.96 ? 391 HOH A O   1 
HETATM 944  O  O   . HOH N 4 .   ? -12.218 16.502  12.355  1.00 36.41 ? 392 HOH A O   1 
HETATM 945  O  O   . HOH N 4 .   ? 4.006   16.498  1.554   1.00 58.33 ? 393 HOH A O   1 
HETATM 946  O  O   . HOH N 4 .   ? 0.786   -12.832 1.927   1.00 45.20 ? 394 HOH A O   1 
HETATM 947  O  O   . HOH N 4 .   ? -7.565  12.335  -5.399  1.00 53.08 ? 395 HOH A O   1 
HETATM 948  O  O   . HOH N 4 .   ? 6.991   -11.698 -2.629  1.00 46.49 ? 396 HOH A O   1 
HETATM 949  O  O   . HOH N 4 .   ? -16.833 9.342   4.134   1.00 46.71 ? 397 HOH A O   1 
HETATM 950  O  O   . HOH N 4 .   ? 8.323   -11.099 -8.872  1.00 53.46 ? 398 HOH A O   1 
HETATM 951  O  O   . HOH N 4 .   ? 6.004   -1.311  13.589  1.00 54.73 ? 399 HOH A O   1 
HETATM 952  O  O   . HOH N 4 .   ? -13.213 -6.947  -5.442  1.00 69.68 ? 400 HOH A O   1 
HETATM 953  O  O   . HOH N 4 .   ? 2.285   -9.706  -12.874 1.00 48.14 ? 401 HOH A O   1 
HETATM 954  O  O   . HOH N 4 .   ? 11.124  -13.688 -24.205 1.00 65.07 ? 402 HOH A O   1 
HETATM 955  O  O   . HOH N 4 .   ? -14.913 4.112   10.903  1.00 46.61 ? 403 HOH A O   1 
HETATM 956  O  O   . HOH N 4 .   ? 9.153   4.756   8.662   1.00 61.27 ? 404 HOH A O   1 
HETATM 957  O  O   . HOH N 4 .   ? 11.175  1.190   2.276   1.00 65.65 ? 405 HOH A O   1 
HETATM 958  O  O   . HOH N 4 .   ? 7.613   -12.849 -12.279 1.00 51.76 ? 406 HOH A O   1 
HETATM 959  O  O   . HOH N 4 .   ? 2.718   -11.504 -1.528  1.00 44.46 ? 407 HOH A O   1 
HETATM 960  O  O   . HOH N 4 .   ? 1.227   -15.552 5.373   1.00 50.53 ? 408 HOH A O   1 
HETATM 961  O  O   . HOH N 4 .   ? 9.436   -14.341 -14.654 1.00 59.05 ? 409 HOH A O   1 
HETATM 962  O  O   . HOH N 4 .   ? 1.231   -13.253 7.497   1.00 50.22 ? 410 HOH A O   1 
HETATM 963  O  O   . HOH N 4 .   ? 3.225   -5.785  12.337  1.00 48.65 ? 411 HOH A O   1 
HETATM 964  O  O   . HOH N 4 .   ? -7.893  -14.402 9.580   1.00 39.37 ? 412 HOH A O   1 
HETATM 965  O  O   . HOH N 4 .   ? 10.391  -9.067  9.447   1.00 53.80 ? 413 HOH A O   1 
HETATM 966  O  O   . HOH N 4 .   ? 4.970   -7.093  10.914  1.00 52.92 ? 414 HOH A O   1 
HETATM 967  O  O   . HOH N 4 .   ? -12.626 11.706  -1.179  1.00 50.79 ? 415 HOH A O   1 
HETATM 968  O  O   . HOH N 4 .   ? 7.753   -6.477  11.953  1.00 56.53 ? 416 HOH A O   1 
HETATM 969  O  O   . HOH N 4 .   ? 9.142   -3.944  12.775  1.00 74.04 ? 417 HOH A O   1 
HETATM 970  O  O   . HOH N 4 .   ? 15.010  2.004   -1.281  1.00 60.23 ? 418 HOH A O   1 
HETATM 971  O  O   . HOH N 4 .   ? 11.847  8.085   0.603   1.00 58.68 ? 419 HOH A O   1 
HETATM 972  O  O   . HOH N 4 .   ? -2.621  2.152   17.076  1.00 68.33 ? 420 HOH A O   1 
HETATM 973  O  O   . HOH N 4 .   ? 9.937   0.250   10.494  1.00 51.72 ? 421 HOH A O   1 
HETATM 974  O  O   . HOH N 4 .   ? -7.545  -7.144  -15.039 1.00 56.08 ? 422 HOH A O   1 
HETATM 975  O  O   . HOH N 4 .   ? -14.086 8.332   -2.993  1.00 53.57 ? 423 HOH A O   1 
HETATM 976  O  O   . HOH N 4 .   ? -10.215 -11.023 -9.901  1.00 49.94 ? 424 HOH A O   1 
HETATM 977  O  O   . HOH N 4 .   ? -3.746  13.184  15.715  1.00 38.50 ? 425 HOH A O   1 
HETATM 978  O  O   . HOH N 4 .   ? -3.975  12.510  -7.652  1.00 52.47 ? 426 HOH A O   1 
HETATM 979  O  O   . HOH N 4 .   ? -10.271 7.869   -4.111  1.00 56.46 ? 427 HOH A O   1 
HETATM 980  O  O   . HOH N 4 .   ? 5.112   -4.021  14.729  1.00 66.42 ? 428 HOH A O   1 
HETATM 981  O  O   . HOH N 4 .   ? -4.506  0.174   17.505  1.00 64.85 ? 429 HOH A O   1 
HETATM 982  O  O   . HOH N 4 .   ? 9.406   3.316   11.876  1.00 62.97 ? 430 HOH A O   1 
HETATM 983  O  O   . HOH N 4 .   ? 16.296  2.298   -3.909  1.00 53.24 ? 431 HOH A O   1 
HETATM 984  O  O   . HOH N 4 .   ? -2.415  -7.030  -8.114  1.00 42.10 ? 432 HOH A O   1 
HETATM 985  O  O   . HOH N 4 .   ? 12.392  9.019   -4.160  1.00 59.73 ? 433 HOH A O   1 
HETATM 986  O  O   . HOH N 4 .   ? 8.335   11.811  6.377   1.00 50.44 ? 434 HOH A O   1 
HETATM 987  O  O   . HOH N 4 .   ? -13.331 -1.456  -4.097  1.00 41.28 ? 435 HOH A O   1 
HETATM 988  O  O   . HOH N 4 .   ? -15.346 -0.104  -1.278  1.00 41.39 ? 436 HOH A O   1 
HETATM 989  O  O   . HOH N 4 .   ? -15.775 0.334   3.071   1.00 50.86 ? 437 HOH A O   1 
HETATM 990  O  O   . HOH N 4 .   ? -15.408 2.236   4.934   1.00 45.67 ? 438 HOH A O   1 
HETATM 991  O  O   . HOH N 4 .   ? -14.662 -1.972  2.460   1.00 58.01 ? 439 HOH A O   1 
HETATM 992  O  O   . HOH N 4 .   ? -15.208 14.993  6.152   1.00 54.72 ? 440 HOH A O   1 
HETATM 993  O  O   . HOH N 4 .   ? -14.757 10.039  9.940   1.00 54.29 ? 441 HOH A O   1 
HETATM 994  O  O   . HOH N 4 .   ? -12.657 10.406  15.377  1.00 69.60 ? 442 HOH A O   1 
HETATM 995  O  O   . HOH N 4 .   ? -7.109  3.264   16.084  1.00 61.68 ? 443 HOH A O   1 
HETATM 996  O  O   . HOH N 4 .   ? 5.382   3.146   14.171  1.00 45.83 ? 444 HOH A O   1 
HETATM 997  O  O   . HOH N 4 .   ? 3.148   2.057   13.926  1.00 49.27 ? 445 HOH A O   1 
HETATM 998  O  O   . HOH N 4 .   ? 11.029  -4.012  3.914   1.00 46.86 ? 446 HOH A O   1 
HETATM 999  O  O   . HOH N 4 .   ? 2.070   7.521   -5.072  1.00 62.14 ? 447 HOH A O   1 
HETATM 1000 O  O   . HOH N 4 .   ? -1.539  -2.465  -14.177 0.50 42.23 ? 448 HOH A O   1 
HETATM 1001 O  O   . HOH N 4 .   ? 7.015   -12.290 -6.862  1.00 64.33 ? 449 HOH A O   1 
HETATM 1002 O  O   . HOH N 4 .   ? -12.824 11.325  12.368  1.00 55.82 ? 450 HOH A O   1 
HETATM 1003 O  O   . HOH N 4 .   ? 12.279  9.880   -1.592  1.00 71.22 ? 451 HOH A O   1 
HETATM 1004 O  O   . HOH N 4 .   ? 1.744   -12.070 -9.022  1.00 61.90 ? 452 HOH A O   1 
HETATM 1005 O  O   . HOH N 4 .   ? 6.406   8.858   -5.032  1.00 48.15 ? 453 HOH A O   1 
HETATM 1006 O  O   . HOH N 4 .   ? 13.758  6.920   -2.543  1.00 58.61 ? 454 HOH A O   1 
HETATM 1007 O  O   . HOH N 4 .   ? 5.466   -12.421 -17.805 1.00 51.09 ? 455 HOH A O   1 
HETATM 1008 O  O   . HOH N 4 .   ? 14.882  -14.521 -21.456 1.00 54.30 ? 456 HOH A O   1 
HETATM 1009 O  O   . HOH N 4 .   ? 7.183   11.381  -5.051  1.00 52.51 ? 457 HOH A O   1 
HETATM 1010 O  O   . HOH N 4 .   ? 12.616  2.298   -4.203  1.00 46.68 ? 458 HOH A O   1 
HETATM 1011 O  O   . HOH N 4 .   ? 4.189   -1.974  -20.675 1.00 45.85 ? 459 HOH A O   1 
HETATM 1012 O  O   . HOH N 4 .   ? 4.971   -0.293  -16.255 0.50 41.04 ? 460 HOH A O   1 
HETATM 1013 O  O   . HOH N 4 .   ? 7.240   0.984   -14.831 1.00 49.25 ? 461 HOH A O   1 
HETATM 1014 O  O   . HOH N 4 .   ? -9.662  3.534   -7.182  1.00 63.87 ? 462 HOH A O   1 
HETATM 1015 O  O   . HOH N 4 .   ? -1.225  16.358  -8.425  1.00 69.94 ? 463 HOH A O   1 
HETATM 1016 O  O   . HOH N 4 .   ? 0.602   8.015   15.266  1.00 53.15 ? 464 HOH A O   1 
HETATM 1017 O  O   . HOH N 4 .   ? -2.234  -7.691  -11.966 1.00 55.10 ? 465 HOH A O   1 
HETATM 1018 O  O   . HOH N 4 .   ? -12.243 -7.324  0.837   1.00 52.04 ? 466 HOH A O   1 
HETATM 1019 O  O   . HOH N 4 .   ? 5.602   -6.424  8.281   1.00 49.63 ? 467 HOH A O   1 
HETATM 1020 O  O   . HOH N 4 .   ? 2.092   8.335   17.889  1.00 59.93 ? 468 HOH A O   1 
HETATM 1021 O  O   . HOH N 4 .   ? 13.144  -10.586 -6.049  1.00 73.61 ? 469 HOH A O   1 
HETATM 1022 O  O   . HOH N 4 .   ? 2.061   3.976   16.594  1.00 61.67 ? 470 HOH A O   1 
HETATM 1023 O  O   . HOH N 4 .   ? 11.319  -16.259 -12.943 1.00 65.91 ? 471 HOH A O   1 
HETATM 1024 O  O   . HOH N 4 .   ? 16.455  -11.427 -8.279  1.00 43.88 ? 472 HOH A O   1 
HETATM 1025 O  O   . HOH N 4 .   ? 10.595  -16.809 -15.752 1.00 51.38 ? 473 HOH A O   1 
HETATM 1026 O  O   . HOH N 4 .   ? -17.759 3.041   7.830   1.00 52.70 ? 474 HOH A O   1 
HETATM 1027 O  O   . HOH N 4 .   ? 0.439   -8.925  -11.771 1.00 55.69 ? 475 HOH A O   1 
# 
